data_7URI
# 
_entry.id   7URI 
# 
_audit_conform.dict_name       mmcif_pdbx.dic 
_audit_conform.dict_version    5.393 
_audit_conform.dict_location   http://mmcif.pdb.org/dictionaries/ascii/mmcif_pdbx.dic 
# 
loop_
_database_2.database_id 
_database_2.database_code 
_database_2.pdbx_database_accession 
_database_2.pdbx_DOI 
PDB   7URI         pdb_00007uri 10.2210/pdb7uri/pdb 
WWPDB D_1000264718 ?            ?                   
EMDB  EMD-26713    ?            ?                   
# 
loop_
_pdbx_audit_revision_history.ordinal 
_pdbx_audit_revision_history.data_content_type 
_pdbx_audit_revision_history.major_revision 
_pdbx_audit_revision_history.minor_revision 
_pdbx_audit_revision_history.revision_date 
1 'Structure model' 1 0 2022-08-10 
2 'Structure model' 1 1 2022-10-26 
3 'Structure model' 1 2 2024-06-12 
# 
_pdbx_audit_revision_details.ordinal             1 
_pdbx_audit_revision_details.revision_ordinal    1 
_pdbx_audit_revision_details.data_content_type   'Structure model' 
_pdbx_audit_revision_details.provider            repository 
_pdbx_audit_revision_details.type                'Initial release' 
_pdbx_audit_revision_details.description         ? 
_pdbx_audit_revision_details.details             ? 
# 
loop_
_pdbx_audit_revision_group.ordinal 
_pdbx_audit_revision_group.revision_ordinal 
_pdbx_audit_revision_group.data_content_type 
_pdbx_audit_revision_group.group 
1 2 'Structure model' 'Database references' 
2 3 'Structure model' 'Data collection'     
# 
loop_
_pdbx_audit_revision_category.ordinal 
_pdbx_audit_revision_category.revision_ordinal 
_pdbx_audit_revision_category.data_content_type 
_pdbx_audit_revision_category.category 
1 2 'Structure model' citation        
2 2 'Structure model' citation_author 
3 3 'Structure model' chem_comp_atom  
4 3 'Structure model' chem_comp_bond  
# 
loop_
_pdbx_audit_revision_item.ordinal 
_pdbx_audit_revision_item.revision_ordinal 
_pdbx_audit_revision_item.data_content_type 
_pdbx_audit_revision_item.item 
1 2 'Structure model' '_citation.journal_volume'          
2 2 'Structure model' '_citation.page_first'              
3 2 'Structure model' '_citation.page_last'               
4 2 'Structure model' '_citation_author.identifier_ORCID' 
# 
_pdbx_database_status.status_code                     REL 
_pdbx_database_status.status_code_sf                  ? 
_pdbx_database_status.status_code_mr                  ? 
_pdbx_database_status.entry_id                        7URI 
_pdbx_database_status.recvd_initial_deposition_date   2022-04-22 
_pdbx_database_status.SG_entry                        N 
_pdbx_database_status.deposit_site                    RCSB 
_pdbx_database_status.process_site                    RCSB 
_pdbx_database_status.status_code_cs                  ? 
_pdbx_database_status.status_code_nmr_data            ? 
_pdbx_database_status.methods_development_category    ? 
_pdbx_database_status.pdb_format_compatible           Y 
# 
_pdbx_database_related.db_name        EMDB 
_pdbx_database_related.details        'allo-tRNAUTu1A in the A site of the E. coli ribosome' 
_pdbx_database_related.db_id          EMD-26713 
_pdbx_database_related.content_type   'associated EM volume' 
# 
loop_
_pdbx_contact_author.id 
_pdbx_contact_author.email 
_pdbx_contact_author.name_first 
_pdbx_contact_author.name_last 
_pdbx_contact_author.name_mi 
_pdbx_contact_author.role 
_pdbx_contact_author.identifier_ORCID 
2 dieter.soll@yale.edu Dieter Soll    ? 'principal investigator/group leader' 0000-0002-3077-8986 
3 puglisi@stanford.edu Joseph Puglisi ? 'principal investigator/group leader' 0000-0001-9268-5112 
# 
loop_
_audit_author.name 
_audit_author.pdbx_ordinal 
_audit_author.identifier_ORCID 
'Zhang, J.'            1  ?                   
'Prabhakar, A.'        2  ?                   
'Krahn, N.'            3  0000-0003-0696-433X 
'Vargas-Rodriguez, O.' 4  0000-0002-2301-2800 
'Krupkin, M.'          5  0000-0002-5917-0894 
'Fu, Z.'               6  ?                   
'Acosta-Reyes, F.J.'   7  0000-0001-8524-1484 
'Ge, X.'               8  ?                   
'Choi, J.'             9  ?                   
'Crnkovic, A.'         10 0000-0002-0581-1887 
'Ehrenberg, M.'        11 ?                   
'Viani Puglisi, E.'    12 0000-0002-4795-5299 
'Soll, D.'             13 0000-0002-3077-8986 
'Puglisi, J.'          14 0000-0001-9268-5112 
# 
_citation.abstract                  ? 
_citation.abstract_id_CAS           ? 
_citation.book_id_ISBN              ? 
_citation.book_publisher            ? 
_citation.book_publisher_city       ? 
_citation.book_title                ? 
_citation.coordinate_linkage        ? 
_citation.country                   UK 
_citation.database_id_Medline       ? 
_citation.details                   ? 
_citation.id                        primary 
_citation.journal_abbrev            'Nucleic Acids Res.' 
_citation.journal_id_ASTM           NARHAD 
_citation.journal_id_CSD            0389 
_citation.journal_id_ISSN           1362-4962 
_citation.journal_full              ? 
_citation.journal_issue             ? 
_citation.journal_volume            50 
_citation.language                  ? 
_citation.page_first                10201 
_citation.page_last                 10211 
_citation.title                     'Uncovering translation roadblocks during the development of a synthetic tRNA.' 
_citation.year                      2022 
_citation.database_id_CSD           ? 
_citation.pdbx_database_id_DOI      10.1093/nar/gkac576 
_citation.pdbx_database_id_PubMed   35882385 
_citation.pdbx_database_id_patent   ? 
_citation.unpublished_flag          ? 
# 
loop_
_citation_author.citation_id 
_citation_author.name 
_citation_author.ordinal 
_citation_author.identifier_ORCID 
primary 'Prabhakar, A.'        1  ? 
primary 'Krahn, N.'            2  ? 
primary 'Zhang, J.'            3  ? 
primary 'Vargas-Rodriguez, O.' 4  ? 
primary 'Krupkin, M.'          5  ? 
primary 'Fu, Z.'               6  ? 
primary 'Acosta-Reyes, F.J.'   7  ? 
primary 'Ge, X.'               8  ? 
primary 'Choi, J.'             9  ? 
primary 'Crnkovic, A.'         10 ? 
primary 'Ehrenberg, M.'        11 ? 
primary 'Puglisi, E.V.'        12 ? 
primary 'Soll, D.'             13 ? 
primary 'Puglisi, J.'          14 ? 
# 
_entity.id                         1 
_entity.type                       polymer 
_entity.src_method                 syn 
_entity.pdbx_description           Allo-tRNAUTu1A 
_entity.formula_weight             28782.008 
_entity.pdbx_number_of_molecules   1 
_entity.pdbx_ec                    ? 
_entity.pdbx_mutation              ? 
_entity.pdbx_fragment              ? 
_entity.details                    ? 
# 
_entity_poly.entity_id                      1 
_entity_poly.type                           polyribonucleotide 
_entity_poly.nstd_linkage                   no 
_entity_poly.nstd_monomer                   no 
_entity_poly.pdbx_seq_one_letter_code       
;GGAGGGGAAAUUCUAUCUGGUGAUAGACGGGAACUCUAAAUUCCUUGAAAUGCCUCGCCGCAUUGGGUUCGAUUCCCUUC
CCCUCCGCCA
;
_entity_poly.pdbx_seq_one_letter_code_can   
;GGAGGGGAAAUUCUAUCUGGUGAUAGACGGGAACUCUAAAUUCCUUGAAAUGCCUCGCCGCAUUGGGUUCGAUUCCCUUC
CCCUCCGCCA
;
_entity_poly.pdbx_strand_id                 y 
_entity_poly.pdbx_target_identifier         ? 
# 
loop_
_entity_poly_seq.entity_id 
_entity_poly_seq.num 
_entity_poly_seq.mon_id 
_entity_poly_seq.hetero 
1 1  G n 
1 2  G n 
1 3  A n 
1 4  G n 
1 5  G n 
1 6  G n 
1 7  G n 
1 8  A n 
1 9  A n 
1 10 A n 
1 11 U n 
1 12 U n 
1 13 C n 
1 14 U n 
1 15 A n 
1 16 U n 
1 17 C n 
1 18 U n 
1 19 G n 
1 20 G n 
1 21 U n 
1 22 G n 
1 23 A n 
1 24 U n 
1 25 A n 
1 26 G n 
1 27 A n 
1 28 C n 
1 29 G n 
1 30 G n 
1 31 G n 
1 32 A n 
1 33 A n 
1 34 C n 
1 35 U n 
1 36 C n 
1 37 U n 
1 38 A n 
1 39 A n 
1 40 A n 
1 41 U n 
1 42 U n 
1 43 C n 
1 44 C n 
1 45 U n 
1 46 U n 
1 47 G n 
1 48 A n 
1 49 A n 
1 50 A n 
1 51 U n 
1 52 G n 
1 53 C n 
1 54 C n 
1 55 U n 
1 56 C n 
1 57 G n 
1 58 C n 
1 59 C n 
1 60 G n 
1 61 C n 
1 62 A n 
1 63 U n 
1 64 U n 
1 65 G n 
1 66 G n 
1 67 G n 
1 68 U n 
1 69 U n 
1 70 C n 
1 71 G n 
1 72 A n 
1 73 U n 
1 74 U n 
1 75 C n 
1 76 C n 
1 77 C n 
1 78 U n 
1 79 U n 
1 80 C n 
1 81 C n 
1 82 C n 
1 83 C n 
1 84 U n 
1 85 C n 
1 86 C n 
1 87 G n 
1 88 C n 
1 89 C n 
1 90 A n 
# 
_pdbx_entity_src_syn.entity_id              1 
_pdbx_entity_src_syn.pdbx_src_id            1 
_pdbx_entity_src_syn.pdbx_alt_source_flag   sample 
_pdbx_entity_src_syn.pdbx_beg_seq_num       1 
_pdbx_entity_src_syn.pdbx_end_seq_num       90 
_pdbx_entity_src_syn.organism_scientific    metagenome 
_pdbx_entity_src_syn.organism_common_name   ? 
_pdbx_entity_src_syn.ncbi_taxonomy_id       256318 
_pdbx_entity_src_syn.details                
;Oil polluted marine microbial communities from Coal Oil Point, Santa Barbara, California, USA - Santa Barbara Oil Seep Sample 6 (Crude oil metagenome 6, ASSEMBLY_DATE=20131204)
;
# 
loop_
_chem_comp.id 
_chem_comp.type 
_chem_comp.mon_nstd_flag 
_chem_comp.name 
_chem_comp.pdbx_synonyms 
_chem_comp.formula 
_chem_comp.formula_weight 
A 'RNA linking' y "ADENOSINE-5'-MONOPHOSPHATE" ? 'C10 H14 N5 O7 P' 347.221 
C 'RNA linking' y "CYTIDINE-5'-MONOPHOSPHATE"  ? 'C9 H14 N3 O8 P'  323.197 
G 'RNA linking' y "GUANOSINE-5'-MONOPHOSPHATE" ? 'C10 H14 N5 O8 P' 363.221 
U 'RNA linking' y "URIDINE-5'-MONOPHOSPHATE"   ? 'C9 H13 N2 O9 P'  324.181 
# 
loop_
_pdbx_poly_seq_scheme.asym_id 
_pdbx_poly_seq_scheme.entity_id 
_pdbx_poly_seq_scheme.seq_id 
_pdbx_poly_seq_scheme.mon_id 
_pdbx_poly_seq_scheme.ndb_seq_num 
_pdbx_poly_seq_scheme.pdb_seq_num 
_pdbx_poly_seq_scheme.auth_seq_num 
_pdbx_poly_seq_scheme.pdb_mon_id 
_pdbx_poly_seq_scheme.auth_mon_id 
_pdbx_poly_seq_scheme.pdb_strand_id 
_pdbx_poly_seq_scheme.pdb_ins_code 
_pdbx_poly_seq_scheme.hetero 
A 1 1  G 1  1  1  G G y . n 
A 1 2  G 2  2  2  G G y . n 
A 1 3  A 3  3  3  A A y . n 
A 1 4  G 4  4  4  G G y . n 
A 1 5  G 5  5  5  G G y . n 
A 1 6  G 6  5  5  G G y A n 
A 1 7  G 7  5  5  G G y B n 
A 1 8  A 8  6  6  A A y . n 
A 1 9  A 9  7  7  A A y . n 
A 1 10 A 10 8  8  A A y . n 
A 1 11 U 11 9  9  U U y . n 
A 1 12 U 12 10 10 U U y . n 
A 1 13 C 13 11 11 C C y . n 
A 1 14 U 14 12 12 U U y . n 
A 1 15 A 15 13 13 A A y . n 
A 1 16 U 16 14 14 U U y . n 
A 1 17 C 17 15 15 C C y . n 
A 1 18 U 18 16 16 U U y . n 
A 1 19 G 19 18 18 G G y . n 
A 1 20 G 20 19 19 G G y . n 
A 1 21 U 21 20 20 U U y . n 
A 1 22 G 22 20 20 G G y A n 
A 1 23 A 23 21 21 A A y . n 
A 1 24 U 24 22 22 U U y . n 
A 1 25 A 25 23 23 A A y . n 
A 1 26 G 26 24 24 G G y . n 
A 1 27 A 27 25 25 A A y . n 
A 1 28 C 28 26 26 C C y . n 
A 1 29 G 29 27 27 G G y . n 
A 1 30 G 30 28 28 G G y . n 
A 1 31 G 31 29 29 G G y . n 
A 1 32 A 32 30 30 A A y . n 
A 1 33 A 33 31 31 A A y . n 
A 1 34 C 34 32 32 C C y . n 
A 1 35 U 35 33 33 U U y . n 
A 1 36 C 36 34 34 C C y . n 
A 1 37 U 37 35 35 U U y . n 
A 1 38 A 38 36 36 A A y . n 
A 1 39 A 39 37 37 A A y . n 
A 1 40 A 40 38 38 A A y . n 
A 1 41 U 41 39 39 U U y . n 
A 1 42 U 42 40 40 U U y . n 
A 1 43 C 43 41 41 C C y . n 
A 1 44 C 44 42 42 C C y . n 
A 1 45 U 45 42 42 U U y A n 
A 1 46 U 46 43 43 U U y . n 
A 1 47 G 47 44 44 G G y . n 
A 1 48 A 48 45 45 A A y . n 
A 1 49 A 49 46 46 A A y . n 
A 1 50 A 50 47 47 A A y . n 
A 1 51 U 51 47 47 U U y A n 
A 1 52 G 52 47 47 G G y B n 
A 1 53 C 53 47 47 C C y C n 
A 1 54 C 54 47 47 C C y D n 
A 1 55 U 55 47 47 U U y E n 
A 1 56 C 56 47 47 C C y F n 
A 1 57 G 57 47 47 G G y G n 
A 1 58 C 58 47 47 C C y H n 
A 1 59 C 59 47 47 C C y I n 
A 1 60 G 60 47 47 G G y J n 
A 1 61 C 61 47 47 C C y K n 
A 1 62 A 62 47 47 A A y L n 
A 1 63 U 63 47 47 U U y M n 
A 1 64 U 64 48 48 U U y . n 
A 1 65 G 65 51 51 G G y . n 
A 1 66 G 66 52 52 G G y . n 
A 1 67 G 67 53 53 G G y . n 
A 1 68 U 68 54 54 U U y . n 
A 1 69 U 69 55 55 U U y . n 
A 1 70 C 70 56 56 C C y . n 
A 1 71 G 71 57 57 G G y . n 
A 1 72 A 72 58 58 A A y . n 
A 1 73 U 73 59 59 U U y . n 
A 1 74 U 74 60 60 U U y . n 
A 1 75 C 75 61 61 C C y . n 
A 1 76 C 76 62 62 C C y . n 
A 1 77 C 77 63 63 C C y . n 
A 1 78 U 78 66 66 U U y . n 
A 1 79 U 79 67 67 U U y . n 
A 1 80 C 80 67 67 C C y A n 
A 1 81 C 81 67 67 C C y B n 
A 1 82 C 82 68 68 C C y . n 
A 1 83 C 83 69 69 C C y . n 
A 1 84 U 84 70 70 U U y . n 
A 1 85 C 85 71 71 C C y . n 
A 1 86 C 86 72 72 C C y . n 
A 1 87 G 87 73 73 G G y . n 
A 1 88 C 88 74 74 C C y . n 
A 1 89 C 89 75 75 C C y . n 
A 1 90 A 90 76 76 A A y . n 
# 
_exptl.absorpt_coefficient_mu     ? 
_exptl.absorpt_correction_T_max   ? 
_exptl.absorpt_correction_T_min   ? 
_exptl.absorpt_correction_type    ? 
_exptl.absorpt_process_details    ? 
_exptl.entry_id                   7URI 
_exptl.crystals_number            ? 
_exptl.details                    ? 
_exptl.method                     'ELECTRON MICROSCOPY' 
_exptl.method_details             ? 
# 
_struct.entry_id                     7URI 
_struct.title                        'allo-tRNAUTu1A in the A site of the E. coli ribosome' 
_struct.pdbx_model_details           ? 
_struct.pdbx_formula_weight          ? 
_struct.pdbx_formula_weight_method   ? 
_struct.pdbx_model_type_details      ? 
_struct.pdbx_CASP_flag               N 
# 
_struct_keywords.entry_id        7URI 
_struct_keywords.text            'tRNA, selenocysteine, RNA' 
_struct_keywords.pdbx_keywords   RNA 
# 
_struct_asym.id                            A 
_struct_asym.pdbx_blank_PDB_chainid_flag   N 
_struct_asym.pdbx_modified                 N 
_struct_asym.entity_id                     1 
_struct_asym.details                       ? 
# 
_struct_ref.id                         1 
_struct_ref.db_name                    PDB 
_struct_ref.db_code                    7URI 
_struct_ref.pdbx_db_accession          7URI 
_struct_ref.pdbx_db_isoform            ? 
_struct_ref.entity_id                  1 
_struct_ref.pdbx_seq_one_letter_code   ? 
_struct_ref.pdbx_align_begin           1 
# 
_struct_ref_seq.align_id                      1 
_struct_ref_seq.ref_id                        1 
_struct_ref_seq.pdbx_PDB_id_code              7URI 
_struct_ref_seq.pdbx_strand_id                y 
_struct_ref_seq.seq_align_beg                 1 
_struct_ref_seq.pdbx_seq_align_beg_ins_code   ? 
_struct_ref_seq.seq_align_end                 90 
_struct_ref_seq.pdbx_seq_align_end_ins_code   ? 
_struct_ref_seq.pdbx_db_accession             7URI 
_struct_ref_seq.db_align_beg                  1 
_struct_ref_seq.pdbx_db_align_beg_ins_code    ? 
_struct_ref_seq.db_align_end                  76 
_struct_ref_seq.pdbx_db_align_end_ins_code    ? 
_struct_ref_seq.pdbx_auth_seq_align_beg       1 
_struct_ref_seq.pdbx_auth_seq_align_end       76 
# 
_pdbx_struct_assembly.id                   1 
_pdbx_struct_assembly.details              author_defined_assembly 
_pdbx_struct_assembly.method_details       ? 
_pdbx_struct_assembly.oligomeric_details   monomeric 
_pdbx_struct_assembly.oligomeric_count     1 
# 
_pdbx_struct_assembly_gen.assembly_id       1 
_pdbx_struct_assembly_gen.oper_expression   1 
_pdbx_struct_assembly_gen.asym_id_list      A 
# 
_pdbx_struct_assembly_auth_evidence.id                     1 
_pdbx_struct_assembly_auth_evidence.assembly_id            1 
_pdbx_struct_assembly_auth_evidence.experimental_support   none 
_pdbx_struct_assembly_auth_evidence.details                ? 
# 
_pdbx_struct_oper_list.id                   1 
_pdbx_struct_oper_list.type                 'identity operation' 
_pdbx_struct_oper_list.name                 1_555 
_pdbx_struct_oper_list.symmetry_operation   ? 
_pdbx_struct_oper_list.matrix[1][1]         1.0000000000 
_pdbx_struct_oper_list.matrix[1][2]         0.0000000000 
_pdbx_struct_oper_list.matrix[1][3]         0.0000000000 
_pdbx_struct_oper_list.vector[1]            0.0000000000 
_pdbx_struct_oper_list.matrix[2][1]         0.0000000000 
_pdbx_struct_oper_list.matrix[2][2]         1.0000000000 
_pdbx_struct_oper_list.matrix[2][3]         0.0000000000 
_pdbx_struct_oper_list.vector[2]            0.0000000000 
_pdbx_struct_oper_list.matrix[3][1]         0.0000000000 
_pdbx_struct_oper_list.matrix[3][2]         0.0000000000 
_pdbx_struct_oper_list.matrix[3][3]         1.0000000000 
_pdbx_struct_oper_list.vector[3]            0.0000000000 
# 
loop_
_struct_conn.id 
_struct_conn.conn_type_id 
_struct_conn.pdbx_leaving_atom_flag 
_struct_conn.pdbx_PDB_id 
_struct_conn.ptnr1_label_asym_id 
_struct_conn.ptnr1_label_comp_id 
_struct_conn.ptnr1_label_seq_id 
_struct_conn.ptnr1_label_atom_id 
_struct_conn.pdbx_ptnr1_label_alt_id 
_struct_conn.pdbx_ptnr1_PDB_ins_code 
_struct_conn.pdbx_ptnr1_standard_comp_id 
_struct_conn.ptnr1_symmetry 
_struct_conn.ptnr2_label_asym_id 
_struct_conn.ptnr2_label_comp_id 
_struct_conn.ptnr2_label_seq_id 
_struct_conn.ptnr2_label_atom_id 
_struct_conn.pdbx_ptnr2_label_alt_id 
_struct_conn.pdbx_ptnr2_PDB_ins_code 
_struct_conn.ptnr1_auth_asym_id 
_struct_conn.ptnr1_auth_comp_id 
_struct_conn.ptnr1_auth_seq_id 
_struct_conn.ptnr2_auth_asym_id 
_struct_conn.ptnr2_auth_comp_id 
_struct_conn.ptnr2_auth_seq_id 
_struct_conn.ptnr2_symmetry 
_struct_conn.pdbx_ptnr3_label_atom_id 
_struct_conn.pdbx_ptnr3_label_seq_id 
_struct_conn.pdbx_ptnr3_label_comp_id 
_struct_conn.pdbx_ptnr3_label_asym_id 
_struct_conn.pdbx_ptnr3_label_alt_id 
_struct_conn.pdbx_ptnr3_PDB_ins_code 
_struct_conn.details 
_struct_conn.pdbx_dist_value 
_struct_conn.pdbx_value_order 
_struct_conn.pdbx_role 
hydrog1  hydrog ? ? A G 1  N1 ? ? ? 1_555 A C 86 N3 ? ? y G 1  y C 72 1_555 ? ? ? ? ? ? WATSON-CRICK            ? ? ? 
hydrog2  hydrog ? ? A G 1  N2 ? ? ? 1_555 A C 86 O2 ? ? y G 1  y C 72 1_555 ? ? ? ? ? ? WATSON-CRICK            ? ? ? 
hydrog3  hydrog ? ? A G 1  O6 ? ? ? 1_555 A C 86 N4 ? ? y G 1  y C 72 1_555 ? ? ? ? ? ? WATSON-CRICK            ? ? ? 
hydrog4  hydrog ? ? A G 2  N1 ? ? ? 1_555 A C 85 N3 ? ? y G 2  y C 71 1_555 ? ? ? ? ? ? WATSON-CRICK            ? ? ? 
hydrog5  hydrog ? ? A G 2  N2 ? ? ? 1_555 A C 85 O2 ? ? y G 2  y C 71 1_555 ? ? ? ? ? ? WATSON-CRICK            ? ? ? 
hydrog6  hydrog ? ? A G 2  O6 ? ? ? 1_555 A C 85 N4 ? ? y G 2  y C 71 1_555 ? ? ? ? ? ? WATSON-CRICK            ? ? ? 
hydrog7  hydrog ? ? A A 3  N6 ? ? ? 1_555 A U 84 O4 ? ? y A 3  y U 70 1_555 ? ? ? ? ? ? 'A-U PAIR'              ? ? ? 
hydrog8  hydrog ? ? A G 7  N1 ? B ? 1_555 A C 80 N3 ? A y G 5  y C 67 1_555 ? ? ? ? ? ? WATSON-CRICK            ? ? ? 
hydrog9  hydrog ? ? A G 7  N1 ? B ? 1_555 A C 81 N3 ? B y G 5  y C 67 1_555 ? ? ? ? ? ? WATSON-CRICK            ? ? ? 
hydrog10 hydrog ? ? A G 7  N2 ? B ? 1_555 A C 80 O2 ? A y G 5  y C 67 1_555 ? ? ? ? ? ? WATSON-CRICK            ? ? ? 
hydrog11 hydrog ? ? A G 7  N2 ? B ? 1_555 A C 81 O2 ? B y G 5  y C 67 1_555 ? ? ? ? ? ? WATSON-CRICK            ? ? ? 
hydrog12 hydrog ? ? A G 7  O6 ? B ? 1_555 A C 80 N4 ? A y G 5  y C 67 1_555 ? ? ? ? ? ? WATSON-CRICK            ? ? ? 
hydrog13 hydrog ? ? A G 7  O6 ? B ? 1_555 A C 81 N4 ? B y G 5  y C 67 1_555 ? ? ? ? ? ? WATSON-CRICK            ? ? ? 
hydrog14 hydrog ? ? A G 6  N1 ? A ? 1_555 A C 82 O2 ? ? y G 5  y C 68 1_555 ? ? ? ? ? ? 'REVERSED WATSON-CRICK' ? ? ? 
hydrog15 hydrog ? ? A G 6  N2 ? A ? 1_555 A C 82 N3 ? ? y G 5  y C 68 1_555 ? ? ? ? ? ? 'REVERSED WATSON-CRICK' ? ? ? 
hydrog16 hydrog ? ? A A 8  N1 ? ? ? 1_555 A U 79 N3 ? ? y A 6  y U 67 1_555 ? ? ? ? ? ? WATSON-CRICK            ? ? ? 
hydrog17 hydrog ? ? A A 8  N6 ? ? ? 1_555 A U 79 O4 ? ? y A 6  y U 67 1_555 ? ? ? ? ? ? WATSON-CRICK            ? ? ? 
hydrog18 hydrog ? ? A A 9  N1 ? ? ? 1_555 A U 78 N3 ? ? y A 7  y U 66 1_555 ? ? ? ? ? ? WATSON-CRICK            ? ? ? 
hydrog19 hydrog ? ? A A 9  N6 ? ? ? 1_555 A U 78 O4 ? ? y A 7  y U 66 1_555 ? ? ? ? ? ? WATSON-CRICK            ? ? ? 
hydrog20 hydrog ? ? A U 12 N3 ? ? ? 1_555 A A 27 N1 ? ? y U 10 y A 25 1_555 ? ? ? ? ? ? WATSON-CRICK            ? ? ? 
hydrog21 hydrog ? ? A U 12 O4 ? ? ? 1_555 A A 27 N6 ? ? y U 10 y A 25 1_555 ? ? ? ? ? ? WATSON-CRICK            ? ? ? 
hydrog22 hydrog ? ? A C 13 N3 ? ? ? 1_555 A G 26 N1 ? ? y C 11 y G 24 1_555 ? ? ? ? ? ? WATSON-CRICK            ? ? ? 
hydrog23 hydrog ? ? A C 13 N4 ? ? ? 1_555 A G 26 O6 ? ? y C 11 y G 24 1_555 ? ? ? ? ? ? WATSON-CRICK            ? ? ? 
hydrog24 hydrog ? ? A C 13 O2 ? ? ? 1_555 A G 26 N2 ? ? y C 11 y G 24 1_555 ? ? ? ? ? ? WATSON-CRICK            ? ? ? 
hydrog25 hydrog ? ? A U 14 N3 ? ? ? 1_555 A A 25 N1 ? ? y U 12 y A 23 1_555 ? ? ? ? ? ? WATSON-CRICK            ? ? ? 
hydrog26 hydrog ? ? A U 14 O4 ? ? ? 1_555 A A 25 N6 ? ? y U 12 y A 23 1_555 ? ? ? ? ? ? WATSON-CRICK            ? ? ? 
hydrog27 hydrog ? ? A A 15 N1 ? ? ? 1_555 A U 24 N3 ? ? y A 13 y U 22 1_555 ? ? ? ? ? ? WATSON-CRICK            ? ? ? 
hydrog28 hydrog ? ? A A 15 N6 ? ? ? 1_555 A U 24 O4 ? ? y A 13 y U 22 1_555 ? ? ? ? ? ? WATSON-CRICK            ? ? ? 
hydrog29 hydrog ? ? A U 16 N3 ? ? ? 1_555 A A 23 N1 ? ? y U 14 y A 21 1_555 ? ? ? ? ? ? WATSON-CRICK            ? ? ? 
hydrog30 hydrog ? ? A U 16 O4 ? ? ? 1_555 A A 23 N6 ? ? y U 14 y A 21 1_555 ? ? ? ? ? ? WATSON-CRICK            ? ? ? 
hydrog31 hydrog ? ? A C 17 N3 ? ? ? 1_555 A G 22 N1 ? A y C 15 y G 20 1_555 ? ? ? ? ? ? WATSON-CRICK            ? ? ? 
hydrog32 hydrog ? ? A C 17 N4 ? ? ? 1_555 A G 22 O6 ? A y C 15 y G 20 1_555 ? ? ? ? ? ? WATSON-CRICK            ? ? ? 
hydrog33 hydrog ? ? A C 17 O2 ? ? ? 1_555 A G 22 N2 ? A y C 15 y G 20 1_555 ? ? ? ? ? ? WATSON-CRICK            ? ? ? 
hydrog34 hydrog ? ? A U 18 N3 ? ? ? 1_555 A U 73 O2 ? ? y U 16 y U 59 1_555 ? ? ? ? ? ? TYPE_13_PAIR            ? ? ? 
hydrog35 hydrog ? ? A U 18 O2 ? ? ? 1_555 A U 73 N3 ? ? y U 16 y U 59 1_555 ? ? ? ? ? ? TYPE_13_PAIR            ? ? ? 
hydrog36 hydrog ? ? A G 19 N1 ? ? ? 1_555 A U 69 O2 ? ? y G 18 y U 55 1_555 ? ? ? ? ? ? 'G-U MISPAIR'           ? ? ? 
hydrog37 hydrog ? ? A G 20 N1 ? ? ? 1_555 A C 70 N3 ? ? y G 19 y C 56 1_555 ? ? ? ? ? ? WATSON-CRICK            ? ? ? 
hydrog38 hydrog ? ? A G 20 N2 ? ? ? 1_555 A C 70 O2 ? ? y G 19 y C 56 1_555 ? ? ? ? ? ? WATSON-CRICK            ? ? ? 
hydrog39 hydrog ? ? A G 20 O6 ? ? ? 1_555 A C 70 N4 ? ? y G 19 y C 56 1_555 ? ? ? ? ? ? WATSON-CRICK            ? ? ? 
hydrog40 hydrog ? ? A C 28 N3 ? ? ? 1_555 A G 47 N1 ? ? y C 26 y G 44 1_555 ? ? ? ? ? ? WATSON-CRICK            ? ? ? 
hydrog41 hydrog ? ? A C 28 N4 ? ? ? 1_555 A G 47 O6 ? ? y C 26 y G 44 1_555 ? ? ? ? ? ? WATSON-CRICK            ? ? ? 
hydrog42 hydrog ? ? A C 28 O2 ? ? ? 1_555 A G 47 N2 ? ? y C 26 y G 44 1_555 ? ? ? ? ? ? WATSON-CRICK            ? ? ? 
hydrog43 hydrog ? ? A G 29 N1 ? ? ? 1_555 A U 45 O2 ? A y G 27 y U 42 1_555 ? ? ? ? ? ? TYPE_28_PAIR            ? ? ? 
hydrog44 hydrog ? ? A G 29 O6 ? ? ? 1_555 A U 45 N3 ? A y G 27 y U 42 1_555 ? ? ? ? ? ? TYPE_28_PAIR            ? ? ? 
hydrog45 hydrog ? ? A G 30 N1 ? ? ? 1_555 A C 44 N3 ? ? y G 28 y C 42 1_555 ? ? ? ? ? ? WATSON-CRICK            ? ? ? 
hydrog46 hydrog ? ? A G 30 N2 ? ? ? 1_555 A C 44 O2 ? ? y G 28 y C 42 1_555 ? ? ? ? ? ? WATSON-CRICK            ? ? ? 
hydrog47 hydrog ? ? A G 30 O6 ? ? ? 1_555 A C 44 N4 ? ? y G 28 y C 42 1_555 ? ? ? ? ? ? WATSON-CRICK            ? ? ? 
hydrog48 hydrog ? ? A G 31 N1 ? ? ? 1_555 A C 43 N3 ? ? y G 29 y C 41 1_555 ? ? ? ? ? ? WATSON-CRICK            ? ? ? 
hydrog49 hydrog ? ? A G 31 N2 ? ? ? 1_555 A C 43 O2 ? ? y G 29 y C 41 1_555 ? ? ? ? ? ? WATSON-CRICK            ? ? ? 
hydrog50 hydrog ? ? A G 31 O6 ? ? ? 1_555 A C 43 N4 ? ? y G 29 y C 41 1_555 ? ? ? ? ? ? WATSON-CRICK            ? ? ? 
hydrog51 hydrog ? ? A A 32 N1 ? ? ? 1_555 A U 42 N3 ? ? y A 30 y U 40 1_555 ? ? ? ? ? ? WATSON-CRICK            ? ? ? 
hydrog52 hydrog ? ? A A 32 N6 ? ? ? 1_555 A U 42 O4 ? ? y A 30 y U 40 1_555 ? ? ? ? ? ? WATSON-CRICK            ? ? ? 
hydrog53 hydrog ? ? A A 33 N1 ? ? ? 1_555 A U 41 N3 ? ? y A 31 y U 39 1_555 ? ? ? ? ? ? WATSON-CRICK            ? ? ? 
hydrog54 hydrog ? ? A A 33 N6 ? ? ? 1_555 A U 41 O4 ? ? y A 31 y U 39 1_555 ? ? ? ? ? ? WATSON-CRICK            ? ? ? 
hydrog55 hydrog ? ? A C 34 O2 ? ? ? 1_555 A A 40 N6 ? ? y C 32 y A 38 1_555 ? ? ? ? ? ? 'C-A MISPAIR'           ? ? ? 
hydrog56 hydrog ? ? A A 49 N1 ? ? ? 1_555 A U 64 N3 ? ? y A 46 y U 48 1_555 ? ? ? ? ? ? WATSON-CRICK            ? ? ? 
hydrog57 hydrog ? ? A A 49 N6 ? ? ? 1_555 A U 64 O4 ? ? y A 46 y U 48 1_555 ? ? ? ? ? ? WATSON-CRICK            ? ? ? 
hydrog58 hydrog ? ? A A 50 N1 ? ? ? 1_555 A U 63 N3 ? M y A 47 y U 47 1_555 ? ? ? ? ? ? WATSON-CRICK            ? ? ? 
hydrog59 hydrog ? ? A A 50 N6 ? ? ? 1_555 A U 63 O4 ? M y A 47 y U 47 1_555 ? ? ? ? ? ? WATSON-CRICK            ? ? ? 
hydrog60 hydrog ? ? A C 54 N4 ? D ? 1_555 A C 59 N3 ? I y C 47 y C 47 1_555 ? ? ? ? ? ? 'C-C MISPAIR'           ? ? ? 
hydrog61 hydrog ? ? A C 53 N3 ? C ? 1_555 A G 60 N1 ? J y C 47 y G 47 1_555 ? ? ? ? ? ? WATSON-CRICK            ? ? ? 
hydrog62 hydrog ? ? A C 53 N4 ? C ? 1_555 A G 60 O6 ? J y C 47 y G 47 1_555 ? ? ? ? ? ? WATSON-CRICK            ? ? ? 
hydrog63 hydrog ? ? A C 53 O2 ? C ? 1_555 A G 60 N2 ? J y C 47 y G 47 1_555 ? ? ? ? ? ? WATSON-CRICK            ? ? ? 
hydrog64 hydrog ? ? A G 52 N1 ? B ? 1_555 A C 61 N3 ? K y G 47 y C 47 1_555 ? ? ? ? ? ? WATSON-CRICK            ? ? ? 
hydrog65 hydrog ? ? A G 52 N2 ? B ? 1_555 A C 61 O2 ? K y G 47 y C 47 1_555 ? ? ? ? ? ? WATSON-CRICK            ? ? ? 
hydrog66 hydrog ? ? A G 52 O6 ? B ? 1_555 A C 61 N4 ? K y G 47 y C 47 1_555 ? ? ? ? ? ? WATSON-CRICK            ? ? ? 
hydrog67 hydrog ? ? A U 51 N3 ? A ? 1_555 A A 62 N1 ? L y U 47 y A 47 1_555 ? ? ? ? ? ? WATSON-CRICK            ? ? ? 
hydrog68 hydrog ? ? A U 51 O4 ? A ? 1_555 A A 62 N6 ? L y U 47 y A 47 1_555 ? ? ? ? ? ? WATSON-CRICK            ? ? ? 
hydrog69 hydrog ? ? A U 55 N3 ? E ? 1_555 A C 58 N3 ? H y U 47 y C 47 1_555 ? ? ? ? ? ? TYPE_18_PAIR            ? ? ? 
hydrog70 hydrog ? ? A U 55 O4 ? E ? 1_555 A C 58 N4 ? H y U 47 y C 47 1_555 ? ? ? ? ? ? TYPE_18_PAIR            ? ? ? 
hydrog71 hydrog ? ? A G 65 N1 ? ? ? 1_555 A C 77 N3 ? ? y G 51 y C 63 1_555 ? ? ? ? ? ? WATSON-CRICK            ? ? ? 
hydrog72 hydrog ? ? A G 65 N2 ? ? ? 1_555 A C 77 O2 ? ? y G 51 y C 63 1_555 ? ? ? ? ? ? WATSON-CRICK            ? ? ? 
hydrog73 hydrog ? ? A G 65 O6 ? ? ? 1_555 A C 77 N4 ? ? y G 51 y C 63 1_555 ? ? ? ? ? ? WATSON-CRICK            ? ? ? 
hydrog74 hydrog ? ? A G 66 N1 ? ? ? 1_555 A C 76 N3 ? ? y G 52 y C 62 1_555 ? ? ? ? ? ? WATSON-CRICK            ? ? ? 
hydrog75 hydrog ? ? A G 66 N2 ? ? ? 1_555 A C 76 O2 ? ? y G 52 y C 62 1_555 ? ? ? ? ? ? WATSON-CRICK            ? ? ? 
hydrog76 hydrog ? ? A G 66 O6 ? ? ? 1_555 A C 76 N4 ? ? y G 52 y C 62 1_555 ? ? ? ? ? ? WATSON-CRICK            ? ? ? 
hydrog77 hydrog ? ? A G 67 N1 ? ? ? 1_555 A C 75 N3 ? ? y G 53 y C 61 1_555 ? ? ? ? ? ? WATSON-CRICK            ? ? ? 
hydrog78 hydrog ? ? A G 67 N2 ? ? ? 1_555 A C 75 O2 ? ? y G 53 y C 61 1_555 ? ? ? ? ? ? WATSON-CRICK            ? ? ? 
hydrog79 hydrog ? ? A G 67 O6 ? ? ? 1_555 A C 75 N4 ? ? y G 53 y C 61 1_555 ? ? ? ? ? ? WATSON-CRICK            ? ? ? 
hydrog80 hydrog ? ? A U 68 N3 ? ? ? 1_555 A A 72 N7 ? ? y U 54 y A 58 1_555 ? ? ? ? ? ? 'REVERSED HOOGSTEEN'    ? ? ? 
hydrog81 hydrog ? ? A U 68 O2 ? ? ? 1_555 A A 72 N6 ? ? y U 54 y A 58 1_555 ? ? ? ? ? ? 'REVERSED HOOGSTEEN'    ? ? ? 
# 
_struct_conn_type.id          hydrog 
_struct_conn_type.criteria    ? 
_struct_conn_type.reference   ? 
# 
_em_3d_fitting.entry_id          7URI 
_em_3d_fitting.id                1 
_em_3d_fitting.details           ? 
_em_3d_fitting.overall_b_value   ? 
_em_3d_fitting.ref_protocol      ? 
_em_3d_fitting.ref_space         ? 
_em_3d_fitting.target_criteria   ? 
_em_3d_fitting.method            ? 
# 
_em_3d_reconstruction.entry_id                    7URI 
_em_3d_reconstruction.id                          1 
_em_3d_reconstruction.algorithm                   ? 
_em_3d_reconstruction.details                     ? 
_em_3d_reconstruction.refinement_type             ? 
_em_3d_reconstruction.image_processing_id         1 
_em_3d_reconstruction.num_class_averages          ? 
_em_3d_reconstruction.num_particles               424828 
_em_3d_reconstruction.resolution                  2.6 
_em_3d_reconstruction.resolution_method           'FSC 0.143 CUT-OFF' 
_em_3d_reconstruction.symmetry_type               POINT 
_em_3d_reconstruction.method                      ? 
_em_3d_reconstruction.nominal_pixel_size          ? 
_em_3d_reconstruction.actual_pixel_size           ? 
_em_3d_reconstruction.magnification_calibration   ? 
# 
_em_buffer.id            1 
_em_buffer.details       ? 
_em_buffer.pH            7 
_em_buffer.specimen_id   1 
_em_buffer.name          ? 
# 
_em_entity_assembly.id                   1 
_em_entity_assembly.parent_id            0 
_em_entity_assembly.details              ? 
_em_entity_assembly.name                 'E. coli 70S ribosome with allo-tRNAUTu1A in the A site' 
_em_entity_assembly.source               NATURAL 
_em_entity_assembly.type                 RIBOSOME 
_em_entity_assembly.entity_id_list       1 
_em_entity_assembly.synonym              ? 
_em_entity_assembly.oligomeric_details   ? 
# 
_em_imaging.id                              1 
_em_imaging.entry_id                        7URI 
_em_imaging.accelerating_voltage            300 
_em_imaging.alignment_procedure             ? 
_em_imaging.c2_aperture_diameter            ? 
_em_imaging.calibrated_defocus_max          ? 
_em_imaging.calibrated_defocus_min          ? 
_em_imaging.calibrated_magnification        ? 
_em_imaging.cryogen                         ? 
_em_imaging.details                         ? 
_em_imaging.electron_source                 'FIELD EMISSION GUN' 
_em_imaging.illumination_mode               'FLOOD BEAM' 
_em_imaging.microscope_model                'FEI TITAN KRIOS' 
_em_imaging.mode                            'BRIGHT FIELD' 
_em_imaging.nominal_cs                      ? 
_em_imaging.nominal_defocus_max             2000 
_em_imaging.nominal_defocus_min             1000 
_em_imaging.nominal_magnification           ? 
_em_imaging.recording_temperature_maximum   ? 
_em_imaging.recording_temperature_minimum   ? 
_em_imaging.residual_tilt                   ? 
_em_imaging.specimen_holder_model           ? 
_em_imaging.specimen_id                     1 
_em_imaging.citation_id                     ? 
_em_imaging.date                            ? 
_em_imaging.temperature                     ? 
_em_imaging.tilt_angle_min                  ? 
_em_imaging.tilt_angle_max                  ? 
_em_imaging.astigmatism                     ? 
_em_imaging.detector_distance               ? 
_em_imaging.electron_beam_tilt_params       ? 
_em_imaging.specimen_holder_type            ? 
# 
_em_vitrification.id                    1 
_em_vitrification.specimen_id           1 
_em_vitrification.chamber_temperature   ? 
_em_vitrification.cryogen_name          ETHANE-PROPANE 
_em_vitrification.details               'blot for 3 seconds before plunging' 
_em_vitrification.humidity              ? 
_em_vitrification.instrument            'FEI VITROBOT MARK IV' 
_em_vitrification.entry_id              7URI 
_em_vitrification.citation_id           ? 
_em_vitrification.method                ? 
_em_vitrification.temp                  ? 
_em_vitrification.time_resolved_state   ? 
# 
_em_experiment.entry_id                7URI 
_em_experiment.id                      1 
_em_experiment.aggregation_state       '3D ARRAY' 
_em_experiment.reconstruction_method   'SINGLE PARTICLE' 
_em_experiment.entity_assembly_id      1 
# 
loop_
_chem_comp_atom.comp_id 
_chem_comp_atom.atom_id 
_chem_comp_atom.type_symbol 
_chem_comp_atom.pdbx_aromatic_flag 
_chem_comp_atom.pdbx_stereo_config 
_chem_comp_atom.pdbx_ordinal 
A OP3    O N N 1   
A P      P N N 2   
A OP1    O N N 3   
A OP2    O N N 4   
A "O5'"  O N N 5   
A "C5'"  C N N 6   
A "C4'"  C N R 7   
A "O4'"  O N N 8   
A "C3'"  C N S 9   
A "O3'"  O N N 10  
A "C2'"  C N R 11  
A "O2'"  O N N 12  
A "C1'"  C N R 13  
A N9     N Y N 14  
A C8     C Y N 15  
A N7     N Y N 16  
A C5     C Y N 17  
A C6     C Y N 18  
A N6     N N N 19  
A N1     N Y N 20  
A C2     C Y N 21  
A N3     N Y N 22  
A C4     C Y N 23  
A HOP3   H N N 24  
A HOP2   H N N 25  
A "H5'"  H N N 26  
A "H5''" H N N 27  
A "H4'"  H N N 28  
A "H3'"  H N N 29  
A "HO3'" H N N 30  
A "H2'"  H N N 31  
A "HO2'" H N N 32  
A "H1'"  H N N 33  
A H8     H N N 34  
A H61    H N N 35  
A H62    H N N 36  
A H2     H N N 37  
C OP3    O N N 38  
C P      P N N 39  
C OP1    O N N 40  
C OP2    O N N 41  
C "O5'"  O N N 42  
C "C5'"  C N N 43  
C "C4'"  C N R 44  
C "O4'"  O N N 45  
C "C3'"  C N S 46  
C "O3'"  O N N 47  
C "C2'"  C N R 48  
C "O2'"  O N N 49  
C "C1'"  C N R 50  
C N1     N N N 51  
C C2     C N N 52  
C O2     O N N 53  
C N3     N N N 54  
C C4     C N N 55  
C N4     N N N 56  
C C5     C N N 57  
C C6     C N N 58  
C HOP3   H N N 59  
C HOP2   H N N 60  
C "H5'"  H N N 61  
C "H5''" H N N 62  
C "H4'"  H N N 63  
C "H3'"  H N N 64  
C "HO3'" H N N 65  
C "H2'"  H N N 66  
C "HO2'" H N N 67  
C "H1'"  H N N 68  
C H41    H N N 69  
C H42    H N N 70  
C H5     H N N 71  
C H6     H N N 72  
G OP3    O N N 73  
G P      P N N 74  
G OP1    O N N 75  
G OP2    O N N 76  
G "O5'"  O N N 77  
G "C5'"  C N N 78  
G "C4'"  C N R 79  
G "O4'"  O N N 80  
G "C3'"  C N S 81  
G "O3'"  O N N 82  
G "C2'"  C N R 83  
G "O2'"  O N N 84  
G "C1'"  C N R 85  
G N9     N Y N 86  
G C8     C Y N 87  
G N7     N Y N 88  
G C5     C Y N 89  
G C6     C N N 90  
G O6     O N N 91  
G N1     N N N 92  
G C2     C N N 93  
G N2     N N N 94  
G N3     N N N 95  
G C4     C Y N 96  
G HOP3   H N N 97  
G HOP2   H N N 98  
G "H5'"  H N N 99  
G "H5''" H N N 100 
G "H4'"  H N N 101 
G "H3'"  H N N 102 
G "HO3'" H N N 103 
G "H2'"  H N N 104 
G "HO2'" H N N 105 
G "H1'"  H N N 106 
G H8     H N N 107 
G H1     H N N 108 
G H21    H N N 109 
G H22    H N N 110 
U OP3    O N N 111 
U P      P N N 112 
U OP1    O N N 113 
U OP2    O N N 114 
U "O5'"  O N N 115 
U "C5'"  C N N 116 
U "C4'"  C N R 117 
U "O4'"  O N N 118 
U "C3'"  C N S 119 
U "O3'"  O N N 120 
U "C2'"  C N R 121 
U "O2'"  O N N 122 
U "C1'"  C N R 123 
U N1     N N N 124 
U C2     C N N 125 
U O2     O N N 126 
U N3     N N N 127 
U C4     C N N 128 
U O4     O N N 129 
U C5     C N N 130 
U C6     C N N 131 
U HOP3   H N N 132 
U HOP2   H N N 133 
U "H5'"  H N N 134 
U "H5''" H N N 135 
U "H4'"  H N N 136 
U "H3'"  H N N 137 
U "HO3'" H N N 138 
U "H2'"  H N N 139 
U "HO2'" H N N 140 
U "H1'"  H N N 141 
U H3     H N N 142 
U H5     H N N 143 
U H6     H N N 144 
# 
loop_
_chem_comp_bond.comp_id 
_chem_comp_bond.atom_id_1 
_chem_comp_bond.atom_id_2 
_chem_comp_bond.value_order 
_chem_comp_bond.pdbx_aromatic_flag 
_chem_comp_bond.pdbx_stereo_config 
_chem_comp_bond.pdbx_ordinal 
A OP3   P      sing N N 1   
A OP3   HOP3   sing N N 2   
A P     OP1    doub N N 3   
A P     OP2    sing N N 4   
A P     "O5'"  sing N N 5   
A OP2   HOP2   sing N N 6   
A "O5'" "C5'"  sing N N 7   
A "C5'" "C4'"  sing N N 8   
A "C5'" "H5'"  sing N N 9   
A "C5'" "H5''" sing N N 10  
A "C4'" "O4'"  sing N N 11  
A "C4'" "C3'"  sing N N 12  
A "C4'" "H4'"  sing N N 13  
A "O4'" "C1'"  sing N N 14  
A "C3'" "O3'"  sing N N 15  
A "C3'" "C2'"  sing N N 16  
A "C3'" "H3'"  sing N N 17  
A "O3'" "HO3'" sing N N 18  
A "C2'" "O2'"  sing N N 19  
A "C2'" "C1'"  sing N N 20  
A "C2'" "H2'"  sing N N 21  
A "O2'" "HO2'" sing N N 22  
A "C1'" N9     sing N N 23  
A "C1'" "H1'"  sing N N 24  
A N9    C8     sing Y N 25  
A N9    C4     sing Y N 26  
A C8    N7     doub Y N 27  
A C8    H8     sing N N 28  
A N7    C5     sing Y N 29  
A C5    C6     sing Y N 30  
A C5    C4     doub Y N 31  
A C6    N6     sing N N 32  
A C6    N1     doub Y N 33  
A N6    H61    sing N N 34  
A N6    H62    sing N N 35  
A N1    C2     sing Y N 36  
A C2    N3     doub Y N 37  
A C2    H2     sing N N 38  
A N3    C4     sing Y N 39  
C OP3   P      sing N N 40  
C OP3   HOP3   sing N N 41  
C P     OP1    doub N N 42  
C P     OP2    sing N N 43  
C P     "O5'"  sing N N 44  
C OP2   HOP2   sing N N 45  
C "O5'" "C5'"  sing N N 46  
C "C5'" "C4'"  sing N N 47  
C "C5'" "H5'"  sing N N 48  
C "C5'" "H5''" sing N N 49  
C "C4'" "O4'"  sing N N 50  
C "C4'" "C3'"  sing N N 51  
C "C4'" "H4'"  sing N N 52  
C "O4'" "C1'"  sing N N 53  
C "C3'" "O3'"  sing N N 54  
C "C3'" "C2'"  sing N N 55  
C "C3'" "H3'"  sing N N 56  
C "O3'" "HO3'" sing N N 57  
C "C2'" "O2'"  sing N N 58  
C "C2'" "C1'"  sing N N 59  
C "C2'" "H2'"  sing N N 60  
C "O2'" "HO2'" sing N N 61  
C "C1'" N1     sing N N 62  
C "C1'" "H1'"  sing N N 63  
C N1    C2     sing N N 64  
C N1    C6     sing N N 65  
C C2    O2     doub N N 66  
C C2    N3     sing N N 67  
C N3    C4     doub N N 68  
C C4    N4     sing N N 69  
C C4    C5     sing N N 70  
C N4    H41    sing N N 71  
C N4    H42    sing N N 72  
C C5    C6     doub N N 73  
C C5    H5     sing N N 74  
C C6    H6     sing N N 75  
G OP3   P      sing N N 76  
G OP3   HOP3   sing N N 77  
G P     OP1    doub N N 78  
G P     OP2    sing N N 79  
G P     "O5'"  sing N N 80  
G OP2   HOP2   sing N N 81  
G "O5'" "C5'"  sing N N 82  
G "C5'" "C4'"  sing N N 83  
G "C5'" "H5'"  sing N N 84  
G "C5'" "H5''" sing N N 85  
G "C4'" "O4'"  sing N N 86  
G "C4'" "C3'"  sing N N 87  
G "C4'" "H4'"  sing N N 88  
G "O4'" "C1'"  sing N N 89  
G "C3'" "O3'"  sing N N 90  
G "C3'" "C2'"  sing N N 91  
G "C3'" "H3'"  sing N N 92  
G "O3'" "HO3'" sing N N 93  
G "C2'" "O2'"  sing N N 94  
G "C2'" "C1'"  sing N N 95  
G "C2'" "H2'"  sing N N 96  
G "O2'" "HO2'" sing N N 97  
G "C1'" N9     sing N N 98  
G "C1'" "H1'"  sing N N 99  
G N9    C8     sing Y N 100 
G N9    C4     sing Y N 101 
G C8    N7     doub Y N 102 
G C8    H8     sing N N 103 
G N7    C5     sing Y N 104 
G C5    C6     sing N N 105 
G C5    C4     doub Y N 106 
G C6    O6     doub N N 107 
G C6    N1     sing N N 108 
G N1    C2     sing N N 109 
G N1    H1     sing N N 110 
G C2    N2     sing N N 111 
G C2    N3     doub N N 112 
G N2    H21    sing N N 113 
G N2    H22    sing N N 114 
G N3    C4     sing N N 115 
U OP3   P      sing N N 116 
U OP3   HOP3   sing N N 117 
U P     OP1    doub N N 118 
U P     OP2    sing N N 119 
U P     "O5'"  sing N N 120 
U OP2   HOP2   sing N N 121 
U "O5'" "C5'"  sing N N 122 
U "C5'" "C4'"  sing N N 123 
U "C5'" "H5'"  sing N N 124 
U "C5'" "H5''" sing N N 125 
U "C4'" "O4'"  sing N N 126 
U "C4'" "C3'"  sing N N 127 
U "C4'" "H4'"  sing N N 128 
U "O4'" "C1'"  sing N N 129 
U "C3'" "O3'"  sing N N 130 
U "C3'" "C2'"  sing N N 131 
U "C3'" "H3'"  sing N N 132 
U "O3'" "HO3'" sing N N 133 
U "C2'" "O2'"  sing N N 134 
U "C2'" "C1'"  sing N N 135 
U "C2'" "H2'"  sing N N 136 
U "O2'" "HO2'" sing N N 137 
U "C1'" N1     sing N N 138 
U "C1'" "H1'"  sing N N 139 
U N1    C2     sing N N 140 
U N1    C6     sing N N 141 
U C2    O2     doub N N 142 
U C2    N3     sing N N 143 
U N3    C4     sing N N 144 
U N3    H3     sing N N 145 
U C4    O4     doub N N 146 
U C4    C5     sing N N 147 
U C5    C6     doub N N 148 
U C5    H5     sing N N 149 
U C6    H6     sing N N 150 
# 
_em_ctf_correction.id                       1 
_em_ctf_correction.em_image_processing_id   1 
_em_ctf_correction.type                     NONE 
_em_ctf_correction.details                  ? 
# 
_em_entity_assembly_naturalsource.id                   2 
_em_entity_assembly_naturalsource.entity_assembly_id   1 
_em_entity_assembly_naturalsource.cell                 ? 
_em_entity_assembly_naturalsource.cellular_location    ? 
_em_entity_assembly_naturalsource.ncbi_tax_id          562 
_em_entity_assembly_naturalsource.organ                ? 
_em_entity_assembly_naturalsource.organelle            ? 
_em_entity_assembly_naturalsource.organism             'Escherichia coli' 
_em_entity_assembly_naturalsource.strain               ? 
_em_entity_assembly_naturalsource.tissue               ? 
# 
_em_image_processing.id                   1 
_em_image_processing.image_recording_id   1 
_em_image_processing.details              ? 
# 
_em_image_recording.id                                  1 
_em_image_recording.imaging_id                          1 
_em_image_recording.avg_electron_dose_per_image         40 
_em_image_recording.average_exposure_time               ? 
_em_image_recording.details                             ? 
_em_image_recording.detector_mode                       ? 
_em_image_recording.film_or_detector_model              'GATAN K3 (6k x 4k)' 
_em_image_recording.num_diffraction_images              ? 
_em_image_recording.num_grids_imaged                    ? 
_em_image_recording.num_real_images                     ? 
_em_image_recording.avg_electron_dose_per_subtomogram   ? 
# 
_em_particle_selection.id                       1 
_em_particle_selection.image_processing_id      1 
_em_particle_selection.details                  ? 
_em_particle_selection.method                   ? 
_em_particle_selection.num_particles_selected   10850093 
_em_particle_selection.reference_model          ? 
# 
loop_
_em_software.id 
_em_software.category 
_em_software.details 
_em_software.name 
_em_software.version 
_em_software.image_processing_id 
_em_software.fitting_id 
_em_software.imaging_id 
1  'SYMMETRY DETERMINATION'   ? ?       ? 1 1 1 
2  'IMAGE ACQUISITION'        ? ?       ? ? ? 1 
3  MASKING                    ? ?       ? ? ? ? 
4  'CTF CORRECTION'           ? CTFFIND 4 1 ? ? 
5  'LAYERLINE INDEXING'       ? ?       ? ? ? ? 
6  'DIFFRACTION INDEXING'     ? ?       ? ? ? ? 
7  'MODEL FITTING'            ? ?       ? ? ? ? 
8  'MODEL REFINEMENT'         ? ?       ? ? ? ? 
9  OTHER                      ? ?       ? ? ? ? 
10 'INITIAL EULER ASSIGNMENT' ? ?       ? 1 ? ? 
11 'FINAL EULER ASSIGNMENT'   ? ?       ? 1 ? ? 
12 CLASSIFICATION             ? ?       ? 1 ? ? 
13 RECONSTRUCTION             ? ?       ? 1 ? ? 
# 
_em_specimen.id                      1 
_em_specimen.experiment_id           1 
_em_specimen.concentration           ? 
_em_specimen.details                 ? 
_em_specimen.embedding_applied       NO 
_em_specimen.shadowing_applied       NO 
_em_specimen.staining_applied        NO 
_em_specimen.vitrification_applied   YES 
# 
loop_
_ndb_struct_conf_na.entry_id 
_ndb_struct_conf_na.feature 
7URI 'double helix'         
7URI 'a-form double helix'  
7URI 'parallel strands'     
7URI 'hairpin loop'         
7URI 'mismatched base pair' 
7URI 'internal loop'        
7URI 'triple helix'         
# 
loop_
_ndb_struct_na_base_pair.model_number 
_ndb_struct_na_base_pair.i_label_asym_id 
_ndb_struct_na_base_pair.i_label_comp_id 
_ndb_struct_na_base_pair.i_label_seq_id 
_ndb_struct_na_base_pair.i_symmetry 
_ndb_struct_na_base_pair.j_label_asym_id 
_ndb_struct_na_base_pair.j_label_comp_id 
_ndb_struct_na_base_pair.j_label_seq_id 
_ndb_struct_na_base_pair.j_symmetry 
_ndb_struct_na_base_pair.shear 
_ndb_struct_na_base_pair.stretch 
_ndb_struct_na_base_pair.stagger 
_ndb_struct_na_base_pair.buckle 
_ndb_struct_na_base_pair.propeller 
_ndb_struct_na_base_pair.opening 
_ndb_struct_na_base_pair.pair_number 
_ndb_struct_na_base_pair.pair_name 
_ndb_struct_na_base_pair.i_auth_asym_id 
_ndb_struct_na_base_pair.i_auth_seq_id 
_ndb_struct_na_base_pair.i_PDB_ins_code 
_ndb_struct_na_base_pair.j_auth_asym_id 
_ndb_struct_na_base_pair.j_auth_seq_id 
_ndb_struct_na_base_pair.j_PDB_ins_code 
_ndb_struct_na_base_pair.hbond_type_28 
_ndb_struct_na_base_pair.hbond_type_12 
1 A G 1  1_555 A C 86 1_555 -1.329 -1.192 -0.320 -8.401  1.855   -1.790   1  y_G1:C72_y    y 1  ? y 72 ? 19 1 
1 A G 2  1_555 A C 85 1_555 -1.735 -0.363 -0.219 -6.384  1.616   -1.781   2  y_G2:C71_y    y 2  ? y 71 ? 19 1 
1 A A 3  1_555 A U 84 1_555 -1.269 0.554  -0.371 -2.245  2.152   -5.397   3  y_A3:U70_y    y 3  ? y 70 ? ?  ? 
1 A G 6  1_555 A C 82 1_555 -0.161 -0.537 2.341  -3.684  2.292   30.080   4  y_G5A:C68_y   y 5  A y 68 ? 22 1 
1 A G 7  1_555 A C 80 1_555 0.643  0.544  -0.591 2.008   -6.392  -2.560   5  y_G5B:C67A_y  y 5  B y 67 A 19 1 
1 A A 8  1_555 A U 79 1_555 0.868  -0.166 -0.698 -2.539  -7.155  -0.693   6  y_A6:U67_y    y 6  ? y 67 ? 20 1 
1 A A 9  1_555 A U 78 1_555 0.703  -0.446 -0.639 -1.381  -11.681 -4.289   7  y_A7:U66_y    y 7  ? y 66 ? 20 1 
1 A G 65 1_555 A C 77 1_555 -0.024 -0.635 -0.624 -9.037  -4.013  -3.091   8  y_G51:C63_y   y 51 ? y 63 ? 19 1 
1 A G 66 1_555 A C 76 1_555 -0.164 -0.438 -0.400 -12.235 -0.105  -2.186   9  y_G52:C62_y   y 52 ? y 62 ? 19 1 
1 A G 67 1_555 A C 75 1_555 -0.608 -0.408 -0.231 -18.820 13.361  -6.308   10 y_G53:C61_y   y 53 ? y 61 ? 19 1 
1 A U 68 1_555 A A 72 1_555 4.294  -1.870 0.642  -3.190  9.855   -108.293 11 y_U54:A58_y   y 54 ? y 58 ? 24 4 
1 A U 69 1_555 A G 19 1_555 0.505  -5.593 0.458  15.257  1.452   -89.504  12 y_U55:G18_y   y 55 ? y 18 ? ?  6 
1 A A 40 1_555 A C 34 1_555 -5.996 -1.413 1.535  18.495  15.933  6.978    13 y_A38:C32_y   y 38 ? y 32 ? ?  ? 
1 A U 41 1_555 A A 33 1_555 -0.116 -0.053 0.075  13.947  -5.069  -0.437   14 y_U39:A31_y   y 39 ? y 31 ? 20 1 
1 A U 42 1_555 A A 32 1_555 -0.036 -0.115 -0.295 6.201   -6.435  1.697    15 y_U40:A30_y   y 40 ? y 30 ? 20 1 
1 A C 43 1_555 A G 31 1_555 0.142  -0.112 -0.332 1.868   -2.801  -0.856   16 y_C41:G29_y   y 41 ? y 29 ? 19 1 
1 A C 44 1_555 A G 30 1_555 0.011  -0.098 -0.249 1.114   -2.196  -1.530   17 y_C42:G28_y   y 42 ? y 28 ? 19 1 
1 A U 45 1_555 A G 29 1_555 1.973  -0.233 0.066  1.865   -7.014  1.267    18 y_U42A:G27_y  y 42 A y 27 ? 28 1 
1 A G 47 1_555 A C 28 1_555 -0.104 -0.135 -0.519 -1.558  -6.915  1.449    19 y_G44:C26_y   y 44 ? y 26 ? 19 1 
1 A U 12 1_555 A A 27 1_555 -0.119 -0.185 -0.353 1.706   0.833   -2.349   20 y_U10:A25_y   y 10 ? y 25 ? 20 1 
1 A C 13 1_555 A G 26 1_555 0.067  -0.115 -0.222 -1.214  -4.342  -1.528   21 y_C11:G24_y   y 11 ? y 24 ? 19 1 
1 A U 14 1_555 A A 25 1_555 -0.056 -0.043 0.019  -2.092  -2.835  -3.603   22 y_U12:A23_y   y 12 ? y 23 ? 20 1 
1 A A 15 1_555 A U 24 1_555 -0.072 -0.027 0.177  -1.419  -7.408  -2.713   23 y_A13:U22_y   y 13 ? y 22 ? 20 1 
1 A U 16 1_555 A A 23 1_555 0.004  -0.050 0.206  -0.850  -5.970  -1.629   24 y_U14:A21_y   y 14 ? y 21 ? 20 1 
1 A C 17 1_555 A G 22 1_555 0.092  -0.088 0.274  2.056   -2.731  -1.973   25 y_C15:G20A_y  y 15 ? y 20 A 19 1 
1 A U 18 1_555 A U 73 1_555 -1.912 -2.630 0.569  -6.402  -7.511  -178.624 26 y_U16:U59_y   y 16 ? y 59 ? 13 2 
1 A G 20 1_555 A C 70 1_555 -0.736 -0.273 0.015  -9.249  -15.477 -2.027   27 y_G19:C56_y   y 19 ? y 56 ? 19 1 
1 A A 49 1_555 A U 64 1_555 -0.007 -0.122 -0.774 -5.704  4.208   -6.724   28 y_A46:U48_y   y 46 ? y 48 ? 20 1 
1 A A 50 1_555 A U 63 1_555 -0.079 -0.080 -0.154 -2.777  -6.166  -1.712   29 y_A47:U47M_y  y 47 ? y 47 M 20 1 
1 A U 51 1_555 A A 62 1_555 -0.053 -0.169 0.215  -3.885  -10.322 -3.211   30 y_U47A:A47L_y y 47 A y 47 L 20 1 
1 A G 52 1_555 A C 61 1_555 -0.053 -0.157 0.518  1.647   2.023   -1.423   31 y_G47B:C47K_y y 47 B y 47 K 19 1 
1 A C 53 1_555 A G 60 1_555 0.175  -0.224 0.292  15.760  -0.115  -3.363   32 y_C47C:G47J_y y 47 C y 47 J 19 1 
1 A C 54 1_555 A C 59 1_555 -2.800 -0.665 -0.349 9.610   -32.266 2.963    33 y_C47D:C47I_y y 47 D y 47 I ?  ? 
1 A U 55 1_555 A C 58 1_555 0.669  -1.491 -0.227 -10.730 -25.692 12.033   34 y_U47E:C47H_y y 47 E y 47 H 18 1 
# 
loop_
_ndb_struct_na_base_pair_step.model_number 
_ndb_struct_na_base_pair_step.i_label_asym_id_1 
_ndb_struct_na_base_pair_step.i_label_comp_id_1 
_ndb_struct_na_base_pair_step.i_label_seq_id_1 
_ndb_struct_na_base_pair_step.i_symmetry_1 
_ndb_struct_na_base_pair_step.j_label_asym_id_1 
_ndb_struct_na_base_pair_step.j_label_comp_id_1 
_ndb_struct_na_base_pair_step.j_label_seq_id_1 
_ndb_struct_na_base_pair_step.j_symmetry_1 
_ndb_struct_na_base_pair_step.i_label_asym_id_2 
_ndb_struct_na_base_pair_step.i_label_comp_id_2 
_ndb_struct_na_base_pair_step.i_label_seq_id_2 
_ndb_struct_na_base_pair_step.i_symmetry_2 
_ndb_struct_na_base_pair_step.j_label_asym_id_2 
_ndb_struct_na_base_pair_step.j_label_comp_id_2 
_ndb_struct_na_base_pair_step.j_label_seq_id_2 
_ndb_struct_na_base_pair_step.j_symmetry_2 
_ndb_struct_na_base_pair_step.shift 
_ndb_struct_na_base_pair_step.slide 
_ndb_struct_na_base_pair_step.rise 
_ndb_struct_na_base_pair_step.tilt 
_ndb_struct_na_base_pair_step.roll 
_ndb_struct_na_base_pair_step.twist 
_ndb_struct_na_base_pair_step.x_displacement 
_ndb_struct_na_base_pair_step.y_displacement 
_ndb_struct_na_base_pair_step.helical_rise 
_ndb_struct_na_base_pair_step.inclination 
_ndb_struct_na_base_pair_step.tip 
_ndb_struct_na_base_pair_step.helical_twist 
_ndb_struct_na_base_pair_step.step_number 
_ndb_struct_na_base_pair_step.step_name 
_ndb_struct_na_base_pair_step.i_auth_asym_id_1 
_ndb_struct_na_base_pair_step.i_auth_seq_id_1 
_ndb_struct_na_base_pair_step.i_PDB_ins_code_1 
_ndb_struct_na_base_pair_step.j_auth_asym_id_1 
_ndb_struct_na_base_pair_step.j_auth_seq_id_1 
_ndb_struct_na_base_pair_step.j_PDB_ins_code_1 
_ndb_struct_na_base_pair_step.i_auth_asym_id_2 
_ndb_struct_na_base_pair_step.i_auth_seq_id_2 
_ndb_struct_na_base_pair_step.i_PDB_ins_code_2 
_ndb_struct_na_base_pair_step.j_auth_asym_id_2 
_ndb_struct_na_base_pair_step.j_auth_seq_id_2 
_ndb_struct_na_base_pair_step.j_PDB_ins_code_2 
1 A G 1  1_555 A C 86 1_555 A G 2  1_555 A C 85 1_555 -0.462 -1.691 3.220 -2.325 8.184  30.673  -4.470 0.449  2.717 15.110 4.293   
31.804  1  yy_G1G2:C71C72_yy       y 1  ? y 72 ? y 2  ? y 71 ? 
1 A G 2  1_555 A C 85 1_555 A A 3  1_555 A U 84 1_555 -0.233 -1.577 3.194 -0.375 8.398  31.738  -4.116 0.353  2.702 15.029 0.671   
32.804  2  yy_G2A3:U70C71_yy       y 2  ? y 71 ? y 3  ? y 70 ? 
1 A G 6  1_555 A C 82 1_555 A G 7  1_555 A C 80 1_555 -0.780 -3.093 4.671 -4.380 11.449 35.421  -6.782 0.465  3.602 18.160 6.946   
37.418  3  yy_G5AG5B:C67AC68_yy    y 5  A y 68 ? y 5  B y 67 A 
1 A G 7  1_555 A C 80 1_555 A A 8  1_555 A U 79 1_555 0.393  -2.205 3.345 6.939  14.189 40.429  -4.275 0.096  2.501 19.650 -9.610  
43.284  4  yy_G5BA6:U67C67A_yy     y 5  B y 67 A y 6  ? y 67 ? 
1 A A 8  1_555 A U 79 1_555 A A 9  1_555 A U 78 1_555 -0.363 -1.140 3.210 -0.442 7.502  31.377  -3.310 0.580  2.872 13.628 0.802   
32.243  5  yy_A6A7:U66U67_yy       y 6  ? y 67 ? y 7  ? y 66 ? 
1 A A 9  1_555 A U 78 1_555 A G 65 1_555 A C 77 1_555 0.002  -1.458 3.402 0.781  13.046 37.093  -3.679 0.088  2.754 19.771 -1.184  
39.252  6  yy_A7G51:C63U66_yy      y 7  ? y 66 ? y 51 ? y 63 ? 
1 A G 65 1_555 A C 77 1_555 A G 66 1_555 A C 76 1_555 -0.085 -1.668 3.352 -0.423 6.515  35.910  -3.550 0.079  3.014 10.460 0.679   
36.479  7  yy_G51G52:C62C63_yy     y 51 ? y 63 ? y 52 ? y 62 ? 
1 A G 66 1_555 A C 76 1_555 A G 67 1_555 A C 75 1_555 -0.093 -2.154 3.234 -4.765 9.842  30.758  -5.367 -0.575 2.435 17.862 8.648   
32.600  8  yy_G52G53:C61C62_yy     y 52 ? y 62 ? y 53 ? y 61 ? 
1 A G 67 1_555 A C 75 1_555 A U 68 1_555 A A 72 1_555 -2.641 -2.121 3.152 -2.985 -2.221 93.955  -1.411 1.752  3.253 -1.518 2.041   
94.012  9  yy_G53U54:A58C61_yy     y 53 ? y 61 ? y 54 ? y 58 ? 
1 A U 68 1_555 A A 72 1_555 A U 69 1_555 A G 19 1_555 2.585  -2.158 3.509 4.217  3.702  40.530  -3.528 -3.199 3.546 5.313  -6.052  
40.901  10 yy_U54U55:G18A58_yy     y 54 ? y 58 ? y 55 ? y 18 ? 
1 A A 40 1_555 A C 34 1_555 A U 41 1_555 A A 33 1_555 -0.330 -1.034 3.590 3.011  8.201  55.340  -1.607 0.538  3.397 8.769  -3.220  
55.971  11 yy_A38U39:A31C32_yy     y 38 ? y 32 ? y 39 ? y 31 ? 
1 A U 41 1_555 A A 33 1_555 A U 42 1_555 A A 32 1_555 -0.025 -1.837 3.453 0.788  6.566  33.108  -4.232 0.171  3.042 11.381 -1.367  
33.744  12 yy_U39U40:A30A31_yy     y 39 ? y 31 ? y 40 ? y 30 ? 
1 A U 42 1_555 A A 32 1_555 A C 43 1_555 A G 31 1_555 -0.043 -1.669 3.326 0.958  8.013  33.038  -4.084 0.221  2.852 13.835 -1.654  
33.983  13 yy_U40C41:G29A30_yy     y 40 ? y 30 ? y 41 ? y 29 ? 
1 A C 43 1_555 A G 31 1_555 A C 44 1_555 A G 30 1_555 -0.023 -1.887 3.261 0.315  9.609  27.597  -5.631 0.107  2.477 19.412 -0.636  
29.193  14 yy_C41C42:G28G29_yy     y 41 ? y 29 ? y 42 ? y 28 ? 
1 A C 44 1_555 A G 30 1_555 A U 45 1_555 A G 29 1_555 0.326  -1.246 3.381 2.049  3.962  42.789  -2.099 -0.238 3.270 5.413  -2.800  
43.010  15 yy_C42U42A:G27G28_yy    y 42 ? y 28 ? y 42 A y 27 ? 
1 A U 45 1_555 A G 29 1_555 A G 47 1_555 A C 28 1_555 -1.486 -1.156 3.209 7.940  13.526 41.244  -2.681 2.651  2.421 18.420 -10.812 
44.004  16 yy_U42AG44:C26G27_yy    y 42 A y 27 ? y 44 ? y 26 ? 
1 A G 47 1_555 A C 28 1_555 A U 12 1_555 A A 27 1_555 -0.305 -1.863 3.309 -1.015 6.554  28.432  -5.054 0.395  2.826 13.119 2.031   
29.180  17 yy_G44U10:A25C26_yy     y 44 ? y 26 ? y 10 ? y 25 ? 
1 A U 12 1_555 A A 27 1_555 A C 13 1_555 A G 26 1_555 0.082  -1.530 3.327 1.165  3.782  37.325  -2.870 0.023  3.163 5.889  -1.814  
37.527  18 yy_U10C11:G24A25_yy     y 10 ? y 25 ? y 11 ? y 24 ? 
1 A C 13 1_555 A G 26 1_555 A U 14 1_555 A A 25 1_555 -0.440 -1.449 3.300 -1.518 6.524  35.704  -3.213 0.499  3.013 10.526 2.448   
36.307  19 yy_C11U12:A23G24_yy     y 11 ? y 24 ? y 12 ? y 23 ? 
1 A U 14 1_555 A A 25 1_555 A A 15 1_555 A U 24 1_555 0.022  -1.284 3.046 -1.042 16.043 30.965  -4.208 -0.171 2.141 27.821 1.807   
34.799  20 yy_U12A13:U22A23_yy     y 12 ? y 23 ? y 13 ? y 22 ? 
1 A A 15 1_555 A U 24 1_555 A U 16 1_555 A A 23 1_555 -0.036 -1.543 3.347 -1.113 2.754  34.635  -3.006 -0.110 3.218 4.616  1.866   
34.758  21 yy_A13U14:A21U22_yy     y 13 ? y 22 ? y 14 ? y 21 ? 
1 A U 16 1_555 A A 23 1_555 A C 17 1_555 A G 22 1_555 0.145  -1.448 3.175 0.366  5.590  30.410  -3.727 -0.205 2.871 10.544 -0.691  
30.910  22 yy_U14C15:G20AA21_yy    y 14 ? y 21 ? y 15 ? y 20 A 
1 A C 17 1_555 A G 22 1_555 A U 18 1_555 A U 73 1_555 -1.341 -0.265 3.209 -0.766 3.199  126.242 -0.174 0.746  3.210 1.793  0.430   
126.265 23 yy_C15U16:U59G20A_yy    y 15 ? y 20 A y 16 ? y 59 ? 
1 A A 49 1_555 A U 64 1_555 A A 50 1_555 A U 63 1_555 0.924  -1.374 3.173 -4.506 13.318 39.787  -3.142 -1.703 2.494 18.870 6.384   
42.103  24 yy_A46A47:U47MU48_yy    y 46 ? y 48 ? y 47 ? y 47 M 
1 A A 50 1_555 A U 63 1_555 A U 51 1_555 A A 62 1_555 -0.680 -1.491 3.320 -4.406 -0.560 37.816  -2.212 0.467  3.396 -0.860 6.770   
38.067  25 yy_A47U47A:A47LU47M_yy  y 47 ? y 47 M y 47 A y 47 L 
1 A U 51 1_555 A A 62 1_555 A G 52 1_555 A C 61 1_555 0.208  -1.413 3.038 -1.956 2.514  32.515  -2.909 -0.678 2.907 4.476  3.484   
32.667  26 yy_U47AG47B:C47KA47L_yy y 47 A y 47 L y 47 B y 47 K 
1 A G 52 1_555 A C 61 1_555 A C 53 1_555 A G 60 1_555 -1.041 -1.134 3.172 2.374  7.762  31.009  -3.339 2.280  2.730 14.216 -4.348  
32.029  27 yy_G47BC47C:G47JC47K_yy y 47 B y 47 K y 47 C y 47 J 
1 A C 53 1_555 A G 60 1_555 A C 54 1_555 A C 59 1_555 0.912  -1.458 2.729 6.492  21.768 25.862  -4.915 -0.819 1.331 40.164 -11.978 
34.293  28 yy_C47CC47D:C47IG47J_yy y 47 C y 47 J y 47 D y 47 I 
1 A C 54 1_555 A C 59 1_555 A U 55 1_555 A C 58 1_555 -0.685 -1.753 4.393 -6.229 6.013  26.289  -5.580 -0.547 3.957 12.786 13.247  
27.654  29 yy_C47DU47E:C47HC47I_yy y 47 D y 47 I y 47 E y 47 H 
# 
loop_
_pdbx_audit_support.funding_organization 
_pdbx_audit_support.country 
_pdbx_audit_support.grant_number 
_pdbx_audit_support.ordinal 
'National Institutes of Health/National Institute of General Medical Sciences (NIH/NIGMS)'        'United States' 'R35 GM122560' 1 
'National Institutes of Health/National Institute of General Medical Sciences (NIH/NIGMS)'        'United States' 
'R35 GM122560-05S1' 2 
'National Institutes of Health/National Institute of General Medical Sciences (NIH/NIGMS)'        'United States' GM51266 3 
'National Institutes of Health/National Institute Of Allergy and Infectious Diseases (NIH/NIAID)' 'United States' AI15046 4 
'Department of Energy (DOE, United States)'                                                       'United States' DE-FG0298ER2031 
5 
'Cystic Fibrosis Foundation'                                                                      'United States' PUGLIS20G0 6 
# 
_atom_sites.entry_id                    7URI 
_atom_sites.Cartn_transf_matrix[1][1]   ? 
_atom_sites.Cartn_transf_matrix[1][2]   ? 
_atom_sites.Cartn_transf_matrix[1][3]   ? 
_atom_sites.Cartn_transf_matrix[2][1]   ? 
_atom_sites.Cartn_transf_matrix[2][2]   ? 
_atom_sites.Cartn_transf_matrix[2][3]   ? 
_atom_sites.Cartn_transf_matrix[3][1]   ? 
_atom_sites.Cartn_transf_matrix[3][2]   ? 
_atom_sites.Cartn_transf_matrix[3][3]   ? 
_atom_sites.Cartn_transf_vector[1]      ? 
_atom_sites.Cartn_transf_vector[2]      ? 
_atom_sites.Cartn_transf_vector[3]      ? 
_atom_sites.fract_transf_matrix[1][1]   1.000000 
_atom_sites.fract_transf_matrix[1][2]   0.000000 
_atom_sites.fract_transf_matrix[1][3]   0.000000 
_atom_sites.fract_transf_matrix[2][1]   0.000000 
_atom_sites.fract_transf_matrix[2][2]   1.000000 
_atom_sites.fract_transf_matrix[2][3]   0.000000 
_atom_sites.fract_transf_matrix[3][1]   0.000000 
_atom_sites.fract_transf_matrix[3][2]   0.000000 
_atom_sites.fract_transf_matrix[3][3]   1.000000 
_atom_sites.fract_transf_vector[1]      0.00000 
_atom_sites.fract_transf_vector[2]      0.00000 
_atom_sites.fract_transf_vector[3]      0.00000 
_atom_sites.solution_primary            ? 
_atom_sites.solution_secondary          ? 
_atom_sites.solution_hydrogens          ? 
_atom_sites.special_details             ? 
# 
loop_
_atom_type.symbol 
C 
N 
O 
P 
# 
loop_
_atom_site.group_PDB 
_atom_site.id 
_atom_site.type_symbol 
_atom_site.label_atom_id 
_atom_site.label_alt_id 
_atom_site.label_comp_id 
_atom_site.label_asym_id 
_atom_site.label_entity_id 
_atom_site.label_seq_id 
_atom_site.pdbx_PDB_ins_code 
_atom_site.Cartn_x 
_atom_site.Cartn_y 
_atom_site.Cartn_z 
_atom_site.occupancy 
_atom_site.B_iso_or_equiv 
_atom_site.pdbx_formal_charge 
_atom_site.auth_seq_id 
_atom_site.auth_comp_id 
_atom_site.auth_asym_id 
_atom_site.auth_atom_id 
_atom_site.pdbx_PDB_model_num 
ATOM 1    O OP3   . G A 1 1  ? 30.240  -1.946  -8.128  1.00 212.22 ? 1  G y OP3   1 
ATOM 2    P P     . G A 1 1  ? 29.278  -2.670  -9.183  1.00 210.15 ? 1  G y P     1 
ATOM 3    O OP1   . G A 1 1  ? 30.035  -3.377  -10.291 1.00 213.34 ? 1  G y OP1   1 
ATOM 4    O OP2   . G A 1 1  ? 28.243  -3.562  -8.520  1.00 215.91 ? 1  G y OP2   1 
ATOM 5    O "O5'" . G A 1 1  ? 28.450  -1.473  -9.882  1.00 192.81 ? 1  G y "O5'" 1 
ATOM 6    C "C5'" . G A 1 1  ? 28.914  -0.917  -11.140 1.00 178.58 ? 1  G y "C5'" 1 
ATOM 7    C "C4'" . G A 1 1  ? 30.155  -0.080  -10.932 1.00 169.83 ? 1  G y "C4'" 1 
ATOM 8    O "O4'" . G A 1 1  ? 30.642  0.319   -12.243 1.00 166.06 ? 1  G y "O4'" 1 
ATOM 9    C "C3'" . G A 1 1  ? 29.984  1.233   -10.147 1.00 164.18 ? 1  G y "C3'" 1 
ATOM 10   O "O3'" . G A 1 1  ? 30.227  1.171   -8.741  1.00 157.54 ? 1  G y "O3'" 1 
ATOM 11   C "C2'" . G A 1 1  ? 31.007  2.139   -10.840 1.00 163.60 ? 1  G y "C2'" 1 
ATOM 12   O "O2'" . G A 1 1  ? 32.331  1.924   -10.399 1.00 165.87 ? 1  G y "O2'" 1 
ATOM 13   C "C1'" . G A 1 1  ? 30.837  1.714   -12.293 1.00 162.09 ? 1  G y "C1'" 1 
ATOM 14   N N9    . G A 1 1  ? 29.705  2.315   -12.997 1.00 155.48 ? 1  G y N9    1 
ATOM 15   C C8    . G A 1 1  ? 28.673  1.649   -13.608 1.00 153.07 ? 1  G y C8    1 
ATOM 16   N N7    . G A 1 1  ? 27.788  2.445   -14.155 1.00 149.98 ? 1  G y N7    1 
ATOM 17   C C5    . G A 1 1  ? 28.272  3.721   -13.898 1.00 147.70 ? 1  G y C5    1 
ATOM 18   C C6    . G A 1 1  ? 27.739  4.986   -14.251 1.00 146.34 ? 1  G y C6    1 
ATOM 19   O O6    . G A 1 1  ? 26.699  5.217   -14.885 1.00 144.50 ? 1  G y O6    1 
ATOM 20   N N1    . G A 1 1  ? 28.551  6.024   -13.797 1.00 146.67 ? 1  G y N1    1 
ATOM 21   C C2    . G A 1 1  ? 29.721  5.870   -13.094 1.00 145.93 ? 1  G y C2    1 
ATOM 22   N N2    . G A 1 1  ? 30.360  6.992   -12.738 1.00 148.28 ? 1  G y N2    1 
ATOM 23   N N3    . G A 1 1  ? 30.231  4.683   -12.769 1.00 145.29 ? 1  G y N3    1 
ATOM 24   C C4    . G A 1 1  ? 29.456  3.656   -13.195 1.00 149.11 ? 1  G y C4    1 
ATOM 25   P P     . G A 1 2  ? 29.030  1.476   -7.684  1.00 153.60 ? 2  G y P     1 
ATOM 26   O OP1   . G A 1 2  ? 28.809  0.263   -6.796  1.00 153.82 ? 2  G y OP1   1 
ATOM 27   O OP2   . G A 1 2  ? 27.812  1.977   -8.427  1.00 155.65 ? 2  G y OP2   1 
ATOM 28   O "O5'" . G A 1 2  ? 29.538  2.707   -6.754  1.00 144.92 ? 2  G y "O5'" 1 
ATOM 29   C "C5'" . G A 1 2  ? 30.921  3.137   -6.747  1.00 139.43 ? 2  G y "C5'" 1 
ATOM 30   C "C4'" . G A 1 2  ? 31.005  4.622   -7.018  1.00 131.59 ? 2  G y "C4'" 1 
ATOM 31   O "O4'" . G A 1 2  ? 30.858  4.865   -8.438  1.00 125.63 ? 2  G y "O4'" 1 
ATOM 32   C "C3'" . G A 1 2  ? 29.935  5.520   -6.386  1.00 127.91 ? 2  G y "C3'" 1 
ATOM 33   O "O3'" . G A 1 2  ? 30.281  5.833   -5.045  1.00 133.02 ? 2  G y "O3'" 1 
ATOM 34   C "C2'" . G A 1 2  ? 30.015  6.758   -7.280  1.00 126.22 ? 2  G y "C2'" 1 
ATOM 35   O "O2'" . G A 1 2  ? 31.084  7.608   -6.926  1.00 133.16 ? 2  G y "O2'" 1 
ATOM 36   C "C1'" . G A 1 2  ? 30.259  6.126   -8.649  1.00 124.79 ? 2  G y "C1'" 1 
ATOM 37   N N9    . G A 1 2  ? 29.062  5.942   -9.462  1.00 123.74 ? 2  G y N9    1 
ATOM 38   C C8    . G A 1 2  ? 28.545  4.755   -9.909  1.00 123.71 ? 2  G y C8    1 
ATOM 39   N N7    . G A 1 2  ? 27.477  4.898   -10.654 1.00 118.71 ? 2  G y N7    1 
ATOM 40   C C5    . G A 1 2  ? 27.282  6.270   -10.702 1.00 115.14 ? 2  G y C5    1 
ATOM 41   C C6    . G A 1 2  ? 26.281  7.021   -11.361 1.00 111.31 ? 2  G y C6    1 
ATOM 42   O O6    . G A 1 2  ? 25.340  6.609   -12.053 1.00 109.87 ? 2  G y O6    1 
ATOM 43   N N1    . G A 1 2  ? 26.452  8.387   -11.144 1.00 112.84 ? 2  G y N1    1 
ATOM 44   C C2    . G A 1 2  ? 27.450  8.956   -10.395 1.00 116.28 ? 2  G y C2    1 
ATOM 45   N N2    . G A 1 2  ? 27.450  10.292  -10.302 1.00 119.97 ? 2  G y N2    1 
ATOM 46   N N3    . G A 1 2  ? 28.399  8.256   -9.780  1.00 118.06 ? 2  G y N3    1 
ATOM 47   C C4    . G A 1 2  ? 28.253  6.926   -9.976  1.00 118.83 ? 2  G y C4    1 
ATOM 48   P P     . A A 1 3  ? 29.230  5.590   -3.886  1.00 138.00 ? 3  A y P     1 
ATOM 49   O OP1   . A A 1 3  ? 29.734  6.261   -2.664  1.00 141.93 ? 3  A y OP1   1 
ATOM 50   O OP2   . A A 1 3  ? 28.892  4.142   -3.856  1.00 139.08 ? 3  A y OP2   1 
ATOM 51   O "O5'" . A A 1 3  ? 27.986  6.452   -4.373  1.00 136.51 ? 3  A y "O5'" 1 
ATOM 52   C "C5'" . A A 1 3  ? 27.395  7.395   -3.471  1.00 135.11 ? 3  A y "C5'" 1 
ATOM 53   C "C4'" . A A 1 3  ? 27.500  8.816   -3.969  1.00 135.59 ? 3  A y "C4'" 1 
ATOM 54   O "O4'" . A A 1 3  ? 27.895  8.858   -5.370  1.00 131.09 ? 3  A y "O4'" 1 
ATOM 55   C "C3'" . A A 1 3  ? 26.175  9.567   -3.884  1.00 141.10 ? 3  A y "C3'" 1 
ATOM 56   O "O3'" . A A 1 3  ? 26.031  10.203  -2.622  1.00 150.23 ? 3  A y "O3'" 1 
ATOM 57   C "C2'" . A A 1 3  ? 26.250  10.538  -5.053  1.00 138.02 ? 3  A y "C2'" 1 
ATOM 58   O "O2'" . A A 1 3  ? 26.917  11.738  -4.724  1.00 140.80 ? 3  A y "O2'" 1 
ATOM 59   C "C1'" . A A 1 3  ? 27.025  9.719   -6.091  1.00 132.09 ? 3  A y "C1'" 1 
ATOM 60   N N9    . A A 1 3  ? 26.193  8.887   -6.961  1.00 126.96 ? 3  A y N9    1 
ATOM 61   C C8    . A A 1 3  ? 26.325  7.531   -7.137  1.00 125.63 ? 3  A y C8    1 
ATOM 62   N N7    . A A 1 3  ? 25.453  7.017   -7.967  1.00 122.83 ? 3  A y N7    1 
ATOM 63   C C5    . A A 1 3  ? 24.698  8.108   -8.374  1.00 120.37 ? 3  A y C5    1 
ATOM 64   C C6    . A A 1 3  ? 23.620  8.226   -9.264  1.00 119.73 ? 3  A y C6    1 
ATOM 65   N N6    . A A 1 3  ? 23.089  7.193   -9.921  1.00 120.28 ? 3  A y N6    1 
ATOM 66   N N1    . A A 1 3  ? 23.089  9.456   -9.449  1.00 120.24 ? 3  A y N1    1 
ATOM 67   C C2    . A A 1 3  ? 23.620  10.487  -8.783  1.00 121.67 ? 3  A y C2    1 
ATOM 68   N N3    . A A 1 3  ? 24.641  10.505  -7.929  1.00 119.75 ? 3  A y N3    1 
ATOM 69   C C4    . A A 1 3  ? 25.145  9.268   -7.769  1.00 120.96 ? 3  A y C4    1 
ATOM 70   P P     . G A 1 4  ? 24.977  9.634   -1.583  1.00 159.53 ? 4  G y P     1 
ATOM 71   O OP1   . G A 1 4  ? 25.704  9.152   -0.344  1.00 161.35 ? 4  G y OP1   1 
ATOM 72   O OP2   . G A 1 4  ? 24.102  8.607   -2.281  1.00 156.64 ? 4  G y OP2   1 
ATOM 73   O "O5'" . G A 1 4  ? 24.081  10.912  -1.219  1.00 157.54 ? 4  G y "O5'" 1 
ATOM 74   C "C5'" . G A 1 4  ? 22.688  10.875  -1.589  1.00 152.77 ? 4  G y "C5'" 1 
ATOM 75   C "C4'" . G A 1 4  ? 22.412  11.895  -2.664  1.00 151.08 ? 4  G y "C4'" 1 
ATOM 76   O "O4'" . G A 1 4  ? 23.049  11.494  -3.904  1.00 141.64 ? 4  G y "O4'" 1 
ATOM 77   C "C3'" . G A 1 4  ? 20.924  12.067  -2.993  1.00 154.32 ? 4  G y "C3'" 1 
ATOM 78   O "O3'" . G A 1 4  ? 20.345  13.099  -2.207  1.00 158.24 ? 4  G y "O3'" 1 
ATOM 79   C "C2'" . G A 1 4  ? 20.942  12.416  -4.481  1.00 147.45 ? 4  G y "C2'" 1 
ATOM 80   O "O2'" . G A 1 4  ? 21.098  13.805  -4.680  1.00 148.95 ? 4  G y "O2'" 1 
ATOM 81   C "C1'" . G A 1 4  ? 22.163  11.648  -4.990  1.00 137.43 ? 4  G y "C1'" 1 
ATOM 82   N N9    . G A 1 4  ? 21.921  10.335  -5.588  1.00 125.35 ? 4  G y N9    1 
ATOM 83   C C8    . G A 1 4  ? 22.664  9.206   -5.352  1.00 121.45 ? 4  G y C8    1 
ATOM 84   N N7    . G A 1 4  ? 22.269  8.167   -6.044  1.00 116.68 ? 4  G y N7    1 
ATOM 85   C C5    . G A 1 4  ? 21.208  8.645   -6.800  1.00 115.71 ? 4  G y C5    1 
ATOM 86   C C6    . G A 1 4  ? 20.391  7.975   -7.742  1.00 114.16 ? 4  G y C6    1 
ATOM 87   O O6    . G A 1 4  ? 20.444  6.791   -8.103  1.00 113.34 ? 4  G y O6    1 
ATOM 88   N N1    . G A 1 4  ? 19.430  8.832   -8.278  1.00 114.95 ? 4  G y N1    1 
ATOM 89   C C2    . G A 1 4  ? 19.269  10.153  -7.946  1.00 117.95 ? 4  G y C2    1 
ATOM 90   N N2    . G A 1 4  ? 18.282  10.814  -8.563  1.00 118.08 ? 4  G y N2    1 
ATOM 91   N N3    . G A 1 4  ? 20.041  10.787  -7.070  1.00 118.22 ? 4  G y N3    1 
ATOM 92   C C4    . G A 1 4  ? 20.987  9.980   -6.538  1.00 119.44 ? 4  G y C4    1 
ATOM 93   P P     . G A 1 5  ? 19.323  12.724  -1.047  1.00 161.72 ? 5  G y P     1 
ATOM 94   O OP1   . G A 1 5  ? 18.268  13.806  -0.950  1.00 167.79 ? 5  G y OP1   1 
ATOM 95   O OP2   . G A 1 5  ? 20.100  12.461  0.225   1.00 163.28 ? 5  G y OP2   1 
ATOM 96   O "O5'" . G A 1 5  ? 18.676  11.340  -1.562  1.00 156.70 ? 5  G y "O5'" 1 
ATOM 97   C "C5'" . G A 1 5  ? 17.251  11.119  -1.418  1.00 153.55 ? 5  G y "C5'" 1 
ATOM 98   C "C4'" . G A 1 5  ? 16.499  11.695  -2.595  1.00 149.91 ? 5  G y "C4'" 1 
ATOM 99   O "O4'" . G A 1 5  ? 17.351  11.709  -3.772  1.00 142.34 ? 5  G y "O4'" 1 
ATOM 100  C "C3'" . G A 1 5  ? 15.241  10.920  -3.013  1.00 153.57 ? 5  G y "C3'" 1 
ATOM 101  O "O3'" . G A 1 5  ? 14.071  11.354  -2.326  1.00 154.17 ? 5  G y "O3'" 1 
ATOM 102  C "C2'" . G A 1 5  ? 15.190  11.216  -4.514  1.00 148.70 ? 5  G y "C2'" 1 
ATOM 103  O "O2'" . G A 1 5  ? 14.692  12.506  -4.793  1.00 151.19 ? 5  G y "O2'" 1 
ATOM 104  C "C1'" . G A 1 5  ? 16.672  11.134  -4.867  1.00 138.89 ? 5  G y "C1'" 1 
ATOM 105  N N9    . G A 1 5  ? 17.191  9.785   -5.064  1.00 126.88 ? 5  G y N9    1 
ATOM 106  C C8    . G A 1 5  ? 18.300  9.251   -4.455  1.00 123.08 ? 5  G y C8    1 
ATOM 107  N N7    . G A 1 5  ? 18.553  8.021   -4.823  1.00 122.25 ? 5  G y N7    1 
ATOM 108  C C5    . G A 1 5  ? 17.559  7.732   -5.748  1.00 119.12 ? 5  G y C5    1 
ATOM 109  C C6    . G A 1 5  ? 17.330  6.550   -6.494  1.00 116.56 ? 5  G y C6    1 
ATOM 110  O O6    . G A 1 5  ? 17.977  5.494   -6.482  1.00 113.34 ? 5  G y O6    1 
ATOM 111  N N1    . G A 1 5  ? 16.215  6.678   -7.321  1.00 116.25 ? 5  G y N1    1 
ATOM 112  C C2    . G A 1 5  ? 15.420  7.792   -7.413  1.00 117.55 ? 5  G y C2    1 
ATOM 113  N N2    . G A 1 5  ? 14.385  7.720   -8.259  1.00 118.37 ? 5  G y N2    1 
ATOM 114  N N3    . G A 1 5  ? 15.635  8.909   -6.721  1.00 118.71 ? 5  G y N3    1 
ATOM 115  C C4    . G A 1 5  ? 16.718  8.810   -5.913  1.00 120.41 ? 5  G y C4    1 
ATOM 116  P P     . G A 1 6  A 13.428  10.466  -1.131  1.00 154.51 ? 5  G y P     1 
ATOM 117  O OP1   . G A 1 6  A 13.247  11.337  0.098   1.00 160.85 ? 5  G y OP1   1 
ATOM 118  O OP2   . G A 1 6  A 14.236  9.198   -0.919  1.00 153.40 ? 5  G y OP2   1 
ATOM 119  O "O5'" . G A 1 6  A 11.978  10.037  -1.695  1.00 150.36 ? 5  G y "O5'" 1 
ATOM 120  C "C5'" . G A 1 6  A 11.274  10.935  -2.588  1.00 147.86 ? 5  G y "C5'" 1 
ATOM 121  C "C4'" . G A 1 6  A 10.762  10.173  -3.787  1.00 147.07 ? 5  G y "C4'" 1 
ATOM 122  O "O4'" . G A 1 6  A 11.870  9.800   -4.648  1.00 139.63 ? 5  G y "O4'" 1 
ATOM 123  C "C3'" . G A 1 6  A 10.054  8.844   -3.509  1.00 150.35 ? 5  G y "C3'" 1 
ATOM 124  O "O3'" . G A 1 6  A 8.703   9.051   -3.120  1.00 159.42 ? 5  G y "O3'" 1 
ATOM 125  C "C2'" . G A 1 6  A 10.182  8.153   -4.868  1.00 144.88 ? 5  G y "C2'" 1 
ATOM 126  O "O2'" . G A 1 6  A 9.219   8.600   -5.797  1.00 147.68 ? 5  G y "O2'" 1 
ATOM 127  C "C1'" . G A 1 6  A 11.584  8.581   -5.297  1.00 134.96 ? 5  G y "C1'" 1 
ATOM 128  N N9    . G A 1 6  A 12.642  7.624   -4.985  1.00 122.10 ? 5  G y N9    1 
ATOM 129  C C8    . G A 1 6  A 13.704  7.831   -4.143  1.00 116.57 ? 5  G y C8    1 
ATOM 130  N N7    . G A 1 6  A 14.517  6.807   -4.069  1.00 114.87 ? 5  G y N7    1 
ATOM 131  C C5    . G A 1 6  A 13.959  5.868   -4.925  1.00 112.78 ? 5  G y C5    1 
ATOM 132  C C6    . G A 1 6  A 14.405  4.566   -5.257  1.00 109.69 ? 5  G y C6    1 
ATOM 133  O O6    . G A 1 6  A 15.405  3.966   -4.838  1.00 108.06 ? 5  G y O6    1 
ATOM 134  N N1    . G A 1 6  A 13.554  3.957   -6.178  1.00 110.70 ? 5  G y N1    1 
ATOM 135  C C2    . G A 1 6  A 12.416  4.518   -6.695  1.00 113.08 ? 5  G y C2    1 
ATOM 136  N N2    . G A 1 6  A 11.720  3.765   -7.556  1.00 115.68 ? 5  G y N2    1 
ATOM 137  N N3    . G A 1 6  A 11.991  5.742   -6.388  1.00 113.87 ? 5  G y N3    1 
ATOM 138  C C4    . G A 1 6  A 12.810  6.360   -5.504  1.00 115.27 ? 5  G y C4    1 
ATOM 139  P P     . G A 1 7  B 8.167   8.389   -1.778  1.00 165.03 ? 5  G y P     1 
ATOM 140  O OP1   . G A 1 7  B 6.647   8.453   -1.771  1.00 166.17 ? 5  G y OP1   1 
ATOM 141  O OP2   . G A 1 7  B 8.854   9.054   -0.602  1.00 162.77 ? 5  G y OP2   1 
ATOM 142  O "O5'" . G A 1 7  B 8.686   6.858   -1.879  1.00 156.98 ? 5  G y "O5'" 1 
ATOM 143  C "C5'" . G A 1 7  B 7.750   5.759   -1.715  1.00 154.23 ? 5  G y "C5'" 1 
ATOM 144  C "C4'" . G A 1 7  B 7.359   5.209   -3.064  1.00 150.35 ? 5  G y "C4'" 1 
ATOM 145  O "O4'" . G A 1 7  B 8.448   5.402   -4.004  1.00 143.91 ? 5  G y "O4'" 1 
ATOM 146  C "C3'" . G A 1 7  B 7.062   3.705   -3.112  1.00 152.86 ? 5  G y "C3'" 1 
ATOM 147  O "O3'" . G A 1 7  B 5.704   3.416   -2.824  1.00 155.52 ? 5  G y "O3'" 1 
ATOM 148  C "C2'" . G A 1 7  B 7.445   3.352   -4.550  1.00 149.88 ? 5  G y "C2'" 1 
ATOM 149  O "O2'" . G A 1 7  B 6.465   3.730   -5.493  1.00 155.22 ? 5  G y "O2'" 1 
ATOM 150  C "C1'" . G A 1 7  B 8.688   4.216   -4.727  1.00 142.62 ? 5  G y "C1'" 1 
ATOM 151  N N9    . G A 1 7  B 9.946   3.642   -4.258  1.00 134.84 ? 5  G y N9    1 
ATOM 152  C C8    . G A 1 7  B 10.873  4.306   -3.495  1.00 131.04 ? 5  G y C8    1 
ATOM 153  N N7    . G A 1 7  B 11.944  3.595   -3.246  1.00 128.40 ? 5  G y N7    1 
ATOM 154  C C5    . G A 1 7  B 11.715  2.391   -3.898  1.00 127.12 ? 5  G y C5    1 
ATOM 155  C C6    . G A 1 7  B 12.530  1.236   -3.977  1.00 123.72 ? 5  G y C6    1 
ATOM 156  O O6    . G A 1 7  B 13.647  1.053   -3.473  1.00 124.53 ? 5  G y O6    1 
ATOM 157  N N1    . G A 1 7  B 11.930  0.240   -4.743  1.00 125.95 ? 5  G y N1    1 
ATOM 158  C C2    . G A 1 7  B 10.701  0.336   -5.346  1.00 131.33 ? 5  G y C2    1 
ATOM 159  N N2    . G A 1 7  B 10.289  -0.734  -6.040  1.00 134.04 ? 5  G y N2    1 
ATOM 160  N N3    . G A 1 7  B 9.926   1.418   -5.269  1.00 132.19 ? 5  G y N3    1 
ATOM 161  C C4    . G A 1 7  B 10.494  2.407   -4.536  1.00 131.41 ? 5  G y C4    1 
ATOM 162  P P     . A A 1 8  ? 5.363   2.104   -2.012  1.00 152.94 ? 6  A y P     1 
ATOM 163  O OP1   . A A 1 8  ? 3.896   1.885   -2.086  1.00 156.56 ? 6  A y OP1   1 
ATOM 164  O OP2   . A A 1 8  ? 6.026   2.217   -0.693  1.00 149.66 ? 6  A y OP2   1 
ATOM 165  O "O5'" . A A 1 8  ? 6.174   0.986   -2.803  1.00 149.91 ? 6  A y "O5'" 1 
ATOM 166  C "C5'" . A A 1 8  ? 5.579   0.183   -3.843  1.00 155.11 ? 6  A y "C5'" 1 
ATOM 167  C "C4'" . A A 1 8  ? 5.963   -1.270  -3.682  1.00 157.63 ? 6  A y "C4'" 1 
ATOM 168  O "O4'" . A A 1 8  ? 7.412   -1.416  -3.695  1.00 153.28 ? 6  A y "O4'" 1 
ATOM 169  C "C3'" . A A 1 8  ? 5.480   -1.931  -2.392  1.00 162.26 ? 6  A y "C3'" 1 
ATOM 170  O "O3'" . A A 1 8  ? 5.039   -3.256  -2.699  1.00 173.76 ? 6  A y "O3'" 1 
ATOM 171  C "C2'" . A A 1 8  ? 6.727   -1.905  -1.514  1.00 159.58 ? 6  A y "C2'" 1 
ATOM 172  O "O2'" . A A 1 8  ? 6.692   -2.855  -0.467  1.00 154.63 ? 6  A y "O2'" 1 
ATOM 173  C "C1'" . A A 1 8  ? 7.826   -2.135  -2.550  1.00 153.65 ? 6  A y "C1'" 1 
ATOM 174  N N9    . A A 1 8  ? 9.100   -1.580  -2.114  1.00 147.27 ? 6  A y N9    1 
ATOM 175  C C8    . A A 1 8  ? 9.306   -0.311  -1.640  1.00 144.05 ? 6  A y C8    1 
ATOM 176  N N7    . A A 1 8  ? 10.550  -0.065  -1.309  1.00 136.18 ? 6  A y N7    1 
ATOM 177  C C5    . A A 1 8  ? 11.208  -1.258  -1.578  1.00 135.34 ? 6  A y C5    1 
ATOM 178  C C6    . A A 1 8  ? 12.550  -1.649  -1.439  1.00 135.51 ? 6  A y C6    1 
ATOM 179  N N6    . A A 1 8  ? 13.511  -0.845  -0.983  1.00 137.49 ? 6  A y N6    1 
ATOM 180  N N1    . A A 1 8  ? 12.877  -2.908  -1.804  1.00 132.45 ? 6  A y N1    1 
ATOM 181  C C2    . A A 1 8  ? 11.915  -3.708  -2.276  1.00 133.63 ? 6  A y C2    1 
ATOM 182  N N3    . A A 1 8  ? 10.620  -3.455  -2.455  1.00 136.25 ? 6  A y N3    1 
ATOM 183  C C4    . A A 1 8  ? 10.327  -2.197  -2.083  1.00 138.70 ? 6  A y C4    1 
ATOM 184  P P     . A A 1 9  ? 4.040   -4.066  -1.707  1.00 184.86 ? 7  A y P     1 
ATOM 185  O OP1   . A A 1 9  ? 3.028   -4.761  -2.542  1.00 188.01 ? 7  A y OP1   1 
ATOM 186  O OP2   . A A 1 9  ? 3.596   -3.147  -0.624  1.00 181.16 ? 7  A y OP2   1 
ATOM 187  O "O5'" . A A 1 9  ? 4.983   -5.171  -1.048  1.00 172.00 ? 7  A y "O5'" 1 
ATOM 188  C "C5'" . A A 1 9  ? 6.049   -5.801  -1.780  1.00 163.74 ? 7  A y "C5'" 1 
ATOM 189  C "C4'" . A A 1 9  ? 6.946   -6.569  -0.840  1.00 157.00 ? 7  A y "C4'" 1 
ATOM 190  O "O4'" . A A 1 9  ? 8.307   -6.110  -0.988  1.00 148.74 ? 7  A y "O4'" 1 
ATOM 191  C "C3'" . A A 1 9  ? 6.694   -6.375  0.652   1.00 154.18 ? 7  A y "C3'" 1 
ATOM 192  O "O3'" . A A 1 9  ? 5.603   -7.153  1.104   1.00 162.24 ? 7  A y "O3'" 1 
ATOM 193  C "C2'" . A A 1 9  ? 8.018   -6.827  1.266   1.00 148.74 ? 7  A y "C2'" 1 
ATOM 194  O "O2'" . A A 1 9  ? 8.109   -8.214  1.525   1.00 149.52 ? 7  A y "O2'" 1 
ATOM 195  C "C1'" . A A 1 9  ? 9.026   -6.415  0.192   1.00 140.82 ? 7  A y "C1'" 1 
ATOM 196  N N9    . A A 1 9  ? 9.788   -5.235  0.588   1.00 126.89 ? 7  A y N9    1 
ATOM 197  C C8    . A A 1 9  ? 9.318   -3.977  0.865   1.00 119.07 ? 7  A y C8    1 
ATOM 198  N N7    . A A 1 9  ? 10.254  -3.127  1.209   1.00 111.18 ? 7  A y N7    1 
ATOM 199  C C5    . A A 1 9  ? 11.417  -3.884  1.176   1.00 111.31 ? 7  A y C5    1 
ATOM 200  C C6    . A A 1 9  ? 12.759  -3.562  1.425   1.00 109.57 ? 7  A y C6    1 
ATOM 201  N N6    . A A 1 9  ? 13.168  -2.350  1.801   1.00 109.84 ? 7  A y N6    1 
ATOM 202  N N1    . A A 1 9  ? 13.674  -4.548  1.304   1.00 111.74 ? 7  A y N1    1 
ATOM 203  C C2    . A A 1 9  ? 13.261  -5.763  0.926   1.00 113.47 ? 7  A y C2    1 
ATOM 204  N N3    . A A 1 9  ? 12.029  -6.186  0.652   1.00 115.53 ? 7  A y N3    1 
ATOM 205  C C4    . A A 1 9  ? 11.144  -5.185  0.799   1.00 117.90 ? 7  A y C4    1 
ATOM 206  P P     . A A 1 10 ? 4.513   -6.575  2.165   1.00 169.57 ? 8  A y P     1 
ATOM 207  O OP1   . A A 1 10 ? 3.960   -5.285  1.665   1.00 172.41 ? 8  A y OP1   1 
ATOM 208  O OP2   . A A 1 10 ? 5.104   -6.638  3.524   1.00 163.18 ? 8  A y OP2   1 
ATOM 209  O "O5'" . A A 1 10 ? 3.351   -7.660  2.088   1.00 181.05 ? 8  A y "O5'" 1 
ATOM 210  C "C5'" . A A 1 10 ? 2.224   -7.495  1.200   1.00 191.79 ? 8  A y "C5'" 1 
ATOM 211  C "C4'" . A A 1 10 ? 0.930   -7.441  1.981   1.00 197.63 ? 8  A y "C4'" 1 
ATOM 212  O "O4'" . A A 1 10 ? 1.051   -8.265  3.171   1.00 202.43 ? 8  A y "O4'" 1 
ATOM 213  C "C3'" . A A 1 10 ? 0.529   -6.061  2.490   1.00 201.91 ? 8  A y "C3'" 1 
ATOM 214  O "O3'" . A A 1 10 ? -0.247  -5.324  1.529   1.00 206.14 ? 8  A y "O3'" 1 
ATOM 215  C "C2'" . A A 1 10 ? -0.289  -6.377  3.740   1.00 205.81 ? 8  A y "C2'" 1 
ATOM 216  O "O2'" . A A 1 10 ? -1.654  -6.665  3.524   1.00 209.07 ? 8  A y "O2'" 1 
ATOM 217  C "C1'" . A A 1 10 ? 0.382   -7.650  4.256   1.00 207.47 ? 8  A y "C1'" 1 
ATOM 218  N N9    . A A 1 10 ? 1.349   -7.425  5.331   1.00 20.00  ? 8  A y N9    1 
ATOM 219  C C8    . A A 1 10 ? 2.708   -7.610  5.300   1.00 20.00  ? 8  A y C8    1 
ATOM 220  N N7    . A A 1 10 ? 3.306   -7.332  6.433   1.00 20.00  ? 8  A y N7    1 
ATOM 221  C C5    . A A 1 10 ? 2.268   -6.946  7.269   1.00 20.00  ? 8  A y C5    1 
ATOM 222  C C6    . A A 1 10 ? 2.241   -6.528  8.611   1.00 20.00  ? 8  A y C6    1 
ATOM 223  N N6    . A A 1 10 ? 3.330   -6.424  9.377   1.00 20.00  ? 8  A y N6    1 
ATOM 224  N N1    . A A 1 10 ? 1.041   -6.215  9.147   1.00 20.00  ? 8  A y N1    1 
ATOM 225  C C2    . A A 1 10 ? -0.050  -6.324  8.380   1.00 20.00  ? 8  A y C2    1 
ATOM 226  N N3    . A A 1 10 ? -0.153  -6.702  7.109   1.00 20.00  ? 8  A y N3    1 
ATOM 227  C C4    . A A 1 10 ? 1.057   -7.004  6.606   1.00 20.00  ? 8  A y C4    1 
ATOM 228  P P     . U A 1 11 ? 0.152   -3.802  1.089   1.00 210.98 ? 9  U y P     1 
ATOM 229  O OP1   . U A 1 11 ? 0.756   -3.860  -0.262  1.00 211.80 ? 9  U y OP1   1 
ATOM 230  O OP2   . U A 1 11 ? 0.898   -3.162  2.196   1.00 214.94 ? 9  U y OP2   1 
ATOM 231  O "O5'" . U A 1 11 ? -1.262  -3.111  0.837   1.00 221.33 ? 9  U y "O5'" 1 
ATOM 232  C "C5'" . U A 1 11 ? -1.914  -2.259  1.798   1.00 233.54 ? 9  U y "C5'" 1 
ATOM 233  C "C4'" . U A 1 11 ? -2.974  -3.045  2.536   1.00 242.46 ? 9  U y "C4'" 1 
ATOM 234  O "O4'" . U A 1 11 ? -2.350  -3.778  3.627   1.00 249.93 ? 9  U y "O4'" 1 
ATOM 235  C "C3'" . U A 1 11 ? -4.093  -2.238  3.180   1.00 246.33 ? 9  U y "C3'" 1 
ATOM 236  O "O3'" . U A 1 11 ? -5.266  -3.036  3.231   1.00 239.56 ? 9  U y "O3'" 1 
ATOM 237  C "C2'" . U A 1 11 ? -3.549  -1.971  4.582   1.00 253.95 ? 9  U y "C2'" 1 
ATOM 238  O "O2'" . U A 1 11 ? -4.550  -1.774  5.563   1.00 255.65 ? 9  U y "O2'" 1 
ATOM 239  C "C1'" . U A 1 11 ? -2.789  -3.265  4.874   1.00 259.08 ? 9  U y "C1'" 1 
ATOM 240  N N1    . U A 1 11 ? -1.620  -3.083  5.755   1.00 272.93 ? 9  U y N1    1 
ATOM 241  C C2    . U A 1 11 ? -1.831  -3.133  7.119   1.00 283.36 ? 9  U y C2    1 
ATOM 242  O O2    . U A 1 11 ? -2.928  -3.336  7.611   1.00 284.08 ? 9  U y O2    1 
ATOM 243  N N3    . U A 1 11 ? -0.706  -2.952  7.884   1.00 289.15 ? 9  U y N3    1 
ATOM 244  C C4    . U A 1 11 ? 0.579   -2.713  7.442   1.00 290.87 ? 9  U y C4    1 
ATOM 245  O O4    . U A 1 11 ? 1.487   -2.539  8.262   1.00 290.87 ? 9  U y O4    1 
ATOM 246  C C5    . U A 1 11 ? 0.713   -2.659  6.019   1.00 287.62 ? 9  U y C5    1 
ATOM 247  C C6    . U A 1 11 ? -0.363  -2.845  5.245   1.00 282.10 ? 9  U y C6    1 
ATOM 248  P P     . U A 1 12 ? -6.653  -2.456  2.716   1.00 231.29 ? 10 U y P     1 
ATOM 249  O OP1   . U A 1 12 ? -6.710  -1.018  3.066   1.00 230.22 ? 10 U y OP1   1 
ATOM 250  O OP2   . U A 1 12 ? -7.725  -3.365  3.183   1.00 232.28 ? 10 U y OP2   1 
ATOM 251  O "O5'" . U A 1 12 ? -6.534  -2.563  1.132   1.00 216.31 ? 10 U y "O5'" 1 
ATOM 252  C "C5'" . U A 1 12 ? -7.274  -1.643  0.308   1.00 205.12 ? 10 U y "C5'" 1 
ATOM 253  C "C4'" . U A 1 12 ? -7.461  -2.197  -1.085  1.00 198.27 ? 10 U y "C4'" 1 
ATOM 254  O "O4'" . U A 1 12 ? -8.867  -2.099  -1.453  1.00 192.62 ? 10 U y "O4'" 1 
ATOM 255  C "C3'" . U A 1 12 ? -6.680  -1.450  -2.157  1.00 194.46 ? 10 U y "C3'" 1 
ATOM 256  O "O3'" . U A 1 12 ? -5.513  -2.177  -2.513  1.00 195.63 ? 10 U y "O3'" 1 
ATOM 257  C "C2'" . U A 1 12 ? -7.663  -1.367  -3.323  1.00 187.93 ? 10 U y "C2'" 1 
ATOM 258  O "O2'" . U A 1 12 ? -7.629  -2.534  -4.117  1.00 185.07 ? 10 U y "O2'" 1 
ATOM 259  C "C1'" . U A 1 12 ? -9.010  -1.289  -2.603  1.00 185.89 ? 10 U y "C1'" 1 
ATOM 260  N N1    . U A 1 12 ? -9.534  0.023   -2.172  1.00 179.37 ? 10 U y N1    1 
ATOM 261  C C2    . U A 1 12 ? -9.646  1.069   -3.079  1.00 171.49 ? 10 U y C2    1 
ATOM 262  O O2    . U A 1 12 ? -9.264  0.997   -4.235  1.00 167.79 ? 10 U y O2    1 
ATOM 263  N N3    . U A 1 12 ? -10.199 2.215   -2.567  1.00 171.03 ? 10 U y N3    1 
ATOM 264  C C4    . U A 1 12 ? -10.660 2.421   -1.285  1.00 176.05 ? 10 U y C4    1 
ATOM 265  O O4    . U A 1 12 ? -11.137 3.513   -0.980  1.00 178.75 ? 10 U y O4    1 
ATOM 266  C C5    . U A 1 12 ? -10.545 1.286   -0.424  1.00 179.82 ? 10 U y C5    1 
ATOM 267  C C6    . U A 1 12 ? -10.020 0.150   -0.891  1.00 179.84 ? 10 U y C6    1 
ATOM 268  P P     . C A 1 13 ? -4.076  -1.722  -1.969  1.00 196.81 ? 11 C y P     1 
ATOM 269  O OP1   . C A 1 13 ? -3.363  -2.945  -1.527  1.00 199.52 ? 11 C y OP1   1 
ATOM 270  O OP2   . C A 1 13 ? -4.276  -0.614  -0.997  1.00 199.43 ? 11 C y OP2   1 
ATOM 271  O "O5'" . C A 1 13 ? -3.378  -1.144  -3.284  1.00 186.53 ? 11 C y "O5'" 1 
ATOM 272  C "C5'" . C A 1 13 ? -3.116  0.269   -3.442  1.00 179.44 ? 11 C y "C5'" 1 
ATOM 273  C "C4'" . C A 1 13 ? -3.537  0.763   -4.811  1.00 170.47 ? 11 C y "C4'" 1 
ATOM 274  O "O4'" . C A 1 13 ? -4.993  0.796   -4.892  1.00 164.03 ? 11 C y "O4'" 1 
ATOM 275  C "C3'" . C A 1 13 ? -3.075  2.176   -5.145  1.00 166.41 ? 11 C y "C3'" 1 
ATOM 276  O "O3'" . C A 1 13 ? -1.846  2.215   -5.870  1.00 164.36 ? 11 C y "O3'" 1 
ATOM 277  C "C2'" . C A 1 13 ? -4.214  2.705   -6.007  1.00 159.18 ? 11 C y "C2'" 1 
ATOM 278  O "O2'" . C A 1 13 ? -4.135  2.246   -7.343  1.00 156.08 ? 11 C y "O2'" 1 
ATOM 279  C "C1'" . C A 1 13 ? -5.429  2.073   -5.329  1.00 158.38 ? 11 C y "C1'" 1 
ATOM 280  N N1    . C A 1 13 ? -6.029  2.780   -4.169  1.00 156.09 ? 11 C y N1    1 
ATOM 281  C C2    . C A 1 13 ? -6.485  4.102   -4.299  1.00 153.37 ? 11 C y C2    1 
ATOM 282  O O2    . C A 1 13 ? -6.340  4.688   -5.382  1.00 150.84 ? 11 C y O2    1 
ATOM 283  N N3    . C A 1 13 ? -7.057  4.709   -3.233  1.00 154.37 ? 11 C y N3    1 
ATOM 284  C C4    . C A 1 13 ? -7.210  4.043   -2.087  1.00 161.04 ? 11 C y C4    1 
ATOM 285  N N4    . C A 1 13 ? -7.780  4.680   -1.063  1.00 163.79 ? 11 C y N4    1 
ATOM 286  C C5    . C A 1 13 ? -6.773  2.696   -1.934  1.00 160.26 ? 11 C y C5    1 
ATOM 287  C C6    . C A 1 13 ? -6.207  2.106   -2.993  1.00 156.97 ? 11 C y C6    1 
ATOM 288  P P     . U A 1 14 ? -0.489  2.779   -5.184  1.00 165.19 ? 12 U y P     1 
ATOM 289  O OP1   . U A 1 14 ? 0.600   1.809   -5.454  1.00 166.04 ? 12 U y OP1   1 
ATOM 290  O OP2   . U A 1 14 ? -0.778  3.190   -3.779  1.00 167.07 ? 12 U y OP2   1 
ATOM 291  O "O5'" . U A 1 14 ? -0.166  4.111   -5.997  1.00 152.61 ? 12 U y "O5'" 1 
ATOM 292  C "C5'" . U A 1 14 ? -0.792  4.433   -7.253  1.00 144.79 ? 12 U y "C5'" 1 
ATOM 293  C "C4'" . U A 1 14 ? -1.175  5.897   -7.287  1.00 143.92 ? 12 U y "C4'" 1 
ATOM 294  O "O4'" . U A 1 14 ? -2.557  6.050   -6.864  1.00 141.33 ? 12 U y "O4'" 1 
ATOM 295  C "C3'" . U A 1 14 ? -0.413  6.821   -6.349  1.00 142.69 ? 12 U y "C3'" 1 
ATOM 296  O "O3'" . U A 1 14 ? 0.864   7.207   -6.851  1.00 146.42 ? 12 U y "O3'" 1 
ATOM 297  C "C2'" . U A 1 14 ? -1.364  8.008   -6.253  1.00 138.16 ? 12 U y "C2'" 1 
ATOM 298  O "O2'" . U A 1 14 ? -1.269  8.874   -7.365  1.00 135.28 ? 12 U y "O2'" 1 
ATOM 299  C "C1'" . U A 1 14 ? -2.723  7.304   -6.214  1.00 138.14 ? 12 U y "C1'" 1 
ATOM 300  N N1    . U A 1 14 ? -3.253  7.064   -4.859  1.00 132.77 ? 12 U y N1    1 
ATOM 301  C C2    . U A 1 14 ? -3.866  8.118   -4.207  1.00 129.83 ? 12 U y C2    1 
ATOM 302  O O2    . U A 1 14 ? -3.974  9.230   -4.695  1.00 128.68 ? 12 U y O2    1 
ATOM 303  N N3    . U A 1 14 ? -4.350  7.818   -2.957  1.00 130.94 ? 12 U y N3    1 
ATOM 304  C C4    . U A 1 14 ? -4.293  6.605   -2.308  1.00 134.06 ? 12 U y C4    1 
ATOM 305  O O4    . U A 1 14 ? -4.772  6.497   -1.178  1.00 136.28 ? 12 U y O4    1 
ATOM 306  C C5    . U A 1 14 ? -3.643  5.567   -3.045  1.00 130.93 ? 12 U y C5    1 
ATOM 307  C C6    . U A 1 14 ? -3.163  5.825   -4.268  1.00 129.37 ? 12 U y C6    1 
ATOM 308  P P     . A A 1 15 ? 2.112   7.355   -5.849  1.00 150.26 ? 13 A y P     1 
ATOM 309  O OP1   . A A 1 15 ? 3.307   7.710   -6.653  1.00 150.87 ? 13 A y OP1   1 
ATOM 310  O OP2   . A A 1 15 ? 2.147   6.167   -4.957  1.00 148.92 ? 13 A y OP2   1 
ATOM 311  O "O5'" . A A 1 15 ? 1.738   8.639   -4.986  1.00 145.74 ? 13 A y "O5'" 1 
ATOM 312  C "C5'" . A A 1 15 ? 2.410   9.883   -5.244  1.00 143.91 ? 13 A y "C5'" 1 
ATOM 313  C "C4'" . A A 1 15 ? 1.547   11.075  -4.901  1.00 141.96 ? 13 A y "C4'" 1 
ATOM 314  O "O4'" . A A 1 15 ? 0.136   10.719  -4.865  1.00 136.90 ? 13 A y "O4'" 1 
ATOM 315  C "C3'" . A A 1 15 ? 1.811   11.708  -3.542  1.00 142.46 ? 13 A y "C3'" 1 
ATOM 316  O "O3'" . A A 1 15 ? 2.942   12.571  -3.593  1.00 146.56 ? 13 A y "O3'" 1 
ATOM 317  C "C2'" . A A 1 15 ? 0.508   12.456  -3.300  1.00 137.35 ? 13 A y "C2'" 1 
ATOM 318  O "O2'" . A A 1 15 ? 0.438   13.660  -4.036  1.00 138.54 ? 13 A y "O2'" 1 
ATOM 319  C "C1'" . A A 1 15 ? -0.512  11.451  -3.836  1.00 136.65 ? 13 A y "C1'" 1 
ATOM 320  N N9    . A A 1 15 ? -1.014  10.494  -2.848  1.00 137.07 ? 13 A y N9    1 
ATOM 321  C C8    . A A 1 15 ? -0.894  9.128   -2.902  1.00 139.71 ? 13 A y C8    1 
ATOM 322  N N7    . A A 1 15 ? -1.468  8.505   -1.903  1.00 138.91 ? 13 A y N7    1 
ATOM 323  C C5    . A A 1 15 ? -2.003  9.529   -1.135  1.00 136.05 ? 13 A y C5    1 
ATOM 324  C C6    . A A 1 15 ? -2.732  9.528   0.066   1.00 135.71 ? 13 A y C6    1 
ATOM 325  N N6    . A A 1 15 ? -3.060  8.418   0.729   1.00 135.23 ? 13 A y N6    1 
ATOM 326  N N1    . A A 1 15 ? -3.117  10.721  0.571   1.00 136.43 ? 13 A y N1    1 
ATOM 327  C C2    . A A 1 15 ? -2.790  11.833  -0.099  1.00 135.62 ? 13 A y C2    1 
ATOM 328  N N3    . A A 1 15 ? -2.113  11.963  -1.240  1.00 134.60 ? 13 A y N3    1 
ATOM 329  C C4    . A A 1 15 ? -1.739  10.760  -1.710  1.00 135.44 ? 13 A y C4    1 
ATOM 330  P P     . U A 1 16 ? 4.125   12.407  -2.521  1.00 148.60 ? 14 U y P     1 
ATOM 331  O OP1   . U A 1 16 ? 5.320   13.111  -3.050  1.00 152.32 ? 14 U y OP1   1 
ATOM 332  O OP2   . U A 1 16 ? 4.224   10.967  -2.159  1.00 148.78 ? 14 U y OP2   1 
ATOM 333  O "O5'" . U A 1 16 ? 3.590   13.237  -1.269  1.00 149.33 ? 14 U y "O5'" 1 
ATOM 334  C "C5'" . U A 1 16 ? 3.474   14.673  -1.334  1.00 149.82 ? 14 U y "C5'" 1 
ATOM 335  C "C4'" . U A 1 16 ? 2.460   15.190  -0.335  1.00 149.35 ? 14 U y "C4'" 1 
ATOM 336  O "O4'" . U A 1 16 ? 1.228   14.423  -0.428  1.00 144.50 ? 14 U y "O4'" 1 
ATOM 337  C "C3'" . U A 1 16 ? 2.854   15.102  1.130   1.00 151.86 ? 14 U y "C3'" 1 
ATOM 338  O "O3'" . U A 1 16 ? 3.622   16.237  1.516   1.00 159.72 ? 14 U y "O3'" 1 
ATOM 339  C "C2'" . U A 1 16 ? 1.498   15.118  1.822   1.00 146.94 ? 14 U y "C2'" 1 
ATOM 340  O "O2'" . U A 1 16 ? 0.971   16.429  1.917   1.00 146.37 ? 14 U y "O2'" 1 
ATOM 341  C "C1'" . U A 1 16 ? 0.647   14.288  0.859   1.00 141.59 ? 14 U y "C1'" 1 
ATOM 342  N N1    . U A 1 16 ? 0.523   12.850  1.162   1.00 133.56 ? 14 U y N1    1 
ATOM 343  C C2    . U A 1 16 ? -0.198  12.475  2.282   1.00 129.76 ? 14 U y C2    1 
ATOM 344  O O2    . U A 1 16 ? -0.695  13.281  3.048   1.00 126.60 ? 14 U y O2    1 
ATOM 345  N N3    . U A 1 16 ? -0.304  11.120  2.471   1.00 132.25 ? 14 U y N3    1 
ATOM 346  C C4    . U A 1 16 ? 0.206   10.121  1.669   1.00 133.42 ? 14 U y C4    1 
ATOM 347  O O4    . U A 1 16 ? 0.026   8.942   1.976   1.00 135.56 ? 14 U y O4    1 
ATOM 348  C C5    . U A 1 16 ? 0.920   10.589  0.522   1.00 132.59 ? 14 U y C5    1 
ATOM 349  C C6    . U A 1 16 ? 1.046   11.904  0.310   1.00 132.20 ? 14 U y C6    1 
ATOM 350  P P     . C A 1 17 ? 5.057   16.047  2.204   1.00 168.75 ? 15 C y P     1 
ATOM 351  O OP1   . C A 1 17 ? 5.445   17.342  2.816   1.00 174.05 ? 15 C y OP1   1 
ATOM 352  O OP2   . C A 1 17 ? 5.959   15.407  1.211   1.00 171.68 ? 15 C y OP2   1 
ATOM 353  O "O5'" . C A 1 17 ? 4.764   14.994  3.364   1.00 163.04 ? 15 C y "O5'" 1 
ATOM 354  C "C5'" . C A 1 17 ? 5.175   15.245  4.722   1.00 159.38 ? 15 C y "C5'" 1 
ATOM 355  C "C4'" . C A 1 17 ? 3.985   15.613  5.579   1.00 154.93 ? 15 C y "C4'" 1 
ATOM 356  O "O4'" . C A 1 17 ? 2.770   15.115  4.954   1.00 147.15 ? 15 C y "O4'" 1 
ATOM 357  C "C3'" . C A 1 17 ? 4.007   15.040  6.992   1.00 154.46 ? 15 C y "C3'" 1 
ATOM 358  O "O3'" . C A 1 17 ? 4.469   16.005  7.933   1.00 160.57 ? 15 C y "O3'" 1 
ATOM 359  C "C2'" . C A 1 17 ? 2.539   14.737  7.265   1.00 149.15 ? 15 C y "C2'" 1 
ATOM 360  O "O2'" . C A 1 17 ? 1.834   15.879  7.716   1.00 149.61 ? 15 C y "O2'" 1 
ATOM 361  C "C1'" . C A 1 17 ? 2.031   14.338  5.878   1.00 139.18 ? 15 C y "C1'" 1 
ATOM 362  N N1    . C A 1 17 ? 2.121   12.914  5.468   1.00 128.36 ? 15 C y N1    1 
ATOM 363  C C2    . C A 1 17 ? 1.505   11.922  6.243   1.00 120.24 ? 15 C y C2    1 
ATOM 364  O O2    . C A 1 17 ? 0.943   12.245  7.300   1.00 121.43 ? 15 C y O2    1 
ATOM 365  N N3    . C A 1 17 ? 1.561   10.634  5.831   1.00 117.32 ? 15 C y N3    1 
ATOM 366  C C4    . C A 1 17 ? 2.171   10.325  4.687   1.00 118.29 ? 15 C y C4    1 
ATOM 367  N N4    . C A 1 17 ? 2.197   9.041   4.318   1.00 117.72 ? 15 C y N4    1 
ATOM 368  C C5    . C A 1 17 ? 2.787   11.316  3.868   1.00 122.10 ? 15 C y C5    1 
ATOM 369  C C6    . C A 1 17 ? 2.725   12.587  4.285   1.00 126.21 ? 15 C y C6    1 
ATOM 370  P P     . U A 1 18 ? 5.828   15.756  8.743   1.00 164.91 ? 16 U y P     1 
ATOM 371  O OP1   . U A 1 18 ? 5.798   16.604  9.961   1.00 166.16 ? 16 U y OP1   1 
ATOM 372  O OP2   . U A 1 18 ? 6.960   15.868  7.788   1.00 168.48 ? 16 U y OP2   1 
ATOM 373  O "O5'" . U A 1 18 ? 5.685   14.254  9.244   1.00 161.71 ? 16 U y "O5'" 1 
ATOM 374  C "C5'" . U A 1 18 ? 5.894   13.925  10.629  1.00 158.59 ? 16 U y "C5'" 1 
ATOM 375  C "C4'" . U A 1 18 ? 4.637   13.385  11.272  1.00 154.76 ? 16 U y "C4'" 1 
ATOM 376  O "O4'" . U A 1 18 ? 3.651   13.050  10.252  1.00 145.93 ? 16 U y "O4'" 1 
ATOM 377  C "C3'" . U A 1 18 ? 4.843   12.112  12.084  1.00 153.78 ? 16 U y "C3'" 1 
ATOM 378  O "O3'" . U A 1 18 ? 5.091   12.376  13.466  1.00 152.04 ? 16 U y "O3'" 1 
ATOM 379  C "C2'" . U A 1 18 ? 3.516   11.386  11.911  1.00 150.21 ? 16 U y "C2'" 1 
ATOM 380  O "O2'" . U A 1 18 ? 2.517   11.920  12.757  1.00 151.55 ? 16 U y "O2'" 1 
ATOM 381  C "C1'" . U A 1 18 ? 3.152   11.740  10.469  1.00 143.32 ? 16 U y "C1'" 1 
ATOM 382  N N1    . U A 1 18 ? 3.658   10.875  9.383   1.00 137.25 ? 16 U y N1    1 
ATOM 383  C C2    . U A 1 18 ? 3.379   9.517   9.394   1.00 132.63 ? 16 U y C2    1 
ATOM 384  O O2    . U A 1 18 ? 2.782   8.963   10.302  1.00 137.57 ? 16 U y O2    1 
ATOM 385  N N3    . U A 1 18 ? 3.863   8.824   8.313   1.00 127.08 ? 16 U y N3    1 
ATOM 386  C C4    . U A 1 18 ? 4.549   9.333   7.231   1.00 128.44 ? 16 U y C4    1 
ATOM 387  O O4    . U A 1 18 ? 4.912   8.575   6.331   1.00 129.02 ? 16 U y O4    1 
ATOM 388  C C5    . U A 1 18 ? 4.771   10.744  7.279   1.00 132.46 ? 16 U y C5    1 
ATOM 389  C C6    . U A 1 18 ? 4.318   11.450  8.320   1.00 134.74 ? 16 U y C6    1 
ATOM 390  P P     . G A 1 19 ? 6.594   12.363  14.041  1.00 150.99 ? 18 G y P     1 
ATOM 391  O OP1   . G A 1 19 ? 6.540   12.282  15.554  1.00 157.02 ? 18 G y OP1   1 
ATOM 392  O OP2   . G A 1 19 ? 7.335   13.567  13.498  1.00 146.46 ? 18 G y OP2   1 
ATOM 393  O "O5'" . G A 1 19 ? 7.245   11.024  13.400  1.00 134.99 ? 18 G y "O5'" 1 
ATOM 394  C "C5'" . G A 1 19 ? 7.942   10.085  14.250  1.00 122.50 ? 18 G y "C5'" 1 
ATOM 395  C "C4'" . G A 1 19 ? 7.057   8.890   14.481  1.00 115.53 ? 18 G y "C4'" 1 
ATOM 396  O "O4'" . G A 1 19 ? 7.894   7.715   14.611  1.00 113.52 ? 18 G y "O4'" 1 
ATOM 397  C "C3'" . G A 1 19 ? 6.218   8.940   15.766  1.00 113.27 ? 18 G y "C3'" 1 
ATOM 398  O "O3'" . G A 1 19 ? 5.045   8.151   15.682  1.00 114.32 ? 18 G y "O3'" 1 
ATOM 399  C "C2'" . G A 1 19 ? 7.155   8.281   16.775  1.00 114.16 ? 18 G y "C2'" 1 
ATOM 400  O "O2'" . G A 1 19 ? 6.499   7.838   17.948  1.00 116.78 ? 18 G y "O2'" 1 
ATOM 401  C "C1'" . G A 1 19 ? 7.744   7.176   15.902  1.00 111.96 ? 18 G y "C1'" 1 
ATOM 402  N N9    . G A 1 19 ? 9.045   6.731   16.373  1.00 107.74 ? 18 G y N9    1 
ATOM 403  C C8    . G A 1 19 ? 10.109  7.517   16.732  1.00 107.03 ? 18 G y C8    1 
ATOM 404  N N7    . G A 1 19 ? 11.133  6.824   17.168  1.00 106.44 ? 18 G y N7    1 
ATOM 405  C C5    . G A 1 19 ? 10.702  5.505   17.102  1.00 106.52 ? 18 G y C5    1 
ATOM 406  C C6    . G A 1 19 ? 11.376  4.311   17.446  1.00 107.61 ? 18 G y C6    1 
ATOM 407  O O6    . G A 1 19 ? 12.526  4.178   17.884  1.00 104.63 ? 18 G y O6    1 
ATOM 408  N N1    . G A 1 19 ? 10.571  3.195   17.221  1.00 109.15 ? 18 G y N1    1 
ATOM 409  C C2    . G A 1 19 ? 9.289   3.218   16.728  1.00 109.22 ? 18 G y C2    1 
ATOM 410  N N2    . G A 1 19 ? 8.676   2.035   16.583  1.00 112.38 ? 18 G y N2    1 
ATOM 411  N N3    . G A 1 19 ? 8.654   4.339   16.396  1.00 108.93 ? 18 G y N3    1 
ATOM 412  C C4    . G A 1 19 ? 9.420   5.434   16.610  1.00 107.05 ? 18 G y C4    1 
ATOM 413  P P     . G A 1 20 ? 3.703   8.817   15.253  1.00 113.19 ? 19 G y P     1 
ATOM 414  O OP1   . G A 1 20 ? 3.521   8.590   13.777  1.00 112.64 ? 19 G y OP1   1 
ATOM 415  O OP2   . G A 1 20 ? 3.695   10.252  15.728  1.00 115.51 ? 19 G y OP2   1 
ATOM 416  O "O5'" . G A 1 20 ? 2.603   7.986   16.063  1.00 118.11 ? 19 G y "O5'" 1 
ATOM 417  C "C5'" . G A 1 20 ? 2.131   6.744   15.491  1.00 121.32 ? 19 G y "C5'" 1 
ATOM 418  C "C4'" . G A 1 20 ? 1.282   5.978   16.480  1.00 125.64 ? 19 G y "C4'" 1 
ATOM 419  O "O4'" . G A 1 20 ? 2.075   5.605   17.633  1.00 124.12 ? 19 G y "O4'" 1 
ATOM 420  C "C3'" . G A 1 20 ? 0.037   6.678   17.045  1.00 131.48 ? 19 G y "C3'" 1 
ATOM 421  O "O3'" . G A 1 20 ? -0.995  5.749   17.363  1.00 137.43 ? 19 G y "O3'" 1 
ATOM 422  C "C2'" . G A 1 20 ? 0.572   7.292   18.342  1.00 130.83 ? 19 G y "C2'" 1 
ATOM 423  O "O2'" . G A 1 20 ? -0.432  7.510   19.309  1.00 135.53 ? 19 G y "O2'" 1 
ATOM 424  C "C1'" . G A 1 20 ? 1.573   6.229   18.793  1.00 124.91 ? 19 G y "C1'" 1 
ATOM 425  N N9    . G A 1 20 ? 2.710   6.744   19.543  1.00 119.63 ? 19 G y N9    1 
ATOM 426  C C8    . G A 1 20 ? 3.224   8.017   19.545  1.00 117.42 ? 19 G y C8    1 
ATOM 427  N N7    . G A 1 20 ? 4.266   8.150   20.332  1.00 117.89 ? 19 G y N7    1 
ATOM 428  C C5    . G A 1 20 ? 4.443   6.888   20.884  1.00 116.85 ? 19 G y C5    1 
ATOM 429  C C6    . G A 1 20 ? 5.408   6.421   21.810  1.00 117.79 ? 19 G y C6    1 
ATOM 430  O O6    . G A 1 20 ? 6.331   7.051   22.344  1.00 123.13 ? 19 G y O6    1 
ATOM 431  N N1    . G A 1 20 ? 5.226   5.066   22.093  1.00 117.93 ? 19 G y N1    1 
ATOM 432  C C2    . G A 1 20 ? 4.243   4.268   21.563  1.00 119.08 ? 19 G y C2    1 
ATOM 433  N N2    . G A 1 20 ? 4.228   2.986   21.954  1.00 124.21 ? 19 G y N2    1 
ATOM 434  N N3    . G A 1 20 ? 3.332   4.703   20.696  1.00 118.52 ? 19 G y N3    1 
ATOM 435  C C4    . G A 1 20 ? 3.491   6.015   20.407  1.00 117.51 ? 19 G y C4    1 
ATOM 436  P P     . U A 1 21 ? -1.916  5.072   16.214  1.00 142.64 ? 20 U y P     1 
ATOM 437  O OP1   . U A 1 21 ? -2.011  6.005   15.059  1.00 144.31 ? 20 U y OP1   1 
ATOM 438  O OP2   . U A 1 21 ? -3.163  4.590   16.861  1.00 146.06 ? 20 U y OP2   1 
ATOM 439  O "O5'" . U A 1 21 ? -1.088  3.770   15.816  1.00 148.85 ? 20 U y "O5'" 1 
ATOM 440  C "C5'" . U A 1 21 ? -0.758  3.453   14.452  1.00 160.25 ? 20 U y "C5'" 1 
ATOM 441  C "C4'" . U A 1 21 ? -0.671  1.954   14.303  1.00 169.99 ? 20 U y "C4'" 1 
ATOM 442  O "O4'" . U A 1 21 ? 0.483   1.513   15.065  1.00 177.05 ? 20 U y "O4'" 1 
ATOM 443  C "C3'" . U A 1 21 ? -1.892  1.203   14.838  1.00 175.65 ? 20 U y "C3'" 1 
ATOM 444  O "O3'" . U A 1 21 ? -2.953  0.760   13.963  1.00 176.73 ? 20 U y "O3'" 1 
ATOM 445  C "C2'" . U A 1 21 ? -1.310  0.056   15.675  1.00 182.08 ? 20 U y "C2'" 1 
ATOM 446  O "O2'" . U A 1 21 ? -1.242  -1.136  14.921  1.00 184.26 ? 20 U y "O2'" 1 
ATOM 447  C "C1'" . U A 1 21 ? 0.100   0.549   16.022  1.00 185.57 ? 20 U y "C1'" 1 
ATOM 448  N N1    . U A 1 21 ? 0.331   1.098   17.372  1.00 193.49 ? 20 U y N1    1 
ATOM 449  C C2    . U A 1 21 ? 1.647   1.254   17.765  1.00 197.14 ? 20 U y C2    1 
ATOM 450  O O2    . U A 1 21 ? 2.588   0.961   17.051  1.00 204.81 ? 20 U y O2    1 
ATOM 451  N N3    . U A 1 21 ? 1.816   1.769   19.025  1.00 195.01 ? 20 U y N3    1 
ATOM 452  C C4    . U A 1 21 ? 0.833   2.136   19.919  1.00 198.41 ? 20 U y C4    1 
ATOM 453  O O4    . U A 1 21 ? 1.151   2.583   21.022  1.00 193.90 ? 20 U y O4    1 
ATOM 454  C C5    . U A 1 21 ? -0.503  1.943   19.442  1.00 202.96 ? 20 U y C5    1 
ATOM 455  C C6    . U A 1 21 ? -0.704  1.444   18.216  1.00 200.00 ? 20 U y C6    1 
ATOM 456  P P     . G A 1 22 A -2.724  0.347   12.412  1.00 181.03 ? 20 G y P     1 
ATOM 457  O OP1   . G A 1 22 A -3.997  -0.289  11.891  1.00 180.30 ? 20 G y OP1   1 
ATOM 458  O OP2   . G A 1 22 A -1.491  -0.520  12.277  1.00 179.31 ? 20 G y OP2   1 
ATOM 459  O "O5'" . G A 1 22 A -2.481  1.743   11.637  1.00 170.59 ? 20 G y "O5'" 1 
ATOM 460  C "C5'" . G A 1 22 A -3.601  2.446   11.029  1.00 158.95 ? 20 G y "C5'" 1 
ATOM 461  C "C4'" . G A 1 22 A -3.519  3.897   11.432  1.00 154.74 ? 20 G y "C4'" 1 
ATOM 462  O "O4'" . G A 1 22 A -2.131  4.314   11.361  1.00 149.47 ? 20 G y "O4'" 1 
ATOM 463  C "C3'" . G A 1 22 A -4.257  4.918   10.560  1.00 155.39 ? 20 G y "C3'" 1 
ATOM 464  O "O3'" . G A 1 22 A -5.640  5.036   10.871  1.00 156.74 ? 20 G y "O3'" 1 
ATOM 465  C "C2'" . G A 1 22 A -3.481  6.186   10.922  1.00 153.50 ? 20 G y "C2'" 1 
ATOM 466  O "O2'" . G A 1 22 A -3.844  6.713   12.181  1.00 156.61 ? 20 G y "O2'" 1 
ATOM 467  C "C1'" . G A 1 22 A -2.053  5.652   10.927  1.00 147.94 ? 20 G y "C1'" 1 
ATOM 468  N N9    . G A 1 22 A -1.409  5.679   9.619   1.00 140.40 ? 20 G y N9    1 
ATOM 469  C C8    . G A 1 22 A -1.148  4.613   8.795   1.00 137.27 ? 20 G y C8    1 
ATOM 470  N N7    . G A 1 22 A -0.547  4.957   7.681   1.00 133.40 ? 20 G y N7    1 
ATOM 471  C C5    . G A 1 22 A -0.406  6.336   7.776   1.00 131.71 ? 20 G y C5    1 
ATOM 472  C C6    . G A 1 22 A 0.178   7.263   6.875   1.00 133.17 ? 20 G y C6    1 
ATOM 473  O O6    . G A 1 22 A 0.691   7.047   5.769   1.00 136.49 ? 20 G y O6    1 
ATOM 474  N N1    . G A 1 22 A 0.119   8.564   7.373   1.00 133.50 ? 20 G y N1    1 
ATOM 475  C C2    . G A 1 22 A -0.430  8.927   8.579   1.00 137.84 ? 20 G y C2    1 
ATOM 476  N N2    . G A 1 22 A -0.406  10.228  8.889   1.00 140.89 ? 20 G y N2    1 
ATOM 477  N N3    . G A 1 22 A -0.974  8.061   9.430   1.00 135.99 ? 20 G y N3    1 
ATOM 478  C C4    . G A 1 22 A -0.925  6.790   8.969   1.00 134.27 ? 20 G y C4    1 
ATOM 479  P P     . A A 1 23 ? -6.709  5.274   9.695   1.00 158.85 ? 21 A y P     1 
ATOM 480  O OP1   . A A 1 23 ? -8.063  5.018   10.249  1.00 160.40 ? 21 A y OP1   1 
ATOM 481  O OP2   . A A 1 23 ? -6.250  4.519   8.502   1.00 161.95 ? 21 A y OP2   1 
ATOM 482  O "O5'" . A A 1 23 ? -6.585  6.835   9.390   1.00 154.94 ? 21 A y "O5'" 1 
ATOM 483  C "C5'" . A A 1 23 ? -7.229  7.810   10.233  1.00 153.50 ? 21 A y "C5'" 1 
ATOM 484  C "C4'" . A A 1 23 ? -6.551  9.159   10.129  1.00 152.59 ? 21 A y "C4'" 1 
ATOM 485  O "O4'" . A A 1 23 ? -5.104  8.995   10.082  1.00 146.83 ? 21 A y "O4'" 1 
ATOM 486  C "C3'" . A A 1 23 ? -6.873  9.991   8.893   1.00 154.56 ? 21 A y "C3'" 1 
ATOM 487  O "O3'" . A A 1 23 ? -8.088  10.720  9.035   1.00 156.02 ? 21 A y "O3'" 1 
ATOM 488  C "C2'" . A A 1 23 ? -5.666  10.916  8.831   1.00 151.01 ? 21 A y "C2'" 1 
ATOM 489  O "O2'" . A A 1 23 ? -5.711  11.952  9.793   1.00 152.62 ? 21 A y "O2'" 1 
ATOM 490  C "C1'" . A A 1 23 ? -4.543  9.946   9.191   1.00 143.28 ? 21 A y "C1'" 1 
ATOM 491  N N9    . A A 1 23 ? -3.980  9.228   8.046   1.00 133.10 ? 21 A y N9    1 
ATOM 492  C C8    . A A 1 23 ? -3.995  7.874   7.816   1.00 128.49 ? 21 A y C8    1 
ATOM 493  N N7    . A A 1 23 ? -3.382  7.518   6.713   1.00 128.31 ? 21 A y N7    1 
ATOM 494  C C5    . A A 1 23 ? -2.935  8.717   6.179   1.00 130.99 ? 21 A y C5    1 
ATOM 495  C C6    . A A 1 23 ? -2.212  9.022   5.013   1.00 134.40 ? 21 A y C6    1 
ATOM 496  N N6    . A A 1 23 ? -1.802  8.102   4.135   1.00 137.55 ? 21 A y N6    1 
ATOM 497  N N1    . A A 1 23 ? -1.922  10.319  4.773   1.00 133.51 ? 21 A y N1    1 
ATOM 498  C C2    . A A 1 23 ? -2.334  11.239  5.652   1.00 133.30 ? 21 A y C2    1 
ATOM 499  N N3    . A A 1 23 ? -3.015  11.078  6.785   1.00 131.54 ? 21 A y N3    1 
ATOM 500  C C4    . A A 1 23 ? -3.292  9.778   6.992   1.00 130.07 ? 21 A y C4    1 
ATOM 501  P P     . U A 1 24 ? -9.271  10.527  7.967   1.00 161.43 ? 22 U y P     1 
ATOM 502  O OP1   . U A 1 24 ? -10.560 10.581  8.697   1.00 159.46 ? 22 U y OP1   1 
ATOM 503  O OP2   . U A 1 24 ? -8.950  9.339   7.134   1.00 164.03 ? 22 U y OP2   1 
ATOM 504  O "O5'" . U A 1 24 ? -9.158  11.829  7.050   1.00 158.73 ? 22 U y "O5'" 1 
ATOM 505  C "C5'" . U A 1 24 ? -8.795  13.111  7.603   1.00 155.78 ? 22 U y "C5'" 1 
ATOM 506  C "C4'" . U A 1 24 ? -7.914  13.885  6.645   1.00 152.51 ? 22 U y "C4'" 1 
ATOM 507  O "O4'" . U A 1 24 ? -6.623  13.235  6.518   1.00 147.33 ? 22 U y "O4'" 1 
ATOM 508  C "C3'" . U A 1 24 ? -8.417  14.005  5.217   1.00 153.72 ? 22 U y "C3'" 1 
ATOM 509  O "O3'" . U A 1 24 ? -9.320  15.103  5.126   1.00 159.12 ? 22 U y "O3'" 1 
ATOM 510  C "C2'" . U A 1 24 ? -7.130  14.296  4.452   1.00 151.01 ? 22 U y "C2'" 1 
ATOM 511  O "O2'" . U A 1 24 ? -6.769  15.661  4.522   1.00 150.44 ? 22 U y "O2'" 1 
ATOM 512  C "C1'" . U A 1 24 ? -6.116  13.431  5.206   1.00 145.29 ? 22 U y "C1'" 1 
ATOM 513  N N1    . U A 1 24 ? -5.851  12.112  4.608   1.00 138.23 ? 22 U y N1    1 
ATOM 514  C C2    . U A 1 24 ? -5.071  12.060  3.468   1.00 137.97 ? 22 U y C2    1 
ATOM 515  O O2    . U A 1 24 ? -4.615  13.056  2.934   1.00 139.38 ? 22 U y O2    1 
ATOM 516  N N3    . U A 1 24 ? -4.843  10.797  2.982   1.00 137.53 ? 22 U y N3    1 
ATOM 517  C C4    . U A 1 24 ? -5.295  9.605   3.508   1.00 135.05 ? 22 U y C4    1 
ATOM 518  O O4    . U A 1 24 ? -5.008  8.546   2.949   1.00 133.22 ? 22 U y O4    1 
ATOM 519  C C5    . U A 1 24 ? -6.084  9.742   4.694   1.00 133.97 ? 22 U y C5    1 
ATOM 520  C C6    . U A 1 24 ? -6.327  10.960  5.192   1.00 133.71 ? 22 U y C6    1 
ATOM 521  P P     . A A 1 25 ? -10.760 14.916  4.453   1.00 165.47 ? 23 A y P     1 
ATOM 522  O OP1   . A A 1 25 ? -11.296 16.262  4.140   1.00 166.94 ? 23 A y OP1   1 
ATOM 523  O OP2   . A A 1 25 ? -11.554 13.982  5.296   1.00 165.38 ? 23 A y OP2   1 
ATOM 524  O "O5'" . A A 1 25 ? -10.419 14.236  3.055   1.00 165.08 ? 23 A y "O5'" 1 
ATOM 525  C "C5'" . A A 1 25 ? -11.023 14.734  1.847   1.00 165.95 ? 23 A y "C5'" 1 
ATOM 526  C "C4'" . A A 1 25 ? -9.986  15.188  0.846   1.00 164.08 ? 23 A y "C4'" 1 
ATOM 527  O "O4'" . A A 1 25 ? -8.643  14.853  1.306   1.00 156.67 ? 23 A y "O4'" 1 
ATOM 528  C "C3'" . A A 1 25 ? -10.095 14.521  -0.521  1.00 164.96 ? 23 A y "C3'" 1 
ATOM 529  O "O3'" . A A 1 25 ? -11.115 15.067  -1.355  1.00 165.06 ? 23 A y "O3'" 1 
ATOM 530  C "C2'" . A A 1 25 ? -8.673  14.657  -1.049  1.00 160.23 ? 23 A y "C2'" 1 
ATOM 531  O "O2'" . A A 1 25 ? -8.429  15.952  -1.558  1.00 163.97 ? 23 A y "O2'" 1 
ATOM 532  C "C1'" . A A 1 25 ? -7.865  14.367  0.219   1.00 152.29 ? 23 A y "C1'" 1 
ATOM 533  N N9    . A A 1 25 ? -7.585  12.947  0.458   1.00 143.81 ? 23 A y N9    1 
ATOM 534  C C8    . A A 1 25 ? -7.961  12.224  1.562   1.00 142.09 ? 23 A y C8    1 
ATOM 535  N N7    . A A 1 25 ? -7.581  10.970  1.530   1.00 139.63 ? 23 A y N7    1 
ATOM 536  C C5    . A A 1 25 ? -6.901  10.859  0.325   1.00 136.83 ? 23 A y C5    1 
ATOM 537  C C6    . A A 1 25 ? -6.251  9.779   -0.294  1.00 134.37 ? 23 A y C6    1 
ATOM 538  N N6    . A A 1 25 ? -6.179  8.557   0.236   1.00 134.44 ? 23 A y N6    1 
ATOM 539  N N1    . A A 1 25 ? -5.678  9.997   -1.498  1.00 135.35 ? 23 A y N1    1 
ATOM 540  C C2    . A A 1 25 ? -5.747  11.226  -2.026  1.00 138.65 ? 23 A y C2    1 
ATOM 541  N N3    . A A 1 25 ? -6.322  12.324  -1.536  1.00 139.27 ? 23 A y N3    1 
ATOM 542  C C4    . A A 1 25 ? -6.888  12.070  -0.342  1.00 139.10 ? 23 A y C4    1 
ATOM 543  P P     . G A 1 26 ? -12.426 14.181  -1.692  1.00 167.69 ? 24 G y P     1 
ATOM 544  O OP1   . G A 1 26 ? -13.649 15.082  -1.733  1.00 167.05 ? 24 G y OP1   1 
ATOM 545  O OP2   . G A 1 26 ? -12.503 13.014  -0.727  1.00 169.17 ? 24 G y OP2   1 
ATOM 546  O "O5'" . G A 1 26 ? -12.146 13.582  -3.161  1.00 163.48 ? 24 G y "O5'" 1 
ATOM 547  C "C5'" . G A 1 26 ? -11.739 14.482  -4.213  1.00 156.61 ? 24 G y "C5'" 1 
ATOM 548  C "C4'" . G A 1 26 ? -10.672 13.829  -5.057  1.00 153.32 ? 24 G y "C4'" 1 
ATOM 549  O "O4'" . G A 1 26 ? -9.531  13.485  -4.232  1.00 147.00 ? 24 G y "O4'" 1 
ATOM 550  C "C3'" . G A 1 26 ? -11.035 12.507  -5.737  1.00 151.91 ? 24 G y "C3'" 1 
ATOM 551  O "O3'" . G A 1 26 ? -11.805 12.724  -6.912  1.00 154.36 ? 24 G y "O3'" 1 
ATOM 552  C "C2'" . G A 1 26 ? -9.635  11.973  -6.040  1.00 147.10 ? 24 G y "C2'" 1 
ATOM 553  O "O2'" . G A 1 26 ? -9.025  12.652  -7.115  1.00 150.65 ? 24 G y "O2'" 1 
ATOM 554  C "C1'" . G A 1 26 ? -8.936  12.304  -4.725  1.00 142.35 ? 24 G y "C1'" 1 
ATOM 555  N N9    . G A 1 26 ? -9.037  11.275  -3.698  1.00 135.51 ? 24 G y N9    1 
ATOM 556  C C8    . G A 1 26 ? -9.622  11.398  -2.463  1.00 132.27 ? 24 G y C8    1 
ATOM 557  N N7    . G A 1 26 ? -9.525  10.316  -1.731  1.00 132.27 ? 24 G y N7    1 
ATOM 558  C C5    . G A 1 26 ? -8.832  9.421   -2.538  1.00 132.19 ? 24 G y C5    1 
ATOM 559  C C6    . G A 1 26 ? -8.430  8.087   -2.284  1.00 130.75 ? 24 G y C6    1 
ATOM 560  O O6    . G A 1 26 ? -8.615  7.408   -1.266  1.00 130.78 ? 24 G y O6    1 
ATOM 561  N N1    . G A 1 26 ? -7.746  7.550   -3.374  1.00 129.47 ? 24 G y N1    1 
ATOM 562  C C2    . G A 1 26 ? -7.487  8.203   -4.551  1.00 130.47 ? 24 G y C2    1 
ATOM 563  N N2    . G A 1 26 ? -6.824  7.517   -5.489  1.00 130.40 ? 24 G y N2    1 
ATOM 564  N N3    . G A 1 26 ? -7.856  9.460   -4.792  1.00 132.18 ? 24 G y N3    1 
ATOM 565  C C4    . G A 1 26 ? -8.521  10.003  -3.748  1.00 133.16 ? 24 G y C4    1 
ATOM 566  P P     . A A 1 27 ? -13.084 11.822  -7.192  1.00 158.82 ? 25 A y P     1 
ATOM 567  O OP1   . A A 1 27 ? -13.905 12.502  -8.223  1.00 161.70 ? 25 A y OP1   1 
ATOM 568  O OP2   . A A 1 27 ? -13.694 11.462  -5.887  1.00 158.97 ? 25 A y OP2   1 
ATOM 569  O "O5'" . A A 1 27 ? -12.451 10.525  -7.855  1.00 154.13 ? 25 A y "O5'" 1 
ATOM 570  C "C5'" . A A 1 27 ? -11.867 10.608  -9.163  1.00 150.95 ? 25 A y "C5'" 1 
ATOM 571  C "C4'" . A A 1 27 ? -11.046 9.374   -9.431  1.00 149.76 ? 25 A y "C4'" 1 
ATOM 572  O "O4'" . A A 1 27 ? -10.051 9.222   -8.385  1.00 145.81 ? 25 A y "O4'" 1 
ATOM 573  C "C3'" . A A 1 27 ? -11.813 8.058   -9.407  1.00 148.75 ? 25 A y "C3'" 1 
ATOM 574  O "O3'" . A A 1 27 ? -12.436 7.793   -10.658 1.00 149.86 ? 25 A y "O3'" 1 
ATOM 575  C "C2'" . A A 1 27 ? -10.703 7.062   -9.103  1.00 147.77 ? 25 A y "C2'" 1 
ATOM 576  O "O2'" . A A 1 27 ? -9.916  6.745   -10.233 1.00 151.63 ? 25 A y "O2'" 1 
ATOM 577  C "C1'" . A A 1 27 ? -9.870  7.846   -8.091  1.00 145.12 ? 25 A y "C1'" 1 
ATOM 578  N N9    . A A 1 27 ? -10.260 7.621   -6.700  1.00 140.66 ? 25 A y N9    1 
ATOM 579  C C8    . A A 1 27 ? -10.813 8.534   -5.837  1.00 137.11 ? 25 A y C8    1 
ATOM 580  N N7    . A A 1 27 ? -11.044 8.056   -4.639  1.00 133.67 ? 25 A y N7    1 
ATOM 581  C C5    . A A 1 27 ? -10.615 6.739   -4.717  1.00 136.11 ? 25 A y C5    1 
ATOM 582  C C6    . A A 1 27 ? -10.584 5.700   -3.774  1.00 138.62 ? 25 A y C6    1 
ATOM 583  N N6    . A A 1 27 ? -11.025 5.826   -2.521  1.00 141.70 ? 25 A y N6    1 
ATOM 584  N N1    . A A 1 27 ? -10.093 4.505   -4.171  1.00 138.83 ? 25 A y N1    1 
ATOM 585  C C2    . A A 1 27 ? -9.657  4.379   -5.430  1.00 139.67 ? 25 A y C2    1 
ATOM 586  N N3    . A A 1 27 ? -9.624  5.286   -6.405  1.00 139.63 ? 25 A y N3    1 
ATOM 587  C C4    . A A 1 27 ? -10.123 6.459   -5.979  1.00 138.88 ? 25 A y C4    1 
ATOM 588  P P     . C A 1 28 ? -13.996 7.438   -10.710 1.00 151.37 ? 26 C y P     1 
ATOM 589  O OP1   . C A 1 28 ? -14.371 7.233   -12.134 1.00 156.37 ? 26 C y OP1   1 
ATOM 590  O OP2   . C A 1 28 ? -14.726 8.441   -9.898  1.00 149.69 ? 26 C y OP2   1 
ATOM 591  O "O5'" . C A 1 28 ? -14.070 6.048   -9.937  1.00 146.00 ? 26 C y "O5'" 1 
ATOM 592  C "C5'" . C A 1 28 ? -14.474 4.847   -10.614 1.00 140.58 ? 26 C y "C5'" 1 
ATOM 593  C "C4'" . C A 1 28 ? -13.478 3.731   -10.387 1.00 140.58 ? 26 C y "C4'" 1 
ATOM 594  O "O4'" . C A 1 28 ? -12.455 4.152   -9.439  1.00 138.51 ? 26 C y "O4'" 1 
ATOM 595  C "C3'" . C A 1 28 ? -14.066 2.450   -9.818  1.00 143.43 ? 26 C y "C3'" 1 
ATOM 596  O "O3'" . C A 1 28 ? -14.446 1.580   -10.882 1.00 146.38 ? 26 C y "O3'" 1 
ATOM 597  C "C2'" . C A 1 28 ? -12.885 1.870   -9.052  1.00 142.20 ? 26 C y "C2'" 1 
ATOM 598  O "O2'" . C A 1 28 ? -11.974 1.220   -9.917  1.00 142.72 ? 26 C y "O2'" 1 
ATOM 599  C "C1'" . C A 1 28 ? -12.236 3.133   -8.478  1.00 139.03 ? 26 C y "C1'" 1 
ATOM 600  N N1    . C A 1 28 ? -12.728 3.628   -7.168  1.00 133.82 ? 26 C y N1    1 
ATOM 601  C C2    . C A 1 28 ? -12.705 2.789   -6.045  1.00 132.63 ? 26 C y C2    1 
ATOM 602  O O2    . C A 1 28 ? -12.290 1.629   -6.168  1.00 132.12 ? 26 C y O2    1 
ATOM 603  N N3    . C A 1 28 ? -13.136 3.268   -4.856  1.00 132.01 ? 26 C y N3    1 
ATOM 604  C C4    . C A 1 28 ? -13.564 4.528   -4.757  1.00 130.33 ? 26 C y C4    1 
ATOM 605  N N4    . C A 1 28 ? -13.978 4.956   -3.562  1.00 132.10 ? 26 C y N4    1 
ATOM 606  C C5    . C A 1 28 ? -13.573 5.411   -5.876  1.00 130.33 ? 26 C y C5    1 
ATOM 607  C C6    . C A 1 28 ? -13.142 4.926   -7.049  1.00 130.80 ? 26 C y C6    1 
ATOM 608  P P     . G A 1 29 ? -15.988 1.218   -11.145 1.00 149.66 ? 27 G y P     1 
ATOM 609  O OP1   . G A 1 29 ? -16.058 -0.008  -12.022 1.00 156.37 ? 27 G y OP1   1 
ATOM 610  O OP2   . G A 1 29 ? -16.715 2.442   -11.671 1.00 148.13 ? 27 G y OP2   1 
ATOM 611  O "O5'" . G A 1 29 ? -16.569 0.802   -9.704  1.00 154.29 ? 27 G y "O5'" 1 
ATOM 612  C "C5'" . G A 1 29 ? -17.386 -0.394  -9.621  1.00 158.31 ? 27 G y "C5'" 1 
ATOM 613  C "C4'" . G A 1 29 ? -16.703 -1.433  -8.767  1.00 162.61 ? 27 G y "C4'" 1 
ATOM 614  O "O4'" . G A 1 29 ? -15.569 -0.841  -8.082  1.00 158.09 ? 27 G y "O4'" 1 
ATOM 615  C "C3'" . G A 1 29 ? -17.585 -2.057  -7.679  1.00 168.59 ? 27 G y "C3'" 1 
ATOM 616  O "O3'" . G A 1 29 ? -18.072 -3.321  -8.108  1.00 179.51 ? 27 G y "O3'" 1 
ATOM 617  C "C2'" . G A 1 29 ? -16.646 -2.191  -6.477  1.00 165.35 ? 27 G y "C2'" 1 
ATOM 618  O "O2'" . G A 1 29 ? -15.962 -3.426  -6.453  1.00 167.73 ? 27 G y "O2'" 1 
ATOM 619  C "C1'" . G A 1 29 ? -15.659 -1.046  -6.690  1.00 157.90 ? 27 G y "C1'" 1 
ATOM 620  N N9    . G A 1 29 ? -15.964 0.234   -6.051  1.00 151.48 ? 27 G y N9    1 
ATOM 621  C C8    . G A 1 29 ? -15.813 1.461   -6.643  1.00 147.04 ? 27 G y C8    1 
ATOM 622  N N7    . G A 1 29 ? -16.119 2.463   -5.858  1.00 144.42 ? 27 G y N7    1 
ATOM 623  C C5    . G A 1 29 ? -16.465 1.859   -4.658  1.00 146.03 ? 27 G y C5    1 
ATOM 624  C C6    . G A 1 29 ? -16.872 2.441   -3.433  1.00 145.10 ? 27 G y C6    1 
ATOM 625  O O6    . G A 1 29 ? -17.009 3.640   -3.153  1.00 145.64 ? 27 G y O6    1 
ATOM 626  N N1    . G A 1 29 ? -17.124 1.465   -2.472  1.00 144.58 ? 27 G y N1    1 
ATOM 627  C C2    . G A 1 29 ? -17.008 0.111   -2.658  1.00 148.15 ? 27 G y C2    1 
ATOM 628  N N2    . G A 1 29 ? -17.300 -0.670  -1.608  1.00 150.26 ? 27 G y N2    1 
ATOM 629  N N3    . G A 1 29 ? -16.626 -0.440  -3.807  1.00 149.82 ? 27 G y N3    1 
ATOM 630  C C4    . G A 1 29 ? -16.369 0.487   -4.759  1.00 149.14 ? 27 G y C4    1 
ATOM 631  P P     . G A 1 30 ? -19.634 -3.543  -8.349  1.00 191.38 ? 28 G y P     1 
ATOM 632  O OP1   . G A 1 30 ? -19.992 -4.961  -7.968  1.00 193.52 ? 28 G y OP1   1 
ATOM 633  O OP2   . G A 1 30 ? -19.980 -3.132  -9.767  1.00 192.70 ? 28 G y OP2   1 
ATOM 634  O "O5'" . G A 1 30 ? -20.350 -2.542  -7.310  1.00 182.20 ? 28 G y "O5'" 1 
ATOM 635  C "C5'" . G A 1 30 ? -21.592 -2.958  -6.684  1.00 175.82 ? 28 G y "C5'" 1 
ATOM 636  C "C4'" . G A 1 30 ? -21.352 -3.354  -5.246  1.00 171.53 ? 28 G y "C4'" 1 
ATOM 637  O "O4'" . G A 1 30 ? -20.112 -2.775  -4.762  1.00 162.80 ? 28 G y "O4'" 1 
ATOM 638  C "C3'" . G A 1 30 ? -22.440 -2.897  -4.268  1.00 171.01 ? 28 G y "C3'" 1 
ATOM 639  O "O3'" . G A 1 30 ? -23.371 -3.948  -4.061  1.00 175.37 ? 28 G y "O3'" 1 
ATOM 640  C "C2'" . G A 1 30 ? -21.663 -2.520  -3.005  1.00 167.37 ? 28 G y "C2'" 1 
ATOM 641  O "O2'" . G A 1 30 ? -21.452 -3.632  -2.165  1.00 171.49 ? 28 G y "O2'" 1 
ATOM 642  C "C1'" . G A 1 30 ? -20.329 -2.044  -3.576  1.00 158.22 ? 28 G y "C1'" 1 
ATOM 643  N N9    . G A 1 30 ? -20.207 -0.622  -3.880  1.00 143.29 ? 28 G y N9    1 
ATOM 644  C C8    . G A 1 30 ? -19.729 -0.105  -5.057  1.00 134.14 ? 28 G y C8    1 
ATOM 645  N N7    . G A 1 30 ? -19.665 1.201   -5.073  1.00 130.71 ? 28 G y N7    1 
ATOM 646  C C5    . G A 1 30 ? -20.117 1.571   -3.813  1.00 131.02 ? 28 G y C5    1 
ATOM 647  C C6    . G A 1 30 ? -20.272 2.861   -3.253  1.00 127.13 ? 28 G y C6    1 
ATOM 648  O O6    . G A 1 30 ? -20.032 3.957   -3.777  1.00 122.30 ? 28 G y O6    1 
ATOM 649  N N1    . G A 1 30 ? -20.749 2.794   -1.945  1.00 128.96 ? 28 G y N1    1 
ATOM 650  C C2    . G A 1 30 ? -21.048 1.640   -1.268  1.00 136.86 ? 28 G y C2    1 
ATOM 651  N N2    . G A 1 30 ? -21.493 1.783   -0.012  1.00 140.35 ? 28 G y N2    1 
ATOM 652  N N3    . G A 1 30 ? -20.909 0.423   -1.792  1.00 138.80 ? 28 G y N3    1 
ATOM 653  C C4    . G A 1 30 ? -20.441 0.462   -3.062  1.00 136.60 ? 28 G y C4    1 
ATOM 654  P P     . G A 1 31 ? -24.736 -3.913  -4.844  1.00 177.51 ? 29 G y P     1 
ATOM 655  O OP1   . G A 1 31 ? -25.800 -4.610  -4.023  1.00 178.41 ? 29 G y OP1   1 
ATOM 656  O OP2   . G A 1 31 ? -24.517 -4.454  -6.242  1.00 177.13 ? 29 G y OP2   1 
ATOM 657  O "O5'" . G A 1 31 ? -25.051 -2.343  -4.920  1.00 161.83 ? 29 G y "O5'" 1 
ATOM 658  C "C5'" . G A 1 31 ? -26.334 -1.871  -4.456  1.00 153.85 ? 29 G y "C5'" 1 
ATOM 659  C "C4'" . G A 1 31 ? -26.315 -1.550  -2.980  1.00 148.28 ? 29 G y "C4'" 1 
ATOM 660  O "O4'" . G A 1 31 ? -24.984 -1.190  -2.522  1.00 142.40 ? 29 G y "O4'" 1 
ATOM 661  C "C3'" . G A 1 31 ? -27.192 -0.353  -2.605  1.00 142.20 ? 29 G y "C3'" 1 
ATOM 662  O "O3'" . G A 1 31 ? -28.563 -0.705  -2.430  1.00 136.48 ? 29 G y "O3'" 1 
ATOM 663  C "C2'" . G A 1 31 ? -26.492 0.172   -1.349  1.00 139.51 ? 29 G y "C2'" 1 
ATOM 664  O "O2'" . G A 1 31 ? -26.875 -0.542  -0.196  1.00 145.58 ? 29 G y "O2'" 1 
ATOM 665  C "C1'" . G A 1 31 ? -25.020 -0.036  -1.705  1.00 136.75 ? 29 G y "C1'" 1 
ATOM 666  N N9    . G A 1 31 ? -24.428 1.061   -2.467  1.00 131.17 ? 29 G y N9    1 
ATOM 667  C C8    . G A 1 31 ? -23.783 0.909   -3.671  1.00 130.99 ? 29 G y C8    1 
ATOM 668  N N7    . G A 1 31 ? -23.364 2.036   -4.185  1.00 127.39 ? 29 G y N7    1 
ATOM 669  C C5    . G A 1 31 ? -23.751 2.996   -3.258  1.00 123.72 ? 29 G y C5    1 
ATOM 670  C C6    . G A 1 31 ? -23.571 4.398   -3.288  1.00 123.46 ? 29 G y C6    1 
ATOM 671  O O6    . G A 1 31 ? -23.016 5.080   -4.158  1.00 126.40 ? 29 G y O6    1 
ATOM 672  N N1    . G A 1 31 ? -24.118 5.009   -2.163  1.00 122.29 ? 29 G y N1    1 
ATOM 673  C C2    . G A 1 31 ? -24.743 4.357   -1.132  1.00 127.05 ? 29 G y C2    1 
ATOM 674  N N2    . G A 1 31 ? -25.200 5.125   -0.133  1.00 130.38 ? 29 G y N2    1 
ATOM 675  N N3    . G A 1 31 ? -24.914 3.033   -1.095  1.00 128.86 ? 29 G y N3    1 
ATOM 676  C C4    . G A 1 31 ? -24.404 2.415   -2.191  1.00 126.37 ? 29 G y C4    1 
ATOM 677  P P     . A A 1 32 ? -29.684 -0.130  -3.459  1.00 133.80 ? 30 A y P     1 
ATOM 678  O OP1   . A A 1 32 ? -30.443 -1.277  -4.028  1.00 136.70 ? 30 A y OP1   1 
ATOM 679  O OP2   . A A 1 32 ? -29.027 0.844   -4.362  1.00 133.38 ? 30 A y OP2   1 
ATOM 680  O "O5'" . A A 1 32 ? -30.693 0.721   -2.562  1.00 127.16 ? 30 A y "O5'" 1 
ATOM 681  C "C5'" . A A 1 32 ? -30.587 0.801   -1.132  1.00 122.75 ? 30 A y "C5'" 1 
ATOM 682  C "C4'" . A A 1 32 ? -30.351 2.226   -0.696  1.00 116.61 ? 30 A y "C4'" 1 
ATOM 683  O "O4'" . A A 1 32 ? -28.951 2.568   -0.849  1.00 111.45 ? 30 A y "O4'" 1 
ATOM 684  C "C3'" . A A 1 32 ? -31.040 3.325   -1.491  1.00 113.92 ? 30 A y "C3'" 1 
ATOM 685  O "O3'" . A A 1 32 ? -32.417 3.416   -1.177  1.00 117.45 ? 30 A y "O3'" 1 
ATOM 686  C "C2'" . A A 1 32 ? -30.253 4.542   -1.032  1.00 109.74 ? 30 A y "C2'" 1 
ATOM 687  O "O2'" . A A 1 32 ? -30.617 4.947   0.272   1.00 108.29 ? 30 A y "O2'" 1 
ATOM 688  C "C1'" . A A 1 32 ? -28.836 3.972   -1.018  1.00 112.19 ? 30 A y "C1'" 1 
ATOM 689  N N9    . A A 1 32 ? -28.069 4.229   -2.237  1.00 118.51 ? 30 A y N9    1 
ATOM 690  C C8    . A A 1 32 ? -27.550 3.321   -3.125  1.00 124.22 ? 30 A y C8    1 
ATOM 691  N N7    . A A 1 32 ? -26.866 3.867   -4.101  1.00 122.38 ? 30 A y N7    1 
ATOM 692  C C5    . A A 1 32 ? -26.934 5.226   -3.835  1.00 118.52 ? 30 A y C5    1 
ATOM 693  C C6    . A A 1 32 ? -26.409 6.343   -4.497  1.00 116.59 ? 30 A y C6    1 
ATOM 694  N N6    . A A 1 32 ? -25.683 6.266   -5.614  1.00 119.19 ? 30 A y N6    1 
ATOM 695  N N1    . A A 1 32 ? -26.666 7.561   -3.974  1.00 112.81 ? 30 A y N1    1 
ATOM 696  C C2    . A A 1 32 ? -27.399 7.637   -2.858  1.00 113.83 ? 30 A y C2    1 
ATOM 697  N N3    . A A 1 32 ? -27.936 6.658   -2.133  1.00 115.88 ? 30 A y N3    1 
ATOM 698  C C4    . A A 1 32 ? -27.667 5.463   -2.686  1.00 117.28 ? 30 A y C4    1 
ATOM 699  P P     . A A 1 33 ? -33.467 3.581   -2.354  1.00 127.71 ? 31 A y P     1 
ATOM 700  O OP1   . A A 1 33 ? -34.824 3.381   -1.789  1.00 131.12 ? 31 A y OP1   1 
ATOM 701  O OP2   . A A 1 33 ? -33.013 2.749   -3.498  1.00 130.48 ? 31 A y OP2   1 
ATOM 702  O "O5'" . A A 1 33 ? -33.335 5.125   -2.722  1.00 120.36 ? 31 A y "O5'" 1 
ATOM 703  C "C5'" . A A 1 33 ? -33.966 6.101   -1.883  1.00 112.54 ? 31 A y "C5'" 1 
ATOM 704  C "C4'" . A A 1 33 ? -33.349 7.461   -2.088  1.00 108.87 ? 31 A y "C4'" 1 
ATOM 705  O "O4'" . A A 1 33 ? -31.915 7.346   -2.277  1.00 109.10 ? 31 A y "O4'" 1 
ATOM 706  C "C3'" . A A 1 33 ? -33.792 8.212   -3.335  1.00 105.42 ? 31 A y "C3'" 1 
ATOM 707  O "O3'" . A A 1 33 ? -35.075 8.803   -3.167  1.00 101.60 ? 31 A y "O3'" 1 
ATOM 708  C "C2'" . A A 1 33 ? -32.687 9.251   -3.465  1.00 105.21 ? 31 A y "C2'" 1 
ATOM 709  O "O2'" . A A 1 33 ? -32.863 10.319  -2.557  1.00 112.05 ? 31 A y "O2'" 1 
ATOM 710  C "C1'" . A A 1 33 ? -31.457 8.435   -3.064  1.00 109.14 ? 31 A y "C1'" 1 
ATOM 711  N N9    . A A 1 33 ? -30.690 7.899   -4.188  1.00 112.94 ? 31 A y N9    1 
ATOM 712  C C8    . A A 1 33 ? -30.442 6.578   -4.475  1.00 109.48 ? 31 A y C8    1 
ATOM 713  N N7    . A A 1 33 ? -29.700 6.398   -5.538  1.00 111.12 ? 31 A y N7    1 
ATOM 714  C C5    . A A 1 33 ? -29.435 7.685   -5.983  1.00 118.79 ? 31 A y C5    1 
ATOM 715  C C6    . A A 1 33 ? -28.693 8.175   -7.070  1.00 123.06 ? 31 A y C6    1 
ATOM 716  N N6    . A A 1 33 ? -28.064 7.391   -7.948  1.00 126.78 ? 31 A y N6    1 
ATOM 717  N N1    . A A 1 33 ? -28.615 9.515   -7.225  1.00 127.49 ? 31 A y N1    1 
ATOM 718  C C2    . A A 1 33 ? -29.252 10.299  -6.348  1.00 126.65 ? 31 A y C2    1 
ATOM 719  N N3    . A A 1 33 ? -29.971 9.958   -5.280  1.00 124.98 ? 31 A y N3    1 
ATOM 720  C C4    . A A 1 33 ? -30.033 8.621   -5.157  1.00 121.55 ? 31 A y C4    1 
ATOM 721  P P     . C A 1 34 ? -36.265 8.432   -4.168  1.00 100.49 ? 32 C y P     1 
ATOM 722  O OP1   . C A 1 34 ? -37.524 8.962   -3.594  1.00 104.39 ? 32 C y OP1   1 
ATOM 723  O OP2   . C A 1 34 ? -36.158 6.989   -4.503  1.00 97.90  ? 32 C y OP2   1 
ATOM 724  O "O5'" . C A 1 34 ? -35.918 9.271   -5.476  1.00 97.41  ? 32 C y "O5'" 1 
ATOM 725  C "C5'" . C A 1 34 ? -35.671 10.688  -5.405  1.00 90.58  ? 32 C y "C5'" 1 
ATOM 726  C "C4'" . C A 1 34 ? -34.980 11.158  -6.662  1.00 88.25  ? 32 C y "C4'" 1 
ATOM 727  O "O4'" . C A 1 34 ? -33.621 10.650  -6.694  1.00 89.06  ? 32 C y "O4'" 1 
ATOM 728  C "C3'" . C A 1 34 ? -35.594 10.670  -7.963  1.00 86.57  ? 32 C y "C3'" 1 
ATOM 729  O "O3'" . C A 1 34 ? -36.689 11.508  -8.325  1.00 86.24  ? 32 C y "O3'" 1 
ATOM 730  C "C2'" . C A 1 34 ? -34.418 10.772  -8.924  1.00 88.22  ? 32 C y "C2'" 1 
ATOM 731  O "O2'" . C A 1 34 ? -34.191 12.099  -9.352  1.00 91.81  ? 32 C y "O2'" 1 
ATOM 732  C "C1'" . C A 1 34 ? -33.256 10.338  -8.029  1.00 85.73  ? 32 C y "C1'" 1 
ATOM 733  N N1    . C A 1 34 ? -32.924 8.903   -8.092  1.00 80.34  ? 32 C y N1    1 
ATOM 734  C C2    . C A 1 34 ? -32.219 8.419   -9.197  1.00 81.15  ? 32 C y C2    1 
ATOM 735  O O2    . C A 1 34 ? -31.917 9.202   -10.107 1.00 87.48  ? 32 C y O2    1 
ATOM 736  N N3    . C A 1 34 ? -31.885 7.109   -9.243  1.00 84.12  ? 32 C y N3    1 
ATOM 737  C C4    . C A 1 34 ? -32.230 6.297   -8.243  1.00 86.04  ? 32 C y C4    1 
ATOM 738  N N4    . C A 1 34 ? -31.889 5.011   -8.336  1.00 88.49  ? 32 C y N4    1 
ATOM 739  C C5    . C A 1 34 ? -32.946 6.765   -7.106  1.00 86.65  ? 32 C y C5    1 
ATOM 740  C C6    . C A 1 34 ? -33.250 8.067   -7.062  1.00 81.69  ? 32 C y C6    1 
ATOM 741  P P     . U A 1 35 ? -38.168 10.891  -8.448  1.00 83.76  ? 33 U y P     1 
ATOM 742  O OP1   . U A 1 35 ? -39.076 11.661  -7.556  1.00 85.71  ? 33 U y OP1   1 
ATOM 743  O OP2   . U A 1 35 ? -38.063 9.417   -8.286  1.00 80.81  ? 33 U y OP2   1 
ATOM 744  O "O5'" . U A 1 35 ? -38.622 11.277  -9.928  1.00 77.32  ? 33 U y "O5'" 1 
ATOM 745  C "C5'" . U A 1 35 ? -37.684 11.570  -10.984 1.00 77.50  ? 33 U y "C5'" 1 
ATOM 746  C "C4'" . U A 1 35 ? -37.839 10.562  -12.092 1.00 74.17  ? 33 U y "C4'" 1 
ATOM 747  O "O4'" . U A 1 35 ? -36.675 9.688   -12.124 1.00 68.31  ? 33 U y "O4'" 1 
ATOM 748  C "C3'" . U A 1 35 ? -39.053 9.643   -11.955 1.00 79.00  ? 33 U y "C3'" 1 
ATOM 749  O "O3'" . U A 1 35 ? -39.721 9.618   -13.219 1.00 77.22  ? 33 U y "O3'" 1 
ATOM 750  C "C2'" . U A 1 35 ? -38.421 8.323   -11.508 1.00 83.66  ? 33 U y "C2'" 1 
ATOM 751  O "O2'" . U A 1 35 ? -39.204 7.169   -11.727 1.00 84.64  ? 33 U y "O2'" 1 
ATOM 752  C "C1'" . U A 1 35 ? -37.119 8.365   -12.298 1.00 72.84  ? 33 U y "C1'" 1 
ATOM 753  N N1    . U A 1 35 ? -36.081 7.426   -11.850 1.00 69.25  ? 33 U y N1    1 
ATOM 754  C C2    . U A 1 35 ? -34.989 7.260   -12.675 1.00 76.77  ? 33 U y C2    1 
ATOM 755  O O2    . U A 1 35 ? -34.831 7.902   -13.698 1.00 81.69  ? 33 U y O2    1 
ATOM 756  N N3    . U A 1 35 ? -34.074 6.337   -12.238 1.00 83.98  ? 33 U y N3    1 
ATOM 757  C C4    . U A 1 35 ? -34.151 5.554   -11.109 1.00 80.09  ? 33 U y C4    1 
ATOM 758  O O4    . U A 1 35 ? -33.245 4.759   -10.860 1.00 84.41  ? 33 U y O4    1 
ATOM 759  C C5    . U A 1 35 ? -35.321 5.772   -10.315 1.00 69.40  ? 33 U y C5    1 
ATOM 760  C C6    . U A 1 35 ? -36.233 6.667   -10.713 1.00 64.75  ? 33 U y C6    1 
ATOM 761  P P     . C A 1 36 ? -41.221 9.054   -13.356 1.00 70.92  ? 34 C y P     1 
ATOM 762  O OP1   . C A 1 36 ? -41.833 9.671   -14.558 1.00 73.88  ? 34 C y OP1   1 
ATOM 763  O OP2   . C A 1 36 ? -41.899 9.190   -12.042 1.00 67.32  ? 34 C y OP2   1 
ATOM 764  O "O5'" . C A 1 36 ? -40.967 7.510   -13.643 1.00 63.57  ? 34 C y "O5'" 1 
ATOM 765  C "C5'" . C A 1 36 ? -42.035 6.580   -13.868 1.00 66.30  ? 34 C y "C5'" 1 
ATOM 766  C "C4'" . C A 1 36 ? -41.593 5.516   -14.847 1.00 62.98  ? 34 C y "C4'" 1 
ATOM 767  O "O4'" . C A 1 36 ? -41.770 6.013   -16.199 1.00 69.43  ? 34 C y "O4'" 1 
ATOM 768  C "C3'" . C A 1 36 ? -40.129 5.104   -14.782 1.00 55.88  ? 34 C y "C3'" 1 
ATOM 769  O "O3'" . C A 1 36 ? -39.986 4.109   -13.785 1.00 54.85  ? 34 C y "O3'" 1 
ATOM 770  C "C2'" . C A 1 36 ? -39.893 4.564   -16.185 1.00 60.40  ? 34 C y "C2'" 1 
ATOM 771  O "O2'" . C A 1 36 ? -40.445 3.274   -16.355 1.00 62.66  ? 34 C y "O2'" 1 
ATOM 772  C "C1'" . C A 1 36 ? -40.713 5.548   -17.023 1.00 66.75  ? 34 C y "C1'" 1 
ATOM 773  N N1    . C A 1 36 ? -40.006 6.723   -17.575 1.00 63.05  ? 34 C y N1    1 
ATOM 774  C C2    . C A 1 36 ? -39.126 6.543   -18.644 1.00 63.01  ? 34 C y C2    1 
ATOM 775  O O2    . C A 1 36 ? -38.906 5.394   -19.054 1.00 63.85  ? 34 C y O2    1 
ATOM 776  N N3    . C A 1 36 ? -38.522 7.623   -19.193 1.00 64.65  ? 34 C y N3    1 
ATOM 777  C C4    . C A 1 36 ? -38.783 8.844   -18.722 1.00 60.25  ? 34 C y C4    1 
ATOM 778  N N4    . C A 1 36 ? -38.156 9.879   -19.285 1.00 59.70  ? 34 C y N4    1 
ATOM 779  C C5    . C A 1 36 ? -39.692 9.058   -17.646 1.00 60.98  ? 34 C y C5    1 
ATOM 780  C C6    . C A 1 36 ? -40.285 7.981   -17.116 1.00 62.06  ? 34 C y C6    1 
ATOM 781  P P     . U A 1 37 ? -38.647 4.018   -12.942 1.00 51.38  ? 35 U y P     1 
ATOM 782  O OP1   . U A 1 37 ? -38.998 3.810   -11.516 1.00 51.88  ? 35 U y OP1   1 
ATOM 783  O OP2   . U A 1 37 ? -37.761 5.139   -13.333 1.00 52.67  ? 35 U y OP2   1 
ATOM 784  O "O5'" . U A 1 37 ? -37.976 2.711   -13.542 1.00 49.91  ? 35 U y "O5'" 1 
ATOM 785  C "C5'" . U A 1 37 ? -36.566 2.543   -13.441 1.00 54.45  ? 35 U y "C5'" 1 
ATOM 786  C "C4'" . U A 1 37 ? -35.998 2.131   -14.772 1.00 50.46  ? 35 U y "C4'" 1 
ATOM 787  O "O4'" . U A 1 37 ? -36.644 2.874   -15.839 1.00 47.17  ? 35 U y "O4'" 1 
ATOM 788  C "C3'" . U A 1 37 ? -34.522 2.427   -14.949 1.00 50.91  ? 35 U y "C3'" 1 
ATOM 789  O "O3'" . U A 1 37 ? -33.756 1.351   -14.413 1.00 52.13  ? 35 U y "O3'" 1 
ATOM 790  C "C2'" . U A 1 37 ? -34.393 2.454   -16.463 1.00 55.04  ? 35 U y "C2'" 1 
ATOM 791  O "O2'" . U A 1 37 ? -34.288 1.124   -16.922 1.00 70.81  ? 35 U y "O2'" 1 
ATOM 792  C "C1'" . U A 1 37 ? -35.708 3.124   -16.877 1.00 49.70  ? 35 U y "C1'" 1 
ATOM 793  N N1    . U A 1 37 ? -35.619 4.580   -17.070 1.00 42.29  ? 35 U y N1    1 
ATOM 794  C C2    . U A 1 37 ? -34.879 5.064   -18.135 1.00 39.36  ? 35 U y C2    1 
ATOM 795  O O2    . U A 1 37 ? -34.287 4.340   -18.915 1.00 44.89  ? 35 U y O2    1 
ATOM 796  N N3    . U A 1 37 ? -34.856 6.430   -18.245 1.00 41.95  ? 35 U y N3    1 
ATOM 797  C C4    . U A 1 37 ? -35.489 7.345   -17.436 1.00 45.83  ? 35 U y C4    1 
ATOM 798  O O4    . U A 1 37 ? -35.362 8.548   -17.666 1.00 49.49  ? 35 U y O4    1 
ATOM 799  C C5    . U A 1 37 ? -36.245 6.769   -16.368 1.00 47.11  ? 35 U y C5    1 
ATOM 800  C C6    . U A 1 37 ? -36.286 5.439   -16.228 1.00 45.70  ? 35 U y C6    1 
ATOM 801  P P     . A A 1 38 ? -32.643 1.631   -13.299 1.00 56.97  ? 36 A y P     1 
ATOM 802  O OP1   . A A 1 38 ? -31.507 0.708   -13.550 1.00 62.63  ? 36 A y OP1   1 
ATOM 803  O OP2   . A A 1 38 ? -33.308 1.603   -11.969 1.00 55.10  ? 36 A y OP2   1 
ATOM 804  O "O5'" . A A 1 38 ? -32.195 3.121   -13.641 1.00 49.46  ? 36 A y "O5'" 1 
ATOM 805  C "C5'" . A A 1 38 ? -30.811 3.469   -13.865 1.00 51.24  ? 36 A y "C5'" 1 
ATOM 806  C "C4'" . A A 1 38 ? -30.372 3.324   -15.315 1.00 47.29  ? 36 A y "C4'" 1 
ATOM 807  O "O4'" . A A 1 38 ? -31.400 3.772   -16.245 1.00 47.73  ? 36 A y "O4'" 1 
ATOM 808  C "C3'" . A A 1 38 ? -29.126 4.133   -15.666 1.00 47.09  ? 36 A y "C3'" 1 
ATOM 809  O "O3'" . A A 1 38 ? -27.957 3.373   -15.394 1.00 48.35  ? 36 A y "O3'" 1 
ATOM 810  C "C2'" . A A 1 38 ? -29.309 4.412   -17.153 1.00 46.16  ? 36 A y "C2'" 1 
ATOM 811  O "O2'" . A A 1 38 ? -28.922 3.334   -17.975 1.00 55.49  ? 36 A y "O2'" 1 
ATOM 812  C "C1'" . A A 1 38 ? -30.824 4.586   -17.257 1.00 42.99  ? 36 A y "C1'" 1 
ATOM 813  N N9    . A A 1 38 ? -31.317 5.948   -17.056 1.00 40.05  ? 36 A y N9    1 
ATOM 814  C C8    . A A 1 38 ? -32.258 6.304   -16.122 1.00 42.46  ? 36 A y C8    1 
ATOM 815  N N7    . A A 1 38 ? -32.542 7.581   -16.117 1.00 41.09  ? 36 A y N7    1 
ATOM 816  C C5    . A A 1 38 ? -31.760 8.099   -17.137 1.00 40.18  ? 36 A y C5    1 
ATOM 817  C C6    . A A 1 38 ? -31.606 9.402   -17.638 1.00 39.33  ? 36 A y C6    1 
ATOM 818  N N6    . A A 1 38 ? -32.273 10.458  -17.168 1.00 39.77  ? 36 A y N6    1 
ATOM 819  N N1    . A A 1 38 ? -30.730 9.588   -18.648 1.00 39.58  ? 36 A y N1    1 
ATOM 820  C C2    . A A 1 38 ? -30.065 8.526   -19.120 1.00 42.73  ? 36 A y C2    1 
ATOM 821  N N3    . A A 1 38 ? -30.126 7.254   -18.737 1.00 42.28  ? 36 A y N3    1 
ATOM 822  C C4    . A A 1 38 ? -31.001 7.105   -17.728 1.00 40.01  ? 36 A y C4    1 
ATOM 823  P P     . A A 1 39 ? -26.758 4.028   -14.575 1.00 54.48  ? 37 A y P     1 
ATOM 824  O OP1   . A A 1 39 ? -25.622 3.077   -14.585 1.00 55.09  ? 37 A y OP1   1 
ATOM 825  O OP2   . A A 1 39 ? -27.293 4.522   -13.280 1.00 57.33  ? 37 A y OP2   1 
ATOM 826  O "O5'" . A A 1 39 ? -26.388 5.294   -15.463 1.00 54.27  ? 37 A y "O5'" 1 
ATOM 827  C "C5'" . A A 1 39 ? -25.394 5.188   -16.494 1.00 54.43  ? 37 A y "C5'" 1 
ATOM 828  C "C4'" . A A 1 39 ? -25.215 6.509   -17.197 1.00 49.36  ? 37 A y "C4'" 1 
ATOM 829  O "O4'" . A A 1 39 ? -26.500 6.970   -17.694 1.00 47.70  ? 37 A y "O4'" 1 
ATOM 830  C "C3'" . A A 1 39 ? -24.717 7.672   -16.344 1.00 48.61  ? 37 A y "C3'" 1 
ATOM 831  O "O3'" . A A 1 39 ? -23.308 7.660   -16.181 1.00 50.76  ? 37 A y "O3'" 1 
ATOM 832  C "C2'" . A A 1 39 ? -25.173 8.859   -17.176 1.00 47.82  ? 37 A y "C2'" 1 
ATOM 833  O "O2'" . A A 1 39 ? -24.381 9.051   -18.324 1.00 54.82  ? 37 A y "O2'" 1 
ATOM 834  C "C1'" . A A 1 39 ? -26.553 8.384   -17.619 1.00 44.49  ? 37 A y "C1'" 1 
ATOM 835  N N9    . A A 1 39 ? -27.617 8.755   -16.689 1.00 42.16  ? 37 A y N9    1 
ATOM 836  C C8    . A A 1 39 ? -28.338 7.939   -15.853 1.00 44.18  ? 37 A y C8    1 
ATOM 837  N N7    . A A 1 39 ? -29.243 8.572   -15.149 1.00 46.04  ? 37 A y N7    1 
ATOM 838  C C5    . A A 1 39 ? -29.112 9.894   -15.552 1.00 41.01  ? 37 A y C5    1 
ATOM 839  C C6    . A A 1 39 ? -29.788 11.067  -15.180 1.00 40.95  ? 37 A y C6    1 
ATOM 840  N N6    . A A 1 39 ? -30.780 11.097  -14.287 1.00 46.12  ? 37 A y N6    1 
ATOM 841  N N1    . A A 1 39 ? -29.405 12.224  -15.761 1.00 41.48  ? 37 A y N1    1 
ATOM 842  C C2    . A A 1 39 ? -28.416 12.191  -16.661 1.00 43.73  ? 37 A y C2    1 
ATOM 843  N N3    . A A 1 39 ? -27.709 11.153  -17.098 1.00 39.70  ? 37 A y N3    1 
ATOM 844  C C4    . A A 1 39 ? -28.116 10.020  -16.502 1.00 40.22  ? 37 A y C4    1 
ATOM 845  P P     . A A 1 40 ? -22.679 7.944   -14.744 1.00 56.71  ? 38 A y P     1 
ATOM 846  O OP1   . A A 1 40 ? -21.212 7.746   -14.843 1.00 56.25  ? 38 A y OP1   1 
ATOM 847  O OP2   . A A 1 40 ? -23.457 7.183   -13.737 1.00 61.02  ? 38 A y OP2   1 
ATOM 848  O "O5'" . A A 1 40 ? -22.981 9.489   -14.510 1.00 55.19  ? 38 A y "O5'" 1 
ATOM 849  C "C5'" . A A 1 40 ? -22.164 10.479  -15.134 1.00 59.74  ? 38 A y "C5'" 1 
ATOM 850  C "C4'" . A A 1 40 ? -22.823 11.837  -15.098 1.00 62.84  ? 38 A y "C4'" 1 
ATOM 851  O "O4'" . A A 1 40 ? -24.183 11.752  -15.607 1.00 66.83  ? 38 A y "O4'" 1 
ATOM 852  C "C3'" . A A 1 40 ? -22.967 12.478  -13.725 1.00 64.07  ? 38 A y "C3'" 1 
ATOM 853  O "O3'" . A A 1 40 ? -21.781 13.158  -13.336 1.00 67.07  ? 38 A y "O3'" 1 
ATOM 854  C "C2'" . A A 1 40 ? -24.118 13.442  -13.965 1.00 63.92  ? 38 A y "C2'" 1 
ATOM 855  O "O2'" . A A 1 40 ? -23.730 14.607  -14.662 1.00 67.11  ? 38 A y "O2'" 1 
ATOM 856  C "C1'" . A A 1 40 ? -25.034 12.581  -14.836 1.00 62.62  ? 38 A y "C1'" 1 
ATOM 857  N N9    . A A 1 40 ? -25.917 11.719  -14.054 1.00 59.29  ? 38 A y N9    1 
ATOM 858  C C8    . A A 1 40 ? -25.880 10.351  -13.953 1.00 59.28  ? 38 A y C8    1 
ATOM 859  N N7    . A A 1 40 ? -26.805 9.854   -13.168 1.00 57.61  ? 38 A y N7    1 
ATOM 860  C C5    . A A 1 40 ? -27.496 10.969  -12.720 1.00 56.11  ? 38 A y C5    1 
ATOM 861  C C6    . A A 1 40 ? -28.591 11.116  -11.855 1.00 57.57  ? 38 A y C6    1 
ATOM 862  N N6    . A A 1 40 ? -29.209 10.091  -11.267 1.00 58.36  ? 38 A y N6    1 
ATOM 863  N N1    . A A 1 40 ? -29.041 12.367  -11.616 1.00 60.64  ? 38 A y N1    1 
ATOM 864  C C2    . A A 1 40 ? -28.419 13.395  -12.210 1.00 63.21  ? 38 A y C2    1 
ATOM 865  N N3    . A A 1 40 ? -27.380 13.384  -13.041 1.00 61.26  ? 38 A y N3    1 
ATOM 866  C C4    . A A 1 40 ? -26.960 12.126  -13.257 1.00 58.93  ? 38 A y C4    1 
ATOM 867  P P     . U A 1 41 ? -21.100 12.835  -11.926 1.00 64.27  ? 39 U y P     1 
ATOM 868  O OP1   . U A 1 41 ? -19.785 13.517  -11.890 1.00 68.07  ? 39 U y OP1   1 
ATOM 869  O OP2   . U A 1 41 ? -21.168 11.367  -11.710 1.00 64.62  ? 39 U y OP2   1 
ATOM 870  O "O5'" . U A 1 41 ? -22.064 13.559  -10.883 1.00 65.99  ? 39 U y "O5'" 1 
ATOM 871  C "C5'" . U A 1 41 ? -22.303 14.979  -10.945 1.00 74.58  ? 39 U y "C5'" 1 
ATOM 872  C "C4'" . U A 1 41 ? -23.584 15.337  -10.225 1.00 81.77  ? 39 U y "C4'" 1 
ATOM 873  O "O4'" . U A 1 41 ? -24.707 14.604  -10.796 1.00 82.71  ? 39 U y "O4'" 1 
ATOM 874  C "C3'" . U A 1 41 ? -23.635 14.993  -8.747  1.00 89.23  ? 39 U y "C3'" 1 
ATOM 875  O "O3'" . U A 1 41 ? -22.966 15.959  -7.947  1.00 91.59  ? 39 U y "O3'" 1 
ATOM 876  C "C2'" . U A 1 41 ? -25.136 14.964  -8.501  1.00 88.21  ? 39 U y "C2'" 1 
ATOM 877  O "O2'" . U A 1 41 ? -25.684 16.266  -8.454  1.00 87.76  ? 39 U y "O2'" 1 
ATOM 878  C "C1'" . U A 1 41 ? -25.628 14.261  -9.768  1.00 82.63  ? 39 U y "C1'" 1 
ATOM 879  N N1    . U A 1 41 ? -25.715 12.790  -9.703  1.00 80.47  ? 39 U y N1    1 
ATOM 880  C C2    . U A 1 41 ? -26.690 12.211  -8.908  1.00 77.39  ? 39 U y C2    1 
ATOM 881  O O2    . U A 1 41 ? -27.460 12.859  -8.220  1.00 78.45  ? 39 U y O2    1 
ATOM 882  N N3    . U A 1 41 ? -26.715 10.840  -8.939  1.00 79.46  ? 39 U y N3    1 
ATOM 883  C C4    . U A 1 41 ? -25.901 10.006  -9.676  1.00 83.33  ? 39 U y C4    1 
ATOM 884  O O4    . U A 1 41 ? -26.049 8.786   -9.595  1.00 83.75  ? 39 U y O4    1 
ATOM 885  C C5    . U A 1 41 ? -24.933 10.678  -10.480 1.00 88.71  ? 39 U y C5    1 
ATOM 886  C C6    . U A 1 41 ? -24.882 12.014  -10.476 1.00 86.60  ? 39 U y C6    1 
ATOM 887  P P     . U A 1 42 ? -21.876 15.487  -6.876  1.00 93.02  ? 40 U y P     1 
ATOM 888  O OP1   . U A 1 42 ? -20.980 16.637  -6.597  1.00 95.87  ? 40 U y OP1   1 
ATOM 889  O OP2   . U A 1 42 ? -21.295 14.203  -7.339  1.00 89.58  ? 40 U y OP2   1 
ATOM 890  O "O5'" . U A 1 42 ? -22.750 15.185  -5.578  1.00 94.00  ? 40 U y "O5'" 1 
ATOM 891  C "C5'" . U A 1 42 ? -23.659 16.166  -5.047  1.00 93.44  ? 40 U y "C5'" 1 
ATOM 892  C "C4'" . U A 1 42 ? -24.720 15.505  -4.199  1.00 94.84  ? 40 U y "C4'" 1 
ATOM 893  O "O4'" . U A 1 42 ? -25.566 14.654  -5.020  1.00 91.41  ? 40 U y "O4'" 1 
ATOM 894  C "C3'" . U A 1 42 ? -24.226 14.557  -3.118  1.00 102.37 ? 40 U y "C3'" 1 
ATOM 895  O "O3'" . U A 1 42 ? -23.729 15.235  -1.972  1.00 102.46 ? 40 U y "O3'" 1 
ATOM 896  C "C2'" . U A 1 42 ? -25.493 13.763  -2.828  1.00 99.38  ? 40 U y "C2'" 1 
ATOM 897  O "O2'" . U A 1 42 ? -26.409 14.496  -2.037  1.00 103.72 ? 40 U y "O2'" 1 
ATOM 898  C "C1'" . U A 1 42 ? -26.052 13.569  -4.240  1.00 92.45  ? 40 U y "C1'" 1 
ATOM 899  N N1    . U A 1 42 ? -25.654 12.310  -4.891  1.00 87.72  ? 40 U y N1    1 
ATOM 900  C C2    . U A 1 42 ? -26.237 11.136  -4.454  1.00 91.98  ? 40 U y C2    1 
ATOM 901  O O2    . U A 1 42 ? -27.047 11.092  -3.543  1.00 98.04  ? 40 U y O2    1 
ATOM 902  N N3    . U A 1 42 ? -25.821 10.008  -5.115  1.00 92.17  ? 40 U y N3    1 
ATOM 903  C C4    . U A 1 42 ? -24.912 9.931   -6.147  1.00 90.96  ? 40 U y C4    1 
ATOM 904  O O4    . U A 1 42 ? -24.644 8.834   -6.638  1.00 91.70  ? 40 U y O4    1 
ATOM 905  C C5    . U A 1 42 ? -24.356 11.185  -6.544  1.00 90.14  ? 40 U y C5    1 
ATOM 906  C C6    . U A 1 42 ? -24.743 12.305  -5.922  1.00 86.01  ? 40 U y C6    1 
ATOM 907  P P     . C A 1 43 ? -22.328 14.797  -1.333  1.00 104.13 ? 41 C y P     1 
ATOM 908  O OP1   . C A 1 43 ? -21.819 15.929  -0.522  1.00 102.62 ? 41 C y OP1   1 
ATOM 909  O OP2   . C A 1 43 ? -21.481 14.229  -2.413  1.00 103.50 ? 41 C y OP2   1 
ATOM 910  O "O5'" . C A 1 43 ? -22.733 13.610  -0.351  1.00 110.14 ? 41 C y "O5'" 1 
ATOM 911  C "C5'" . C A 1 43 ? -23.524 13.865  0.822   1.00 113.09 ? 41 C y "C5'" 1 
ATOM 912  C "C4'" . C A 1 43 ? -24.318 12.640  1.215   1.00 118.45 ? 41 C y "C4'" 1 
ATOM 913  O "O4'" . C A 1 43 ? -24.945 12.042  0.050   1.00 116.44 ? 41 C y "O4'" 1 
ATOM 914  C "C3'" . C A 1 43 ? -23.527 11.495  1.824   1.00 125.89 ? 41 C y "C3'" 1 
ATOM 915  O "O3'" . C A 1 43 ? -23.331 11.729  3.212   1.00 132.54 ? 41 C y "O3'" 1 
ATOM 916  C "C2'" . C A 1 43 ? -24.476 10.322  1.622   1.00 125.17 ? 41 C y "C2'" 1 
ATOM 917  O "O2'" . C A 1 43 ? -25.490 10.313  2.606   1.00 126.97 ? 41 C y "O2'" 1 
ATOM 918  C "C1'" . C A 1 43 ? -25.081 10.642  0.251   1.00 120.93 ? 41 C y "C1'" 1 
ATOM 919  N N1    . C A 1 43 ? -24.470 9.949   -0.901  1.00 115.36 ? 41 C y N1    1 
ATOM 920  C C2    . C A 1 43 ? -24.633 8.567   -1.039  1.00 112.86 ? 41 C y C2    1 
ATOM 921  O O2    . C A 1 43 ? -25.262 7.945   -0.170  1.00 113.83 ? 41 C y O2    1 
ATOM 922  N N3    . C A 1 43 ? -24.095 7.943   -2.111  1.00 109.77 ? 41 C y N3    1 
ATOM 923  C C4    . C A 1 43 ? -23.425 8.647   -3.026  1.00 111.94 ? 41 C y C4    1 
ATOM 924  N N4    . C A 1 43 ? -22.911 7.991   -4.067  1.00 115.43 ? 41 C y N4    1 
ATOM 925  C C5    . C A 1 43 ? -23.251 10.055  -2.914  1.00 110.38 ? 41 C y C5    1 
ATOM 926  C C6    . C A 1 43 ? -23.792 10.661  -1.851  1.00 110.45 ? 41 C y C6    1 
ATOM 927  P P     . C A 1 44 ? -21.853 11.845  3.811   1.00 134.64 ? 42 C y P     1 
ATOM 928  O OP1   . C A 1 44 ? -21.854 12.940  4.811   1.00 140.16 ? 42 C y OP1   1 
ATOM 929  O OP2   . C A 1 44 ? -20.894 11.898  2.674   1.00 126.92 ? 42 C y OP2   1 
ATOM 930  O "O5'" . C A 1 44 ? -21.688 10.472  4.605   1.00 134.24 ? 42 C y "O5'" 1 
ATOM 931  C "C5'" . C A 1 44 ? -20.981 9.357   4.035   1.00 132.94 ? 42 C y "C5'" 1 
ATOM 932  C "C4'" . C A 1 44 ? -21.733 8.071   4.292   1.00 135.01 ? 42 C y "C4'" 1 
ATOM 933  O "O4'" . C A 1 44 ? -22.675 7.853   3.203   1.00 131.02 ? 42 C y "O4'" 1 
ATOM 934  C "C3'" . C A 1 44 ? -20.871 6.817   4.337   1.00 140.34 ? 42 C y "C3'" 1 
ATOM 935  O "O3'" . C A 1 44 ? -20.434 6.497   5.653   1.00 147.27 ? 42 C y "O3'" 1 
ATOM 936  C "C2'" . C A 1 44 ? -21.830 5.747   3.836   1.00 138.06 ? 42 C y "C2'" 1 
ATOM 937  O "O2'" . C A 1 44 ? -22.727 5.325   4.845   1.00 139.88 ? 42 C y "O2'" 1 
ATOM 938  C "C1'" . C A 1 44 ? -22.600 6.508   2.757   1.00 134.55 ? 42 C y "C1'" 1 
ATOM 939  N N1    . C A 1 44 ? -22.023 6.501   1.392   1.00 131.08 ? 42 C y N1    1 
ATOM 940  C C2    . C A 1 44 ? -21.863 5.285   0.710   1.00 129.74 ? 42 C y C2    1 
ATOM 941  O O2    . C A 1 44 ? -22.194 4.230   1.270   1.00 130.05 ? 42 C y O2    1 
ATOM 942  N N3    . C A 1 44 ? -21.393 5.300   -0.558  1.00 128.81 ? 42 C y N3    1 
ATOM 943  C C4    . C A 1 44 ? -21.046 6.454   -1.130  1.00 131.06 ? 42 C y C4    1 
ATOM 944  N N4    . C A 1 44 ? -20.551 6.418   -2.368  1.00 135.23 ? 42 C y N4    1 
ATOM 945  C C5    . C A 1 44 ? -21.197 7.702   -0.459  1.00 126.49 ? 42 C y C5    1 
ATOM 946  C C6    . C A 1 44 ? -21.703 7.680   0.779   1.00 126.83 ? 42 C y C6    1 
ATOM 947  P P     . U A 1 45 A -18.878 6.565   6.027   1.00 156.80 ? 42 U y P     1 
ATOM 948  O OP1   . U A 1 45 A -18.762 6.845   7.479   1.00 162.79 ? 42 U y OP1   1 
ATOM 949  O OP2   . U A 1 45 A -18.193 7.443   5.048   1.00 157.25 ? 42 U y OP2   1 
ATOM 950  O "O5'" . U A 1 45 A -18.369 5.085   5.739   1.00 163.78 ? 42 U y "O5'" 1 
ATOM 951  C "C5'" . U A 1 45 A -19.134 3.950   6.164   1.00 170.66 ? 42 U y "C5'" 1 
ATOM 952  C "C4'" . U A 1 45 A -18.887 2.784   5.238   1.00 175.31 ? 42 U y "C4'" 1 
ATOM 953  O "O4'" . U A 1 45 A -19.529 3.067   3.970   1.00 168.09 ? 42 U y "O4'" 1 
ATOM 954  C "C3'" . U A 1 45 A -17.435 2.503   4.873   1.00 182.73 ? 42 U y "C3'" 1 
ATOM 955  O "O3'" . U A 1 45 A -16.799 1.632   5.809   1.00 202.91 ? 42 U y "O3'" 1 
ATOM 956  C "C2'" . U A 1 45 A -17.577 1.775   3.538   1.00 176.20 ? 42 U y "C2'" 1 
ATOM 957  O "O2'" . U A 1 45 A -17.771 0.382   3.712   1.00 177.55 ? 42 U y "O2'" 1 
ATOM 958  C "C1'" . U A 1 45 A -18.788 2.482   2.916   1.00 165.26 ? 42 U y "C1'" 1 
ATOM 959  N N1    . U A 1 45 A -18.428 3.547   1.965   1.00 153.00 ? 42 U y N1    1 
ATOM 960  C C2    . U A 1 45 A -18.081 3.177   0.680   1.00 150.10 ? 42 U y C2    1 
ATOM 961  O O2    . U A 1 45 A -18.083 2.019   0.301   1.00 150.80 ? 42 U y O2    1 
ATOM 962  N N3    . U A 1 45 A -17.742 4.219   -0.148  1.00 143.21 ? 42 U y N3    1 
ATOM 963  C C4    . U A 1 45 A -17.720 5.560   0.164   1.00 135.54 ? 42 U y C4    1 
ATOM 964  O O4    . U A 1 45 A -17.388 6.380   -0.695  1.00 129.84 ? 42 U y O4    1 
ATOM 965  C C5    . U A 1 45 A -18.090 5.861   1.511   1.00 138.03 ? 42 U y C5    1 
ATOM 966  C C6    . U A 1 45 A -18.430 4.869   2.343   1.00 142.78 ? 42 U y C6    1 
ATOM 967  P P     . U A 1 46 ? -16.009 2.211   7.089   1.00 223.95 ? 43 U y P     1 
ATOM 968  O OP1   . U A 1 46 ? -16.702 1.731   8.311   1.00 225.04 ? 43 U y OP1   1 
ATOM 969  O OP2   . U A 1 46 ? -15.775 3.668   6.896   1.00 218.69 ? 43 U y OP2   1 
ATOM 970  O "O5'" . U A 1 46 ? -14.602 1.471   6.996   1.00 235.69 ? 43 U y "O5'" 1 
ATOM 971  C "C5'" . U A 1 46 ? -13.584 1.960   6.105   1.00 249.42 ? 43 U y "C5'" 1 
ATOM 972  C "C4'" . U A 1 46 ? -13.406 1.041   4.917   1.00 257.63 ? 43 U y "C4'" 1 
ATOM 973  O "O4'" . U A 1 46 ? -12.353 1.580   4.067   1.00 268.24 ? 43 U y "O4'" 1 
ATOM 974  C "C3'" . U A 1 46 ? -12.992 -0.394  5.237   1.00 259.84 ? 43 U y "C3'" 1 
ATOM 975  O "O3'" . U A 1 46 ? -13.528 -1.327  4.301   1.00 252.88 ? 43 U y "O3'" 1 
ATOM 976  C "C2'" . U A 1 46 ? -11.471 -0.335  5.145   1.00 267.33 ? 43 U y "C2'" 1 
ATOM 977  O "O2'" . U A 1 46 ? -10.904 -1.598  4.854   1.00 265.19 ? 43 U y "O2'" 1 
ATOM 978  C "C1'" . U A 1 46 ? -11.281 0.657   3.996   1.00 277.53 ? 43 U y "C1'" 1 
ATOM 979  N N1    . U A 1 46 ? -10.005 1.397   3.944   1.00 293.16 ? 43 U y N1    1 
ATOM 980  C C2    . U A 1 46 ? -9.659  2.257   4.977   1.00 301.79 ? 43 U y C2    1 
ATOM 981  O O2    . U A 1 46 ? -10.358 2.438   5.960   1.00 303.89 ? 43 U y O2    1 
ATOM 982  N N3    . U A 1 46 ? -8.455  2.893   4.816   1.00 305.68 ? 43 U y N3    1 
ATOM 983  C C4    . U A 1 46 ? -7.580  2.773   3.758   1.00 307.44 ? 43 U y C4    1 
ATOM 984  O O4    . U A 1 46 ? -6.530  3.418   3.762   1.00 309.52 ? 43 U y O4    1 
ATOM 985  C C5    . U A 1 46 ? -8.010  1.875   2.731   1.00 304.91 ? 43 U y C5    1 
ATOM 986  C C6    . U A 1 46 ? -9.178  1.233   2.857   1.00 300.59 ? 43 U y C6    1 
ATOM 987  P P     . G A 1 47 ? -14.728 -2.279  4.743   1.00 246.23 ? 44 G y P     1 
ATOM 988  O OP1   . G A 1 47 ? -15.768 -1.446  5.465   1.00 240.82 ? 44 G y OP1   1 
ATOM 989  O OP2   . G A 1 47 ? -14.164 -3.449  5.519   1.00 244.56 ? 44 G y OP2   1 
ATOM 990  O "O5'" . G A 1 47 ? -15.361 -2.816  3.358   1.00 237.57 ? 44 G y "O5'" 1 
ATOM 991  C "C5'" . G A 1 47 ? -15.213 -4.219  3.016   1.00 229.60 ? 44 G y "C5'" 1 
ATOM 992  C "C4'" . G A 1 47 ? -14.501 -4.352  1.690   1.00 222.96 ? 44 G y "C4'" 1 
ATOM 993  O "O4'" . G A 1 47 ? -14.782 -3.192  0.864   1.00 214.02 ? 44 G y "O4'" 1 
ATOM 994  C "C3'" . G A 1 47 ? -12.971 -4.465  1.742   1.00 221.29 ? 44 G y "C3'" 1 
ATOM 995  O "O3'" . G A 1 47 ? -12.502 -5.345  0.723   1.00 231.64 ? 44 G y "O3'" 1 
ATOM 996  C "C2'" . G A 1 47 ? -12.528 -3.028  1.452   1.00 214.33 ? 44 G y "C2'" 1 
ATOM 997  O "O2'" . G A 1 47 ? -11.206 -2.983  0.963   1.00 216.52 ? 44 G y "O2'" 1 
ATOM 998  C "C1'" . G A 1 47 ? -13.575 -2.618  0.419   1.00 204.38 ? 44 G y "C1'" 1 
ATOM 999  N N9    . G A 1 47 ? -13.792 -1.183  0.303   1.00 190.49 ? 44 G y N9    1 
ATOM 1000 C C8    . G A 1 47 ? -14.157 -0.314  1.297   1.00 189.01 ? 44 G y C8    1 
ATOM 1001 N N7    . G A 1 47 ? -14.297 0.922   0.883   1.00 184.65 ? 44 G y N7    1 
ATOM 1002 C C5    . G A 1 47 ? -14.034 0.855   -0.481  1.00 177.85 ? 44 G y C5    1 
ATOM 1003 C C6    . G A 1 47 ? -14.039 1.871   -1.468  1.00 171.51 ? 44 G y C6    1 
ATOM 1004 O O6    . G A 1 47 ? -14.275 3.080   -1.333  1.00 168.02 ? 44 G y O6    1 
ATOM 1005 N N1    . G A 1 47 ? -13.702 1.358   -2.721  1.00 172.19 ? 44 G y N1    1 
ATOM 1006 C C2    . G A 1 47 ? -13.404 0.044   -2.990  1.00 174.83 ? 44 G y C2    1 
ATOM 1007 N N2    . G A 1 47 ? -13.109 -0.267  -4.259  1.00 175.78 ? 44 G y N2    1 
ATOM 1008 N N3    . G A 1 47 ? -13.412 -0.915  -2.071  1.00 175.51 ? 44 G y N3    1 
ATOM 1009 C C4    . G A 1 47 ? -13.735 -0.439  -0.848  1.00 180.09 ? 44 G y C4    1 
ATOM 1010 P P     . A A 1 48 ? -11.354 -6.441  1.039   1.00 242.38 ? 45 A y P     1 
ATOM 1011 O OP1   . A A 1 48 ? -12.018 -7.717  1.408   1.00 240.55 ? 45 A y OP1   1 
ATOM 1012 O OP2   . A A 1 48 ? -10.368 -5.825  1.965   1.00 242.98 ? 45 A y OP2   1 
ATOM 1013 O "O5'" . A A 1 48 ? -10.648 -6.698  -0.370  1.00 254.42 ? 45 A y "O5'" 1 
ATOM 1014 C "C5'" . A A 1 48 ? -11.069 -6.044  -1.585  1.00 267.68 ? 45 A y "C5'" 1 
ATOM 1015 C "C4'" . A A 1 48 ? -10.016 -6.211  -2.653  1.00 277.91 ? 45 A y "C4'" 1 
ATOM 1016 O "O4'" . A A 1 48 ? -8.975  -5.208  -2.465  1.00 281.11 ? 45 A y "O4'" 1 
ATOM 1017 C "C3'" . A A 1 48 ? -9.268  -7.542  -2.633  1.00 283.69 ? 45 A y "C3'" 1 
ATOM 1018 O "O3'" . A A 1 48 ? -9.964  -8.580  -3.311  1.00 288.91 ? 45 A y "O3'" 1 
ATOM 1019 C "C2'" . A A 1 48 ? -7.948  -7.163  -3.289  1.00 284.14 ? 45 A y "C2'" 1 
ATOM 1020 O "O2'" . A A 1 48 ? -8.035  -7.064  -4.695  1.00 285.42 ? 45 A y "O2'" 1 
ATOM 1021 C "C1'" . A A 1 48 ? -7.697  -5.799  -2.651  1.00 281.79 ? 45 A y "C1'" 1 
ATOM 1022 N N9    . A A 1 48 ? -7.033  -5.888  -1.349  1.00 278.48 ? 45 A y N9    1 
ATOM 1023 C C8    . A A 1 48 ? -7.594  -5.838  -0.097  1.00 275.30 ? 45 A y C8    1 
ATOM 1024 N N7    . A A 1 48 ? -6.726  -5.961  0.877   1.00 273.04 ? 45 A y N7    1 
ATOM 1025 C C5    . A A 1 48 ? -5.510  -6.095  0.225   1.00 274.38 ? 45 A y C5    1 
ATOM 1026 C C6    . A A 1 48 ? -4.197  -6.256  0.696   1.00 273.20 ? 45 A y C6    1 
ATOM 1027 N N6    . A A 1 48 ? -3.881  -6.326  1.990   1.00 270.53 ? 45 A y N6    1 
ATOM 1028 N N1    . A A 1 48 ? -3.209  -6.357  -0.219  1.00 276.49 ? 45 A y N1    1 
ATOM 1029 C C2    . A A 1 48 ? -3.530  -6.295  -1.518  1.00 279.24 ? 45 A y C2    1 
ATOM 1030 N N3    . A A 1 48 ? -4.725  -6.148  -2.084  1.00 278.99 ? 45 A y N3    1 
ATOM 1031 C C4    . A A 1 48 ? -5.683  -6.049  -1.148  1.00 277.80 ? 45 A y C4    1 
ATOM 1032 P P     . A A 1 49 ? -10.240 -9.965  -2.557  1.00 292.80 ? 46 A y P     1 
ATOM 1033 O OP1   . A A 1 49 ? -9.814  -11.068 -3.459  1.00 292.93 ? 46 A y OP1   1 
ATOM 1034 O OP2   . A A 1 49 ? -11.633 -9.937  -2.036  1.00 294.21 ? 46 A y OP2   1 
ATOM 1035 O "O5'" . A A 1 49 ? -9.256  -9.892  -1.304  1.00 294.72 ? 46 A y "O5'" 1 
ATOM 1036 C "C5'" . A A 1 49 ? -8.298  -10.947 -1.041  1.00 299.81 ? 46 A y "C5'" 1 
ATOM 1037 C "C4'" . A A 1 49 ? -7.002  -10.685 -1.776  1.00 304.53 ? 46 A y "C4'" 1 
ATOM 1038 O "O4'" . A A 1 49 ? -6.343  -9.526  -1.195  1.00 303.75 ? 46 A y "O4'" 1 
ATOM 1039 C "C3'" . A A 1 49 ? -5.967  -11.809 -1.731  1.00 309.01 ? 46 A y "C3'" 1 
ATOM 1040 O "O3'" . A A 1 49 ? -6.110  -12.663 -2.868  1.00 317.09 ? 46 A y "O3'" 1 
ATOM 1041 C "C2'" . A A 1 49 ? -4.649  -11.050 -1.863  1.00 305.74 ? 46 A y "C2'" 1 
ATOM 1042 O "O2'" . A A 1 49 ? -4.327  -10.738 -3.205  1.00 303.43 ? 46 A y "O2'" 1 
ATOM 1043 C "C1'" . A A 1 49 ? -4.950  -9.763  -1.099  1.00 302.15 ? 46 A y "C1'" 1 
ATOM 1044 N N9    . A A 1 49 ? -4.584  -9.756  0.320   1.00 296.67 ? 46 A y N9    1 
ATOM 1045 C C8    . A A 1 49 ? -5.431  -9.493  1.368   1.00 294.34 ? 46 A y C8    1 
ATOM 1046 N N7    . A A 1 49 ? -4.849  -9.522  2.540   1.00 293.42 ? 46 A y N7    1 
ATOM 1047 C C5    . A A 1 49 ? -3.524  -9.812  2.244   1.00 294.59 ? 46 A y C5    1 
ATOM 1048 C C6    . A A 1 49 ? -2.392  -9.978  3.058   1.00 296.64 ? 46 A y C6    1 
ATOM 1049 N N6    . A A 1 49 ? -2.418  -9.869  4.387   1.00 296.43 ? 46 A y N6    1 
ATOM 1050 N N1    . A A 1 49 ? -1.216  -10.247 2.453   1.00 298.22 ? 46 A y N1    1 
ATOM 1051 C C2    . A A 1 49 ? -1.188  -10.325 1.116   1.00 297.48 ? 46 A y C2    1 
ATOM 1052 N N3    . A A 1 49 ? -2.187  -10.199 0.244   1.00 295.09 ? 46 A y N3    1 
ATOM 1053 C C4    . A A 1 49 ? -3.343  -9.937  0.881   1.00 294.49 ? 46 A y C4    1 
ATOM 1054 P P     . A A 1 50 ? -6.283  -14.268 -2.719  1.00 325.59 ? 47 A y P     1 
ATOM 1055 O OP1   . A A 1 50 ? -5.888  -14.884 -4.007  1.00 324.15 ? 47 A y OP1   1 
ATOM 1056 O OP2   . A A 1 50 ? -7.626  -14.546 -2.144  1.00 325.96 ? 47 A y OP2   1 
ATOM 1057 O "O5'" . A A 1 50 ? -5.151  -14.710 -1.688  1.00 328.82 ? 47 A y "O5'" 1 
ATOM 1058 C "C5'" . A A 1 50 ? -4.393  -15.921 -1.900  1.00 332.05 ? 47 A y "C5'" 1 
ATOM 1059 C "C4'" . A A 1 50 ? -2.915  -15.618 -1.995  1.00 333.12 ? 47 A y "C4'" 1 
ATOM 1060 O "O4'" . A A 1 50 ? -2.674  -14.231 -1.622  1.00 327.89 ? 47 A y "O4'" 1 
ATOM 1061 C "C3'" . A A 1 50 ? -2.022  -16.447 -1.074  1.00 336.50 ? 47 A y "C3'" 1 
ATOM 1062 O "O3'" . A A 1 50 ? -1.512  -17.630 -1.687  1.00 350.15 ? 47 A y "O3'" 1 
ATOM 1063 C "C2'" . A A 1 50 ? -0.879  -15.487 -0.774  1.00 328.78 ? 47 A y "C2'" 1 
ATOM 1064 O "O2'" . A A 1 50 ? 0.068   -15.428 -1.824  1.00 324.99 ? 47 A y "O2'" 1 
ATOM 1065 C "C1'" . A A 1 50 ? -1.627  -14.161 -0.665  1.00 322.85 ? 47 A y "C1'" 1 
ATOM 1066 N N9    . A A 1 50 ? -2.227  -13.838 0.638   1.00 315.29 ? 47 A y N9    1 
ATOM 1067 C C8    . A A 1 50 ? -3.509  -13.373 0.802   1.00 312.08 ? 47 A y C8    1 
ATOM 1068 N N7    . A A 1 50 ? -3.824  -13.117 2.046   1.00 310.28 ? 47 A y N7    1 
ATOM 1069 C C5    . A A 1 50 ? -2.673  -13.428 2.754   1.00 308.84 ? 47 A y C5    1 
ATOM 1070 C C6    . A A 1 50 ? -2.359  -13.354 4.120   1.00 308.14 ? 47 A y C6    1 
ATOM 1071 N N6    . A A 1 50 ? -3.221  -12.948 5.053   1.00 308.83 ? 47 A y N6    1 
ATOM 1072 N N1    . A A 1 50 ? -1.115  -13.714 4.501   1.00 308.34 ? 47 A y N1    1 
ATOM 1073 C C2    . A A 1 50 ? -0.245  -14.097 3.559   1.00 308.90 ? 47 A y C2    1 
ATOM 1074 N N3    . A A 1 50 ? -0.418  -14.200 2.241   1.00 309.16 ? 47 A y N3    1 
ATOM 1075 C C4    . A A 1 50 ? -1.670  -13.847 1.897   1.00 310.22 ? 47 A y C4    1 
ATOM 1076 P P     . U A 1 51 A -1.901  -19.090 -1.110  1.00 362.90 ? 47 U y P     1 
ATOM 1077 O OP1   . U A 1 51 A -2.139  -19.991 -2.266  1.00 362.22 ? 47 U y OP1   1 
ATOM 1078 O OP2   . U A 1 51 A -2.959  -18.924 -0.078  1.00 362.88 ? 47 U y OP2   1 
ATOM 1079 O "O5'" . U A 1 51 A -0.601  -19.580 -0.322  1.00 369.79 ? 47 U y "O5'" 1 
ATOM 1080 C "C5'" . U A 1 51 A 0.749   -19.287 -0.741  1.00 377.47 ? 47 U y "C5'" 1 
ATOM 1081 C "C4'" . U A 1 51 A 1.660   -19.190 0.464   1.00 383.65 ? 47 U y "C4'" 1 
ATOM 1082 O "O4'" . U A 1 51 A 1.471   -17.901 1.118   1.00 384.18 ? 47 U y "O4'" 1 
ATOM 1083 C "C3'" . U A 1 51 A 1.423   -20.208 1.569   1.00 389.88 ? 47 U y "C3'" 1 
ATOM 1084 O "O3'" . U A 1 51 A 2.092   -21.437 1.307   1.00 400.57 ? 47 U y "O3'" 1 
ATOM 1085 C "C2'" . U A 1 51 A 2.010   -19.492 2.777   1.00 388.38 ? 47 U y "C2'" 1 
ATOM 1086 O "O2'" . U A 1 51 A 3.425   -19.528 2.773   1.00 389.44 ? 47 U y "O2'" 1 
ATOM 1087 C "C1'" . U A 1 51 A 1.534   -18.061 2.529   1.00 385.17 ? 47 U y "C1'" 1 
ATOM 1088 N N1    . U A 1 51 A 0.216   -17.718 3.094   1.00 382.59 ? 47 U y N1    1 
ATOM 1089 C C2    . U A 1 51 A 0.105   -17.577 4.466   1.00 382.13 ? 47 U y C2    1 
ATOM 1090 O O2    . U A 1 51 A 1.034   -17.761 5.234   1.00 382.92 ? 47 U y O2    1 
ATOM 1091 N N3    . U A 1 51 A -1.146  -17.221 4.906   1.00 381.86 ? 47 U y N3    1 
ATOM 1092 C C4    . U A 1 51 A -2.269  -16.993 4.141   1.00 381.51 ? 47 U y C4    1 
ATOM 1093 O O4    . U A 1 51 A -3.325  -16.681 4.691   1.00 382.44 ? 47 U y O4    1 
ATOM 1094 C C5    . U A 1 51 A -2.071  -17.147 2.736   1.00 380.77 ? 47 U y C5    1 
ATOM 1095 C C6    . U A 1 51 A -0.863  -17.488 2.271   1.00 380.63 ? 47 U y C6    1 
ATOM 1096 P P     . G A 1 52 B 1.301   -22.820 1.451   1.00 410.95 ? 47 G y P     1 
ATOM 1097 O OP1   . G A 1 52 B 2.222   -23.957 1.067   1.00 410.50 ? 47 G y OP1   1 
ATOM 1098 O OP2   . G A 1 52 B 0.005   -22.730 0.669   1.00 411.08 ? 47 G y OP2   1 
ATOM 1099 O "O5'" . G A 1 52 B 0.976   -22.937 3.031   1.00 424.68 ? 47 G y "O5'" 1 
ATOM 1100 C "C5'" . G A 1 52 B 1.657   -23.959 3.808   1.00 440.03 ? 47 G y "C5'" 1 
ATOM 1101 C "C4'" . G A 1 52 B 2.005   -23.459 5.191   1.00 451.38 ? 47 G y "C4'" 1 
ATOM 1102 O "O4'" . G A 1 52 B 1.858   -22.017 5.282   1.00 452.68 ? 47 G y "O4'" 1 
ATOM 1103 C "C3'" . G A 1 52 B 1.151   -24.010 6.339   1.00 462.21 ? 47 G y "C3'" 1 
ATOM 1104 O "O3'" . G A 1 52 B 1.632   -25.272 6.790   1.00 484.19 ? 47 G y "O3'" 1 
ATOM 1105 C "C2'" . G A 1 52 B 1.312   -22.909 7.389   1.00 459.05 ? 47 G y "C2'" 1 
ATOM 1106 O "O2'" . G A 1 52 B 2.522   -23.030 8.104   1.00 459.11 ? 47 G y "O2'" 1 
ATOM 1107 C "C1'" . G A 1 52 B 1.289   -21.652 6.520   1.00 454.83 ? 47 G y "C1'" 1 
ATOM 1108 N N9    . G A 1 52 B -0.045  -21.114 6.264   1.00 452.61 ? 47 G y N9    1 
ATOM 1109 C C8    . G A 1 52 B -0.609  -20.912 5.029   1.00 451.17 ? 47 G y C8    1 
ATOM 1110 N N7    . G A 1 52 B -1.817  -20.408 5.081   1.00 451.29 ? 47 G y N7    1 
ATOM 1111 C C5    . G A 1 52 B -2.064  -20.256 6.439   1.00 452.22 ? 47 G y C5    1 
ATOM 1112 C C6    . G A 1 52 B -3.216  -19.772 7.106   1.00 453.13 ? 47 G y C6    1 
ATOM 1113 O O6    . G A 1 52 B -4.279  -19.367 6.616   1.00 453.55 ? 47 G y O6    1 
ATOM 1114 N N1    . G A 1 52 B -3.054  -19.810 8.490   1.00 453.32 ? 47 G y N1    1 
ATOM 1115 C C2    . G A 1 52 B -1.936  -20.254 9.147   1.00 452.70 ? 47 G y C2    1 
ATOM 1116 N N2    . G A 1 52 B -1.968  -20.215 10.484  1.00 452.48 ? 47 G y N2    1 
ATOM 1117 N N3    . G A 1 52 B -0.846  -20.701 8.526   1.00 452.22 ? 47 G y N3    1 
ATOM 1118 C C4    . G A 1 52 B -0.982  -20.687 7.178   1.00 452.15 ? 47 G y C4    1 
ATOM 1119 P P     . C A 1 53 C 0.909   -26.634 6.320   1.00 504.71 ? 47 C y P     1 
ATOM 1120 O OP1   . C A 1 53 C 1.940   -27.518 5.713   1.00 504.50 ? 47 C y OP1   1 
ATOM 1121 O OP2   . C A 1 53 C -0.296  -26.272 5.533   1.00 503.79 ? 47 C y OP2   1 
ATOM 1122 O "O5'" . C A 1 53 C 0.402   -27.274 7.689   1.00 524.87 ? 47 C y "O5'" 1 
ATOM 1123 C "C5'" . C A 1 53 C 1.270   -27.409 8.832   1.00 545.10 ? 47 C y "C5'" 1 
ATOM 1124 C "C4'" . C A 1 53 C 0.557   -27.012 10.107  1.00 560.99 ? 47 C y "C4'" 1 
ATOM 1125 O "O4'" . C A 1 53 C 0.289   -25.583 10.097  1.00 567.15 ? 47 C y "O4'" 1 
ATOM 1126 C "C3'" . C A 1 53 C -0.803  -27.646 10.355  1.00 574.50 ? 47 C y "C3'" 1 
ATOM 1127 O "O3'" . C A 1 53 C -0.629  -28.931 10.936  1.00 593.23 ? 47 C y "O3'" 1 
ATOM 1128 C "C2'" . C A 1 53 C -1.448  -26.673 11.333  1.00 574.44 ? 47 C y "C2'" 1 
ATOM 1129 O "O2'" . C A 1 53 C -0.957  -26.853 12.648  1.00 572.75 ? 47 C y "O2'" 1 
ATOM 1130 C "C1'" . C A 1 53 C -0.970  -25.328 10.781  1.00 573.35 ? 47 C y "C1'" 1 
ATOM 1131 N N1    . C A 1 53 C -1.893  -24.675 9.827   1.00 576.15 ? 47 C y N1    1 
ATOM 1132 C C2    . C A 1 53 C -2.973  -23.943 10.328  1.00 577.91 ? 47 C y C2    1 
ATOM 1133 O O2    . C A 1 53 C -3.149  -23.900 11.555  1.00 579.07 ? 47 C y O2    1 
ATOM 1134 N N3    . C A 1 53 C -3.817  -23.335 9.464   1.00 576.92 ? 47 C y N3    1 
ATOM 1135 C C4    . C A 1 53 C -3.594  -23.407 8.151   1.00 575.30 ? 47 C y C4    1 
ATOM 1136 N N4    . C A 1 53 C -4.443  -22.781 7.335   1.00 574.09 ? 47 C y N4    1 
ATOM 1137 C C5    . C A 1 53 C -2.492  -24.133 7.613   1.00 575.36 ? 47 C y C5    1 
ATOM 1138 C C6    . C A 1 53 C -1.673  -24.743 8.480   1.00 576.20 ? 47 C y C6    1 
ATOM 1139 P P     . C A 1 54 D -1.698  -30.079 10.672  1.00 613.60 ? 47 C y P     1 
ATOM 1140 O OP1   . C A 1 54 D -0.986  -31.380 10.739  1.00 611.20 ? 47 C y OP1   1 
ATOM 1141 O OP2   . C A 1 54 D -2.470  -29.724 9.452   1.00 614.93 ? 47 C y OP2   1 
ATOM 1142 O "O5'" . C A 1 54 D -2.664  -29.956 11.933  1.00 639.53 ? 47 C y "O5'" 1 
ATOM 1143 C "C5'" . C A 1 54 D -4.099  -30.012 11.787  1.00 669.23 ? 47 C y "C5'" 1 
ATOM 1144 C "C4'" . C A 1 54 D -4.768  -29.163 12.841  1.00 689.30 ? 47 C y "C4'" 1 
ATOM 1145 O "O4'" . C A 1 54 D -4.436  -27.764 12.610  1.00 696.00 ? 47 C y "O4'" 1 
ATOM 1146 C "C3'" . C A 1 54 D -6.290  -29.221 12.874  1.00 704.72 ? 47 C y "C3'" 1 
ATOM 1147 O "O3'" . C A 1 54 D -6.703  -30.316 13.695  1.00 724.31 ? 47 C y "O3'" 1 
ATOM 1148 C "C2'" . C A 1 54 D -6.646  -27.848 13.437  1.00 704.60 ? 47 C y "C2'" 1 
ATOM 1149 O "O2'" . C A 1 54 D -6.480  -27.776 14.839  1.00 705.58 ? 47 C y "O2'" 1 
ATOM 1150 C "C1'" . C A 1 54 D -5.594  -26.959 12.768  1.00 701.85 ? 47 C y "C1'" 1 
ATOM 1151 N N1    . C A 1 54 D -5.937  -26.378 11.450  1.00 702.00 ? 47 C y N1    1 
ATOM 1152 C C2    . C A 1 54 D -6.960  -25.425 11.355  1.00 701.66 ? 47 C y C2    1 
ATOM 1153 O O2    . C A 1 54 D -7.585  -25.106 12.379  1.00 701.51 ? 47 C y O2    1 
ATOM 1154 N N3    . C A 1 54 D -7.238  -24.870 10.154  1.00 700.52 ? 47 C y N3    1 
ATOM 1155 C C4    . C A 1 54 D -6.530  -25.222 9.078   1.00 700.07 ? 47 C y C4    1 
ATOM 1156 N N4    . C A 1 54 D -6.833  -24.640 7.914   1.00 698.98 ? 47 C y N4    1 
ATOM 1157 C C5    . C A 1 54 D -5.465  -26.165 9.151   1.00 700.98 ? 47 C y C5    1 
ATOM 1158 C C6    . C A 1 54 D -5.204  -26.711 10.345  1.00 702.10 ? 47 C y C6    1 
ATOM 1159 P P     . U A 1 55 E -8.244  -30.833 13.730  1.00 743.08 ? 47 U y P     1 
ATOM 1160 O OP1   . U A 1 55 E -9.169  -29.765 14.194  1.00 743.49 ? 47 U y OP1   1 
ATOM 1161 O OP2   . U A 1 55 E -8.208  -32.105 14.491  1.00 743.33 ? 47 U y OP2   1 
ATOM 1162 O "O5'" . U A 1 55 E -8.567  -31.244 12.215  1.00 756.53 ? 47 U y "O5'" 1 
ATOM 1163 C "C5'" . U A 1 55 E -9.142  -30.422 11.146  1.00 771.29 ? 47 U y "C5'" 1 
ATOM 1164 C "C4'" . U A 1 55 E -10.220 -29.463 11.609  1.00 781.28 ? 47 U y "C4'" 1 
ATOM 1165 O "O4'" . U A 1 55 E -9.747  -28.102 11.375  1.00 783.67 ? 47 U y "O4'" 1 
ATOM 1166 C "C3'" . U A 1 55 E -11.563 -29.562 10.891  1.00 789.45 ? 47 U y "C3'" 1 
ATOM 1167 O "O3'" . U A 1 55 E -12.473 -30.428 11.573  1.00 802.14 ? 47 U y "O3'" 1 
ATOM 1168 C "C2'" . U A 1 55 E -12.045 -28.114 10.903  1.00 788.05 ? 47 U y "C2'" 1 
ATOM 1169 O "O2'" . U A 1 55 E -12.617 -27.726 12.137  1.00 788.10 ? 47 U y "O2'" 1 
ATOM 1170 C "C1'" . U A 1 55 E -10.734 -27.353 10.689  1.00 785.81 ? 47 U y "C1'" 1 
ATOM 1171 N N1    . U A 1 55 E -10.296 -27.173 9.291   1.00 784.91 ? 47 U y N1    1 
ATOM 1172 C C2    . U A 1 55 E -11.100 -26.444 8.429   1.00 784.40 ? 47 U y C2    1 
ATOM 1173 O O2    . U A 1 55 E -12.174 -25.970 8.758   1.00 784.15 ? 47 U y O2    1 
ATOM 1174 N N3    . U A 1 55 E -10.611 -26.321 7.153   1.00 783.91 ? 47 U y N3    1 
ATOM 1175 C C4    . U A 1 55 E -9.422  -26.815 6.659   1.00 783.56 ? 47 U y C4    1 
ATOM 1176 O O4    . U A 1 55 E -9.126  -26.614 5.480   1.00 783.11 ? 47 U y O4    1 
ATOM 1177 C C5    . U A 1 55 E -8.646  -27.550 7.610   1.00 783.79 ? 47 U y C5    1 
ATOM 1178 C C6    . U A 1 55 E -9.086  -27.682 8.866   1.00 784.36 ? 47 U y C6    1 
ATOM 1179 P P     . C A 1 56 F -13.610 -31.235 10.756  1.00 814.09 ? 47 C y P     1 
ATOM 1180 O OP1   . C A 1 56 F -14.521 -31.858 11.750  1.00 814.76 ? 47 C y OP1   1 
ATOM 1181 O OP2   . C A 1 56 F -12.930 -32.105 9.758   1.00 814.55 ? 47 C y OP2   1 
ATOM 1182 O "O5'" . C A 1 56 F -14.460 -30.071 10.068  1.00 819.67 ? 47 C y "O5'" 1 
ATOM 1183 C "C5'" . C A 1 56 F -15.027 -30.173 8.746   1.00 825.77 ? 47 C y "C5'" 1 
ATOM 1184 C "C4'" . C A 1 56 F -14.186 -29.354 7.803   1.00 829.15 ? 47 C y "C4'" 1 
ATOM 1185 O "O4'" . C A 1 56 F -12.853 -29.930 7.825   1.00 832.34 ? 47 C y "O4'" 1 
ATOM 1186 C "C3'" . C A 1 56 F -14.622 -29.338 6.346   1.00 830.88 ? 47 C y "C3'" 1 
ATOM 1187 O "O3'" . C A 1 56 F -15.385 -28.181 6.038   1.00 829.90 ? 47 C y "O3'" 1 
ATOM 1188 C "C2'" . C A 1 56 F -13.299 -29.261 5.589   1.00 832.77 ? 47 C y "C2'" 1 
ATOM 1189 O "O2'" . C A 1 56 F -12.771 -27.958 5.487   1.00 832.06 ? 47 C y "O2'" 1 
ATOM 1190 C "C1'" . C A 1 56 F -12.339 -30.008 6.512   1.00 835.47 ? 47 C y "C1'" 1 
ATOM 1191 N N1    . C A 1 56 F -12.075 -31.423 6.172   1.00 840.61 ? 47 C y N1    1 
ATOM 1192 C C2    . C A 1 56 F -10.751 -31.818 5.960   1.00 843.20 ? 47 C y C2    1 
ATOM 1193 O O2    . C A 1 56 F -9.849  -30.973 6.060   1.00 843.12 ? 47 C y O2    1 
ATOM 1194 N N3    . C A 1 56 F -10.486 -33.110 5.658   1.00 845.36 ? 47 C y N3    1 
ATOM 1195 C C4    . C A 1 56 F -11.485 -33.991 5.567   1.00 846.62 ? 47 C y C4    1 
ATOM 1196 N N4    . C A 1 56 F -11.179 -35.253 5.258   1.00 847.38 ? 47 C y N4    1 
ATOM 1197 C C5    . C A 1 56 F -12.844 -33.614 5.772   1.00 845.75 ? 47 C y C5    1 
ATOM 1198 C C6    . C A 1 56 F -13.092 -32.332 6.065   1.00 843.74 ? 47 C y C6    1 
ATOM 1199 P P     . G A 1 57 G -16.727 -28.339 5.237   1.00 829.51 ? 47 G y P     1 
ATOM 1200 O OP1   . G A 1 57 G -17.498 -27.042 5.329   1.00 829.41 ? 47 G y OP1   1 
ATOM 1201 O OP2   . G A 1 57 G -17.443 -29.573 5.742   1.00 829.69 ? 47 G y OP2   1 
ATOM 1202 O "O5'" . G A 1 57 G -16.235 -28.579 3.719   1.00 826.01 ? 47 G y "O5'" 1 
ATOM 1203 C "C5'" . G A 1 57 G -16.689 -27.676 2.676   1.00 821.84 ? 47 G y "C5'" 1 
ATOM 1204 C "C4'" . G A 1 57 G -15.734 -26.514 2.543   1.00 817.49 ? 47 G y "C4'" 1 
ATOM 1205 O "O4'" . G A 1 57 G -14.409 -26.917 2.978   1.00 817.27 ? 47 G y "O4'" 1 
ATOM 1206 C "C3'" . G A 1 57 G -15.551 -25.936 1.130   1.00 813.08 ? 47 G y "C3'" 1 
ATOM 1207 O "O3'" . G A 1 57 G -15.419 -24.520 1.191   1.00 803.09 ? 47 G y "O3'" 1 
ATOM 1208 C "C2'" . G A 1 57 G -14.250 -26.598 0.665   1.00 814.86 ? 47 G y "C2'" 1 
ATOM 1209 O "O2'" . G A 1 57 G -13.559 -25.871 -0.327  1.00 815.15 ? 47 G y "O2'" 1 
ATOM 1210 C "C1'" . G A 1 57 G -13.464 -26.635 1.971   1.00 816.60 ? 47 G y "C1'" 1 
ATOM 1211 N N9    . G A 1 57 G -12.405 -27.636 2.032   1.00 817.37 ? 47 G y N9    1 
ATOM 1212 C C8    . G A 1 57 G -11.052 -27.397 2.046   1.00 817.33 ? 47 G y C8    1 
ATOM 1213 N N7    . G A 1 57 G -10.333 -28.490 2.122   1.00 817.43 ? 47 G y N7    1 
ATOM 1214 C C5    . G A 1 57 G -11.270 -29.515 2.169   1.00 818.00 ? 47 G y C5    1 
ATOM 1215 C C6    . G A 1 57 G -11.086 -30.917 2.255   1.00 818.68 ? 47 G y C6    1 
ATOM 1216 O O6    . G A 1 57 G -10.023 -31.552 2.310   1.00 818.79 ? 47 G y O6    1 
ATOM 1217 N N1    . G A 1 57 G -12.309 -31.591 2.284   1.00 819.42 ? 47 G y N1    1 
ATOM 1218 C C2    . G A 1 57 G -13.544 -30.995 2.230   1.00 819.74 ? 47 G y C2    1 
ATOM 1219 N N2    . G A 1 57 G -14.608 -31.808 2.272   1.00 820.15 ? 47 G y N2    1 
ATOM 1220 N N3    . G A 1 57 G -13.721 -29.679 2.149   1.00 819.27 ? 47 G y N3    1 
ATOM 1221 C C4    . G A 1 57 G -12.548 -29.002 2.120   1.00 818.15 ? 47 G y C4    1 
ATOM 1222 P P     . C A 1 58 H -16.622 -23.562 0.749   1.00 793.96 ? 47 C y P     1 
ATOM 1223 O OP1   . C A 1 58 H -17.900 -24.173 1.198   1.00 794.28 ? 47 C y OP1   1 
ATOM 1224 O OP2   . C A 1 58 H -16.432 -23.229 -0.685  1.00 794.43 ? 47 C y OP2   1 
ATOM 1225 O "O5'" . C A 1 58 H -16.372 -22.265 1.642   1.00 782.15 ? 47 C y "O5'" 1 
ATOM 1226 C "C5'" . C A 1 58 H -17.457 -21.569 2.300   1.00 769.82 ? 47 C y "C5'" 1 
ATOM 1227 C "C4'" . C A 1 58 H -17.631 -22.012 3.738   1.00 760.35 ? 47 C y "C4'" 1 
ATOM 1228 O "O4'" . C A 1 58 H -17.143 -23.375 3.910   1.00 759.14 ? 47 C y "O4'" 1 
ATOM 1229 C "C3'" . C A 1 58 H -16.881 -21.206 4.792   1.00 751.41 ? 47 C y "C3'" 1 
ATOM 1230 O "O3'" . C A 1 58 H -17.502 -19.981 5.181   1.00 734.58 ? 47 C y "O3'" 1 
ATOM 1231 C "C2'" . C A 1 58 H -16.782 -22.210 5.935   1.00 753.81 ? 47 C y "C2'" 1 
ATOM 1232 O "O2'" . C A 1 58 H -17.964 -22.311 6.706   1.00 754.27 ? 47 C y "O2'" 1 
ATOM 1233 C "C1'" . C A 1 58 H -16.497 -23.504 5.169   1.00 757.09 ? 47 C y "C1'" 1 
ATOM 1234 N N1    . C A 1 58 H -15.059 -23.747 4.935   1.00 758.70 ? 47 C y N1    1 
ATOM 1235 C C2    . C A 1 58 H -14.386 -24.676 5.737   1.00 759.52 ? 47 C y C2    1 
ATOM 1236 O O2    . C A 1 58 H -15.018 -25.287 6.610   1.00 759.55 ? 47 C y O2    1 
ATOM 1237 N N3    . C A 1 58 H -13.067 -24.896 5.524   1.00 760.22 ? 47 C y N3    1 
ATOM 1238 C C4    . C A 1 58 H -12.422 -24.217 4.573   1.00 760.49 ? 47 C y C4    1 
ATOM 1239 N N4    . C A 1 58 H -11.120 -24.464 4.402   1.00 760.59 ? 47 C y N4    1 
ATOM 1240 C C5    . C A 1 58 H -13.082 -23.262 3.750   1.00 760.10 ? 47 C y C5    1 
ATOM 1241 C C6    . C A 1 58 H -14.384 -23.052 3.970   1.00 759.50 ? 47 C y C6    1 
ATOM 1242 P P     . C A 1 59 I -16.702 -18.572 5.068   1.00 717.93 ? 47 C y P     1 
ATOM 1243 O OP1   . C A 1 59 I -17.050 -17.753 6.257   1.00 718.11 ? 47 C y OP1   1 
ATOM 1244 O OP2   . C A 1 59 I -16.933 -18.019 3.707   1.00 718.44 ? 47 C y OP2   1 
ATOM 1245 O "O5'" . C A 1 59 I -15.161 -18.973 5.175   1.00 697.87 ? 47 C y "O5'" 1 
ATOM 1246 C "C5'" . C A 1 59 I -14.328 -18.468 6.243   1.00 677.12 ? 47 C y "C5'" 1 
ATOM 1247 C "C4'" . C A 1 59 I -14.231 -19.536 7.295   1.00 663.01 ? 47 C y "C4'" 1 
ATOM 1248 O "O4'" . C A 1 59 I -13.855 -20.768 6.618   1.00 659.13 ? 47 C y "O4'" 1 
ATOM 1249 C "C3'" . C A 1 59 I -13.193 -19.366 8.394   1.00 651.64 ? 47 C y "C3'" 1 
ATOM 1250 O "O3'" . C A 1 59 I -13.656 -18.573 9.490   1.00 635.95 ? 47 C y "O3'" 1 
ATOM 1251 C "C2'" . C A 1 59 I -12.947 -20.817 8.784   1.00 652.53 ? 47 C y "C2'" 1 
ATOM 1252 O "O2'" . C A 1 59 I -13.984 -21.334 9.596   1.00 652.14 ? 47 C y "O2'" 1 
ATOM 1253 C "C1'" . C A 1 59 I -12.918 -21.481 7.405   1.00 655.00 ? 47 C y "C1'" 1 
ATOM 1254 N N1    . C A 1 59 I -11.602 -21.413 6.740   1.00 654.73 ? 47 C y N1    1 
ATOM 1255 C C2    . C A 1 59 I -10.579 -22.258 7.184   1.00 654.61 ? 47 C y C2    1 
ATOM 1256 O O2    . C A 1 59 I -10.806 -23.025 8.130   1.00 655.15 ? 47 C y O2    1 
ATOM 1257 N N3    . C A 1 59 I -9.365  -22.197 6.591   1.00 653.85 ? 47 C y N3    1 
ATOM 1258 C C4    . C A 1 59 I -9.162  -21.355 5.574   1.00 653.33 ? 47 C y C4    1 
ATOM 1259 N N4    . C A 1 59 I -7.953  -21.336 5.010   1.00 652.60 ? 47 C y N4    1 
ATOM 1260 C C5    . C A 1 59 I -10.188 -20.490 5.095   1.00 653.80 ? 47 C y C5    1 
ATOM 1261 C C6    . C A 1 59 I -11.385 -20.559 5.693   1.00 654.33 ? 47 C y C6    1 
ATOM 1262 P P     . G A 1 60 J -12.765 -17.340 10.030  1.00 621.92 ? 47 G y P     1 
ATOM 1263 O OP1   . G A 1 60 J -13.440 -16.028 9.669   1.00 621.49 ? 47 G y OP1   1 
ATOM 1264 O OP2   . G A 1 60 J -11.339 -17.495 9.544   1.00 621.50 ? 47 G y OP2   1 
ATOM 1265 O "O5'" . G A 1 60 J -12.773 -17.486 11.639  1.00 612.62 ? 47 G y "O5'" 1 
ATOM 1266 C "C5'" . G A 1 60 J -13.163 -18.731 12.260  1.00 603.18 ? 47 G y "C5'" 1 
ATOM 1267 C "C4'" . G A 1 60 J -12.116 -19.190 13.251  1.00 595.78 ? 47 G y "C4'" 1 
ATOM 1268 O "O4'" . G A 1 60 J -11.615 -20.481 12.817  1.00 595.76 ? 47 G y "O4'" 1 
ATOM 1269 C "C3'" . G A 1 60 J -10.859 -18.325 13.447  1.00 587.69 ? 47 G y "C3'" 1 
ATOM 1270 O "O3'" . G A 1 60 J -11.020 -17.342 14.463  1.00 570.00 ? 47 G y "O3'" 1 
ATOM 1271 C "C2'" . G A 1 60 J -9.838  -19.374 13.895  1.00 591.61 ? 47 G y "C2'" 1 
ATOM 1272 O "O2'" . G A 1 60 J -9.945  -19.690 15.267  1.00 594.07 ? 47 G y "O2'" 1 
ATOM 1273 C "C1'" . G A 1 60 J -10.225 -20.571 13.033  1.00 594.51 ? 47 G y "C1'" 1 
ATOM 1274 N N9    . G A 1 60 J -9.551  -20.639 11.741  1.00 594.90 ? 47 G y N9    1 
ATOM 1275 C C8    . G A 1 60 J -10.080 -20.334 10.514  1.00 595.20 ? 47 G y C8    1 
ATOM 1276 N N7    . G A 1 60 J -9.241  -20.512 9.524   1.00 595.14 ? 47 G y N7    1 
ATOM 1277 C C5    . G A 1 60 J -8.088  -20.983 10.137  1.00 594.87 ? 47 G y C5    1 
ATOM 1278 C C6    . G A 1 60 J -6.842  -21.348 9.575   1.00 594.55 ? 47 G y C6    1 
ATOM 1279 O O6    . G A 1 60 J -6.499  -21.327 8.386   1.00 593.98 ? 47 G y O6    1 
ATOM 1280 N N1    . G A 1 60 J -5.945  -21.756 10.560  1.00 594.34 ? 47 G y N1    1 
ATOM 1281 C C2    . G A 1 60 J -6.209  -21.807 11.907  1.00 594.31 ? 47 G y C2    1 
ATOM 1282 N N2    . G A 1 60 J -5.220  -22.236 12.699  1.00 594.21 ? 47 G y N2    1 
ATOM 1283 N N3    . G A 1 60 J -7.380  -21.471 12.440  1.00 594.78 ? 47 G y N3    1 
ATOM 1284 C C4    . G A 1 60 J -8.266  -21.064 11.502  1.00 594.94 ? 47 G y C4    1 
ATOM 1285 P P     . C A 1 61 K -10.551 -15.820 14.214  1.00 552.80 ? 47 C y P     1 
ATOM 1286 O OP1   . C A 1 61 K -10.488 -15.140 15.533  1.00 553.17 ? 47 C y OP1   1 
ATOM 1287 O OP2   . C A 1 61 K -11.396 -15.247 13.134  1.00 552.47 ? 47 C y OP2   1 
ATOM 1288 O "O5'" . C A 1 61 K -9.072  -15.977 13.640  1.00 537.54 ? 47 C y "O5'" 1 
ATOM 1289 C "C5'" . C A 1 61 K -7.959  -15.245 14.197  1.00 522.21 ? 47 C y "C5'" 1 
ATOM 1290 C "C4'" . C A 1 61 K -6.947  -16.197 14.794  1.00 511.93 ? 47 C y "C4'" 1 
ATOM 1291 O "O4'" . C A 1 61 K -7.155  -17.523 14.228  1.00 508.92 ? 47 C y "O4'" 1 
ATOM 1292 C "C3'" . C A 1 61 K -5.481  -15.852 14.549  1.00 503.43 ? 47 C y "C3'" 1 
ATOM 1293 O "O3'" . C A 1 61 K -4.938  -15.167 15.672  1.00 489.68 ? 47 C y "O3'" 1 
ATOM 1294 C "C2'" . C A 1 61 K -4.832  -17.225 14.398  1.00 504.39 ? 47 C y "C2'" 1 
ATOM 1295 O "O2'" . C A 1 61 K -4.554  -17.825 15.649  1.00 505.31 ? 47 C y "O2'" 1 
ATOM 1296 C "C1'" . C A 1 61 K -5.938  -18.023 13.703  1.00 505.54 ? 47 C y "C1'" 1 
ATOM 1297 N N1    . C A 1 61 K -6.023  -17.987 12.219  1.00 504.36 ? 47 C y N1    1 
ATOM 1298 C C2    . C A 1 61 K -4.943  -18.435 11.443  1.00 503.22 ? 47 C y C2    1 
ATOM 1299 O O2    . C A 1 61 K -3.898  -18.792 12.007  1.00 501.86 ? 47 C y O2    1 
ATOM 1300 N N3    . C A 1 61 K -5.056  -18.430 10.094  1.00 503.53 ? 47 C y N3    1 
ATOM 1301 C C4    . C A 1 61 K -6.195  -18.032 9.521   1.00 503.92 ? 47 C y C4    1 
ATOM 1302 N N4    . C A 1 61 K -6.263  -18.053 8.187   1.00 503.82 ? 47 C y N4    1 
ATOM 1303 C C5    . C A 1 61 K -7.316  -17.606 10.287  1.00 504.11 ? 47 C y C5    1 
ATOM 1304 C C6    . C A 1 61 K -7.195  -17.619 11.620  1.00 504.20 ? 47 C y C6    1 
ATOM 1305 P P     . A A 1 62 L -4.294  -13.711 15.495  1.00 476.49 ? 47 A y P     1 
ATOM 1306 O OP1   . A A 1 62 L -3.691  -13.318 16.794  1.00 477.40 ? 47 A y OP1   1 
ATOM 1307 O OP2   . A A 1 62 L -5.316  -12.835 14.867  1.00 476.04 ? 47 A y OP2   1 
ATOM 1308 O "O5'" . A A 1 62 L -3.136  -13.963 14.431  1.00 459.42 ? 47 A y "O5'" 1 
ATOM 1309 C "C5'" . A A 1 62 L -1.756  -13.622 14.701  1.00 442.08 ? 47 A y "C5'" 1 
ATOM 1310 C "C4'" . A A 1 62 L -0.837  -14.795 14.424  1.00 429.20 ? 47 A y "C4'" 1 
ATOM 1311 O "O4'" . A A 1 62 L -1.615  -15.930 13.944  1.00 425.12 ? 47 A y "O4'" 1 
ATOM 1312 C "C3'" . A A 1 62 L 0.236   -14.562 13.365  1.00 418.64 ? 47 A y "C3'" 1 
ATOM 1313 O "O3'" . A A 1 62 L 1.429   -14.044 13.936  1.00 403.28 ? 47 A y "O3'" 1 
ATOM 1314 C "C2'" . A A 1 62 L 0.451   -15.961 12.800  1.00 419.30 ? 47 A y "C2'" 1 
ATOM 1315 O "O2'" . A A 1 62 L 1.319   -16.752 13.589  1.00 419.80 ? 47 A y "O2'" 1 
ATOM 1316 C "C1'" . A A 1 62 L -0.973  -16.518 12.824  1.00 420.31 ? 47 A y "C1'" 1 
ATOM 1317 N N9    . A A 1 62 L -1.780  -16.226 11.635  1.00 418.41 ? 47 A y N9    1 
ATOM 1318 C C8    . A A 1 62 L -3.026  -15.649 11.620  1.00 418.30 ? 47 A y C8    1 
ATOM 1319 N N7    . A A 1 62 L -3.535  -15.518 10.420  1.00 417.20 ? 47 A y N7    1 
ATOM 1320 C C5    . A A 1 62 L -2.567  -16.062 9.587   1.00 415.41 ? 47 A y C5    1 
ATOM 1321 C C6    . A A 1 62 L -2.508  -16.233 8.196   1.00 413.90 ? 47 A y C6    1 
ATOM 1322 N N6    . A A 1 62 L -3.475  -15.840 7.365   1.00 414.02 ? 47 A y N6    1 
ATOM 1323 N N1    . A A 1 62 L -1.404  -16.813 7.679   1.00 413.19 ? 47 A y N1    1 
ATOM 1324 C C2    . A A 1 62 L -0.427  -17.186 8.515   1.00 413.29 ? 47 A y C2    1 
ATOM 1325 N N3    . A A 1 62 L -0.372  -17.095 9.841   1.00 414.24 ? 47 A y N3    1 
ATOM 1326 C C4    . A A 1 62 L -1.487  -16.516 10.323  1.00 415.93 ? 47 A y C4    1 
ATOM 1327 P P     . U A 1 63 M 1.791   -12.499 13.751  1.00 389.68 ? 47 U y P     1 
ATOM 1328 O OP1   . U A 1 63 M 1.967   -11.918 15.104  1.00 391.85 ? 47 U y OP1   1 
ATOM 1329 O OP2   . U A 1 63 M 0.786   -11.899 12.828  1.00 389.52 ? 47 U y OP2   1 
ATOM 1330 O "O5'" . U A 1 63 M 3.218   -12.555 13.045  1.00 370.13 ? 47 U y "O5'" 1 
ATOM 1331 C "C5'" . U A 1 63 M 3.419   -12.074 11.698  1.00 348.22 ? 47 U y "C5'" 1 
ATOM 1332 C "C4'" . U A 1 63 M 3.870   -13.198 10.791  1.00 331.96 ? 47 U y "C4'" 1 
ATOM 1333 O "O4'" . U A 1 63 M 2.807   -14.186 10.657  1.00 330.10 ? 47 U y "O4'" 1 
ATOM 1334 C "C3'" . U A 1 63 M 4.222   -12.772 9.377   1.00 318.13 ? 47 U y "C3'" 1 
ATOM 1335 O "O3'" . U A 1 63 M 5.621   -12.515 9.347   1.00 291.97 ? 47 U y "O3'" 1 
ATOM 1336 C "C2'" . U A 1 63 M 3.843   -13.995 8.549   1.00 323.25 ? 47 U y "C2'" 1 
ATOM 1337 O "O2'" . U A 1 63 M 4.857   -14.982 8.560   1.00 323.87 ? 47 U y "O2'" 1 
ATOM 1338 C "C1'" . U A 1 63 M 2.609   -14.514 9.292   1.00 328.16 ? 47 U y "C1'" 1 
ATOM 1339 N N1    . U A 1 63 M 1.284   -14.002 8.886   1.00 330.65 ? 47 U y N1    1 
ATOM 1340 C C2    . U A 1 63 M 0.867   -14.140 7.571   1.00 330.77 ? 47 U y C2    1 
ATOM 1341 O O2    . U A 1 63 M 1.558   -14.639 6.698   1.00 331.43 ? 47 U y O2    1 
ATOM 1342 N N3    . U A 1 63 M -0.398  -13.673 7.318   1.00 330.80 ? 47 U y N3    1 
ATOM 1343 C C4    . U A 1 63 M -1.268  -13.091 8.212   1.00 331.94 ? 47 U y C4    1 
ATOM 1344 O O4    . U A 1 63 M -2.378  -12.725 7.826   1.00 332.79 ? 47 U y O4    1 
ATOM 1345 C C5    . U A 1 63 M -0.777  -13.010 9.552   1.00 333.03 ? 47 U y C5    1 
ATOM 1346 C C6    . U A 1 63 M 0.444   -13.471 9.838   1.00 332.56 ? 47 U y C6    1 
ATOM 1347 P P     . U A 1 64 ? 6.171   -11.101 8.845   1.00 270.52 ? 48 U y P     1 
ATOM 1348 O OP1   . U A 1 64 ? 7.610   -11.023 9.194   1.00 273.78 ? 48 U y OP1   1 
ATOM 1349 O OP2   . U A 1 64 ? 5.244   -10.040 9.308   1.00 271.08 ? 48 U y OP2   1 
ATOM 1350 O "O5'" . U A 1 64 ? 5.997   -11.200 7.269   1.00 258.93 ? 48 U y "O5'" 1 
ATOM 1351 C "C5'" . U A 1 64 ? 6.930   -11.914 6.441   1.00 250.71 ? 48 U y "C5'" 1 
ATOM 1352 C "C4'" . U A 1 64 ? 6.665   -11.542 5.009   1.00 244.81 ? 48 U y "C4'" 1 
ATOM 1353 O "O4'" . U A 1 64 ? 5.466   -12.241 4.571   1.00 247.59 ? 48 U y "O4'" 1 
ATOM 1354 C "C3'" . U A 1 64 ? 6.360   -10.067 4.794   1.00 234.93 ? 48 U y "C3'" 1 
ATOM 1355 O "O3'" . U A 1 64 ? 7.539   -9.291  4.587   1.00 212.93 ? 48 U y "O3'" 1 
ATOM 1356 C "C2'" . U A 1 64 ? 5.475   -10.097 3.552   1.00 241.99 ? 48 U y "C2'" 1 
ATOM 1357 O "O2'" . U A 1 64 ? 6.236   -10.240 2.371   1.00 243.41 ? 48 U y "O2'" 1 
ATOM 1358 C "C1'" . U A 1 64 ? 4.680   -11.388 3.753   1.00 246.35 ? 48 U y "C1'" 1 
ATOM 1359 N N1    . U A 1 64 ? 3.350   -11.244 4.370   1.00 243.56 ? 48 U y N1    1 
ATOM 1360 C C2    . U A 1 64 ? 2.243   -11.205 3.539   1.00 242.74 ? 48 U y C2    1 
ATOM 1361 O O2    . U A 1 64 ? 2.324   -11.264 2.323   1.00 243.11 ? 48 U y O2    1 
ATOM 1362 N N3    . U A 1 64 ? 1.040   -11.089 4.189   1.00 241.01 ? 48 U y N3    1 
ATOM 1363 C C4    . U A 1 64 ? 0.828   -11.024 5.550   1.00 238.17 ? 48 U y C4    1 
ATOM 1364 O O4    . U A 1 64 ? -0.322  -10.943 5.985   1.00 238.39 ? 48 U y O4    1 
ATOM 1365 C C5    . U A 1 64 ? 2.021   -11.052 6.338   1.00 236.43 ? 48 U y C5    1 
ATOM 1366 C C6    . U A 1 64 ? 3.209   -11.175 5.737   1.00 238.87 ? 48 U y C6    1 
ATOM 1367 P P     . G A 1 65 ? 7.881   -8.074  5.569   1.00 201.54 ? 51 G y P     1 
ATOM 1368 O OP1   . G A 1 65 ? 7.082   -8.229  6.861   1.00 207.31 ? 51 G y OP1   1 
ATOM 1369 O OP2   . G A 1 65 ? 7.768   -6.762  4.822   1.00 201.43 ? 51 G y OP2   1 
ATOM 1370 O "O5'" . G A 1 65 ? 9.424   -8.277  5.902   1.00 182.36 ? 51 G y "O5'" 1 
ATOM 1371 C "C5'" . G A 1 65 ? 9.799   -9.515  6.523   1.00 159.89 ? 51 G y "C5'" 1 
ATOM 1372 C "C4'" . G A 1 65 ? 10.946  -10.155 5.785   1.00 143.47 ? 51 G y "C4'" 1 
ATOM 1373 O "O4'" . G A 1 65 ? 11.107  -9.540  4.481   1.00 130.95 ? 51 G y "O4'" 1 
ATOM 1374 C "C3'" . G A 1 65 ? 12.308  -10.063 6.485   1.00 132.71 ? 51 G y "C3'" 1 
ATOM 1375 O "O3'" . G A 1 65 ? 12.617  -11.292 7.129   1.00 135.14 ? 51 G y "O3'" 1 
ATOM 1376 C "C2'" . G A 1 65 ? 13.291  -9.787  5.345   1.00 124.19 ? 51 G y "C2'" 1 
ATOM 1377 O "O2'" . G A 1 65 ? 13.817  -10.972 4.786   1.00 123.81 ? 51 G y "O2'" 1 
ATOM 1378 C "C1'" . G A 1 65 ? 12.417  -9.049  4.337   1.00 117.77 ? 51 G y "C1'" 1 
ATOM 1379 N N9    . G A 1 65 ? 12.368  -7.592  4.422   1.00 107.36 ? 51 G y N9    1 
ATOM 1380 C C8    . G A 1 65 ? 11.265  -6.826  4.139   1.00 107.71 ? 51 G y C8    1 
ATOM 1381 N N7    . G A 1 65 ? 11.488  -5.539  4.236   1.00 105.32 ? 51 G y N7    1 
ATOM 1382 C C5    . G A 1 65 ? 12.839  -5.444  4.551   1.00 101.42 ? 51 G y C5    1 
ATOM 1383 C C6    . G A 1 65 ? 13.656  -4.303  4.763   1.00 100.27 ? 51 G y C6    1 
ATOM 1384 O O6    . G A 1 65 ? 13.341  -3.108  4.711   1.00 106.85 ? 51 G y O6    1 
ATOM 1385 N N1    . G A 1 65 ? 14.965  -4.668  5.072   1.00 98.38  ? 51 G y N1    1 
ATOM 1386 C C2    . G A 1 65 ? 15.425  -5.956  5.179   1.00 99.80  ? 51 G y C2    1 
ATOM 1387 N N2    . G A 1 65 ? 16.716  -6.113  5.497   1.00 101.15 ? 51 G y N2    1 
ATOM 1388 N N3    . G A 1 65 ? 14.668  -7.028  4.975   1.00 99.68  ? 51 G y N3    1 
ATOM 1389 C C4    . G A 1 65 ? 13.392  -6.702  4.666   1.00 100.38 ? 51 G y C4    1 
ATOM 1390 P P     . G A 1 66 ? 12.381  -11.435 8.691   1.00 138.16 ? 52 G y P     1 
ATOM 1391 O OP1   . G A 1 66 ? 13.408  -12.387 9.266   1.00 144.59 ? 52 G y OP1   1 
ATOM 1392 O OP2   . G A 1 66 ? 10.933  -11.797 8.943   1.00 139.17 ? 52 G y OP2   1 
ATOM 1393 O "O5'" . G A 1 66 ? 12.670  -9.956  9.247   1.00 125.49 ? 52 G y "O5'" 1 
ATOM 1394 C "C5'" . G A 1 66 ? 13.340  -9.827  10.521  1.00 120.08 ? 52 G y "C5'" 1 
ATOM 1395 C "C4'" . G A 1 66 ? 14.813  -9.552  10.338  1.00 111.79 ? 52 G y "C4'" 1 
ATOM 1396 O "O4'" . G A 1 66 ? 15.099  -9.125  8.976   1.00 104.08 ? 52 G y "O4'" 1 
ATOM 1397 C "C3'" . G A 1 66 ? 15.364  -8.425  11.220  1.00 107.57 ? 52 G y "C3'" 1 
ATOM 1398 O "O3'" . G A 1 66 ? 15.672  -8.848  12.544  1.00 103.61 ? 52 G y "O3'" 1 
ATOM 1399 C "C2'" . G A 1 66 ? 16.543  -7.904  10.397  1.00 106.60 ? 52 G y "C2'" 1 
ATOM 1400 O "O2'" . G A 1 66 ? 17.679  -8.735  10.492  1.00 117.03 ? 52 G y "O2'" 1 
ATOM 1401 C "C1'" . G A 1 66 ? 15.959  -7.930  8.986   1.00 99.95  ? 52 G y "C1'" 1 
ATOM 1402 N N9    . G A 1 66 ? 15.115  -6.783  8.655   1.00 94.00  ? 52 G y N9    1 
ATOM 1403 C C8    . G A 1 66 ? 13.820  -6.850  8.207   1.00 96.67  ? 52 G y C8    1 
ATOM 1404 N N7    . G A 1 66 ? 13.275  -5.676  8.009   1.00 95.44  ? 52 G y N7    1 
ATOM 1405 C C5    . G A 1 66 ? 14.281  -4.773  8.336   1.00 91.31  ? 52 G y C5    1 
ATOM 1406 C C6    . G A 1 66 ? 14.275  -3.355  8.314   1.00 92.13  ? 52 G y C6    1 
ATOM 1407 O O6    . G A 1 66 ? 13.353  -2.592  7.991   1.00 93.89  ? 52 G y O6    1 
ATOM 1408 N N1    . G A 1 66 ? 15.501  -2.831  8.717   1.00 90.16  ? 52 G y N1    1 
ATOM 1409 C C2    . G A 1 66 ? 16.592  -3.572  9.095   1.00 87.47  ? 52 G y C2    1 
ATOM 1410 N N2    . G A 1 66 ? 17.684  -2.885  9.457   1.00 86.04  ? 52 G y N2    1 
ATOM 1411 N N3    . G A 1 66 ? 16.605  -4.903  9.119   1.00 89.79  ? 52 G y N3    1 
ATOM 1412 C C4    . G A 1 66 ? 15.422  -5.439  8.731   1.00 89.03  ? 52 G y C4    1 
ATOM 1413 P P     . G A 1 67 ? 14.705  -8.433  13.765  1.00 107.48 ? 53 G y P     1 
ATOM 1414 O OP1   . G A 1 67 ? 14.486  -9.635  14.662  1.00 112.74 ? 53 G y OP1   1 
ATOM 1415 O OP2   . G A 1 67 ? 13.452  -7.787  13.216  1.00 109.64 ? 53 G y OP2   1 
ATOM 1416 O "O5'" . G A 1 67 ? 15.548  -7.325  14.566  1.00 112.38 ? 53 G y "O5'" 1 
ATOM 1417 C "C5'" . G A 1 67 ? 16.978  -7.397  14.458  1.00 109.33 ? 53 G y "C5'" 1 
ATOM 1418 C "C4'" . G A 1 67 ? 17.535  -5.976  14.253  1.00 103.05 ? 53 G y "C4'" 1 
ATOM 1419 O "O4'" . G A 1 67 ? 17.499  -5.523  12.823  1.00 96.87  ? 53 G y "O4'" 1 
ATOM 1420 C "C3'" . G A 1 67 ? 16.889  -4.834  14.984  1.00 96.34  ? 53 G y "C3'" 1 
ATOM 1421 O "O3'" . G A 1 67 ? 17.248  -4.542  16.344  1.00 95.34  ? 53 G y "O3'" 1 
ATOM 1422 C "C2'" . G A 1 67 ? 17.624  -3.640  14.288  1.00 93.13  ? 53 G y "C2'" 1 
ATOM 1423 O "O2'" . G A 1 67 ? 18.985  -3.653  14.683  1.00 100.42 ? 53 G y "O2'" 1 
ATOM 1424 C "C1'" . G A 1 67 ? 17.537  -4.121  12.855  1.00 90.11  ? 53 G y "C1'" 1 
ATOM 1425 N N9    . G A 1 67 ? 16.337  -3.548  12.187  1.00 87.02  ? 53 G y N9    1 
ATOM 1426 C C8    . G A 1 67 ? 15.400  -4.277  11.502  1.00 88.14  ? 53 G y C8    1 
ATOM 1427 N N7    . G A 1 67 ? 14.403  -3.551  11.056  1.00 89.95  ? 53 G y N7    1 
ATOM 1428 C C5    . G A 1 67 ? 14.710  -2.250  11.486  1.00 89.70  ? 53 G y C5    1 
ATOM 1429 C C6    . G A 1 67 ? 14.008  -1.036  11.305  1.00 90.28  ? 53 G y C6    1 
ATOM 1430 O O6    . G A 1 67 ? 12.938  -0.846  10.712  1.00 90.91  ? 53 G y O6    1 
ATOM 1431 N N1    . G A 1 67 ? 14.676  0.031   11.906  1.00 89.52  ? 53 G y N1    1 
ATOM 1432 C C2    . G A 1 67 ? 15.864  -0.057  12.589  1.00 89.43  ? 53 G y C2    1 
ATOM 1433 N N2    . G A 1 67 ? 16.355  1.079   13.097  1.00 90.37  ? 53 G y N2    1 
ATOM 1434 N N3    . G A 1 67 ? 16.532  -1.193  12.753  1.00 91.18  ? 53 G y N3    1 
ATOM 1435 C C4    . G A 1 67 ? 15.899  -2.245  12.180  1.00 89.38  ? 53 G y C4    1 
ATOM 1436 P P     . U A 1 68 ? 16.177  -4.254  17.495  1.00 100.17 ? 54 U y P     1 
ATOM 1437 O OP1   . U A 1 68 ? 16.491  -5.153  18.635  1.00 106.71 ? 54 U y OP1   1 
ATOM 1438 O OP2   . U A 1 68 ? 14.806  -4.145  16.933  1.00 99.38  ? 54 U y OP2   1 
ATOM 1439 O "O5'" . U A 1 68 ? 16.694  -2.835  18.000  1.00 99.30  ? 54 U y "O5'" 1 
ATOM 1440 C "C5'" . U A 1 68 ? 18.071  -2.473  17.701  1.00 94.87  ? 54 U y "C5'" 1 
ATOM 1441 C "C4'" . U A 1 68 ? 18.228  -0.979  17.588  1.00 90.10  ? 54 U y "C4'" 1 
ATOM 1442 O "O4'" . U A 1 68 ? 17.893  -0.539  16.240  1.00 85.49  ? 54 U y "O4'" 1 
ATOM 1443 C "C3'" . U A 1 68 ? 17.316  -0.212  18.532  1.00 85.07  ? 54 U y "C3'" 1 
ATOM 1444 O "O3'" . U A 1 68 ? 18.012  0.044   19.744  1.00 84.35  ? 54 U y "O3'" 1 
ATOM 1445 C "C2'" . U A 1 68 ? 16.925  1.025   17.731  1.00 83.59  ? 54 U y "C2'" 1 
ATOM 1446 O "O2'" . U A 1 68 ? 17.812  2.110   17.896  1.00 86.36  ? 54 U y "O2'" 1 
ATOM 1447 C "C1'" . U A 1 68 ? 16.927  0.498   16.292  1.00 84.33  ? 54 U y "C1'" 1 
ATOM 1448 N N1    . U A 1 68 ? 15.645  -0.051  15.821  1.00 86.23  ? 54 U y N1    1 
ATOM 1449 C C2    . U A 1 68 ? 14.634  0.827   15.465  1.00 88.42  ? 54 U y C2    1 
ATOM 1450 O O2    . U A 1 68 ? 14.750  2.038   15.535  1.00 93.03  ? 54 U y O2    1 
ATOM 1451 N N3    . U A 1 68 ? 13.479  0.227   15.033  1.00 90.76  ? 54 U y N3    1 
ATOM 1452 C C4    . U A 1 68 ? 13.235  -1.123  14.907  1.00 92.62  ? 54 U y C4    1 
ATOM 1453 O O4    . U A 1 68 ? 12.138  -1.506  14.496  1.00 94.25  ? 54 U y O4    1 
ATOM 1454 C C5    . U A 1 68 ? 14.330  -1.961  15.279  1.00 89.91  ? 54 U y C5    1 
ATOM 1455 C C6    . U A 1 68 ? 15.470  -1.410  15.701  1.00 87.43  ? 54 U y C6    1 
ATOM 1456 P P     . U A 1 69 ? 17.411  -0.504  21.115  1.00 84.41  ? 55 U y P     1 
ATOM 1457 O OP1   . U A 1 69 ? 18.252  0.005   22.228  1.00 93.75  ? 55 U y OP1   1 
ATOM 1458 O OP2   . U A 1 69 ? 17.177  -1.964  20.969  1.00 87.53  ? 55 U y OP2   1 
ATOM 1459 O "O5'" . U A 1 69 ? 15.987  0.202   21.177  1.00 84.06  ? 55 U y "O5'" 1 
ATOM 1460 C "C5'" . U A 1 69 ? 15.869  1.599   21.499  1.00 83.83  ? 55 U y "C5'" 1 
ATOM 1461 C "C4'" . U A 1 69 ? 14.550  2.130   21.002  1.00 85.99  ? 55 U y "C4'" 1 
ATOM 1462 O "O4'" . U A 1 69 ? 14.309  1.646   19.653  1.00 85.59  ? 55 U y "O4'" 1 
ATOM 1463 C "C3'" . U A 1 69 ? 13.317  1.677   21.764  1.00 85.09  ? 55 U y "C3'" 1 
ATOM 1464 O "O3'" . U A 1 69 ? 13.138  2.402   22.979  1.00 91.03  ? 55 U y "O3'" 1 
ATOM 1465 C "C2'" . U A 1 69 ? 12.224  1.942   20.738  1.00 83.86  ? 55 U y "C2'" 1 
ATOM 1466 O "O2'" . U A 1 69 ? 11.927  3.321   20.650  1.00 83.85  ? 55 U y "O2'" 1 
ATOM 1467 C "C1'" . U A 1 69 ? 12.914  1.501   19.443  1.00 83.66  ? 55 U y "C1'" 1 
ATOM 1468 N N1    . U A 1 69 ? 12.637  0.115   19.025  1.00 80.04  ? 55 U y N1    1 
ATOM 1469 C C2    . U A 1 69 ? 11.447  -0.128  18.368  1.00 76.73  ? 55 U y C2    1 
ATOM 1470 O O2    . U A 1 69 ? 10.631  0.743   18.131  1.00 78.93  ? 55 U y O2    1 
ATOM 1471 N N3    . U A 1 69 ? 11.246  -1.435  18.002  1.00 79.76  ? 55 U y N3    1 
ATOM 1472 C C4    . U A 1 69 ? 12.090  -2.500  18.213  1.00 85.83  ? 55 U y C4    1 
ATOM 1473 O O4    . U A 1 69 ? 11.767  -3.620  17.814  1.00 91.73  ? 55 U y O4    1 
ATOM 1474 C C5    . U A 1 69 ? 13.306  -2.169  18.893  1.00 84.01  ? 55 U y C5    1 
ATOM 1475 C C6    . U A 1 69 ? 13.533  -0.904  19.263  1.00 80.51  ? 55 U y C6    1 
ATOM 1476 P P     . C A 1 70 ? 13.168  1.636   24.392  1.00 97.42  ? 56 C y P     1 
ATOM 1477 O OP1   . C A 1 70 ? 12.956  2.640   25.463  1.00 101.41 ? 56 C y OP1   1 
ATOM 1478 O OP2   . C A 1 70 ? 14.371  0.769   24.427  1.00 93.79  ? 56 C y OP2   1 
ATOM 1479 O "O5'" . C A 1 70 ? 11.879  0.700   24.326  1.00 106.45 ? 56 C y "O5'" 1 
ATOM 1480 C "C5'" . C A 1 70 ? 11.510  -0.142  25.434  1.00 112.98 ? 56 C y "C5'" 1 
ATOM 1481 C "C4'" . C A 1 70 ? 10.022  -0.401  25.417  1.00 117.11 ? 56 C y "C4'" 1 
ATOM 1482 O "O4'" . C A 1 70 ? 9.334   0.698   26.080  1.00 120.39 ? 56 C y "O4'" 1 
ATOM 1483 C "C3'" . C A 1 70 ? 9.396   -0.493  24.032  1.00 114.41 ? 56 C y "C3'" 1 
ATOM 1484 O "O3'" . C A 1 70 ? 9.442   -1.831  23.549  1.00 114.34 ? 56 C y "O3'" 1 
ATOM 1485 C "C2'" . C A 1 70 ? 7.968   -0.028  24.292  1.00 117.13 ? 56 C y "C2'" 1 
ATOM 1486 O "O2'" . C A 1 70 ? 7.158   -1.056  24.831  1.00 120.96 ? 56 C y "O2'" 1 
ATOM 1487 C "C1'" . C A 1 70 ? 8.188   1.075   25.334  1.00 120.12 ? 56 C y "C1'" 1 
ATOM 1488 N N1    . C A 1 70 ? 8.405   2.445   24.811  1.00 119.87 ? 56 C y N1    1 
ATOM 1489 C C2    . C A 1 70 ? 7.361   3.106   24.151  1.00 122.43 ? 56 C y C2    1 
ATOM 1490 O O2    . C A 1 70 ? 6.281   2.519   23.992  1.00 123.11 ? 56 C y O2    1 
ATOM 1491 N N3    . C A 1 70 ? 7.560   4.364   23.698  1.00 125.10 ? 56 C y N3    1 
ATOM 1492 C C4    . C A 1 70 ? 8.733   4.970   23.899  1.00 125.84 ? 56 C y C4    1 
ATOM 1493 N N4    . C A 1 70 ? 8.885   6.211   23.433  1.00 127.32 ? 56 C y N4    1 
ATOM 1494 C C5    . C A 1 70 ? 9.804   4.327   24.584  1.00 126.05 ? 56 C y C5    1 
ATOM 1495 C C6    . C A 1 70 ? 9.594   3.083   25.031  1.00 121.59 ? 56 C y C6    1 
ATOM 1496 P P     . G A 1 71 ? 9.811   -2.119  22.024  1.00 115.03 ? 57 G y P     1 
ATOM 1497 O OP1   . G A 1 71 ? 10.816  -3.252  21.960  1.00 117.48 ? 57 G y OP1   1 
ATOM 1498 O OP2   . G A 1 71 ? 10.245  -0.829  21.370  1.00 110.71 ? 57 G y OP2   1 
ATOM 1499 O "O5'" . G A 1 71 ? 8.417   -2.587  21.371  1.00 116.38 ? 57 G y "O5'" 1 
ATOM 1500 C "C5'" . G A 1 71 ? 8.236   -2.421  19.945  1.00 114.81 ? 57 G y "C5'" 1 
ATOM 1501 C "C4'" . G A 1 71 ? 7.001   -1.598  19.666  1.00 112.44 ? 57 G y "C4'" 1 
ATOM 1502 O "O4'" . G A 1 71 ? 6.839   -0.558  20.663  1.00 109.49 ? 57 G y "O4'" 1 
ATOM 1503 C "C3'" . G A 1 71 ? 7.008   -0.834  18.342  1.00 107.99 ? 57 G y "C3'" 1 
ATOM 1504 O "O3'" . G A 1 71 ? 6.640   -1.695  17.275  1.00 105.43 ? 57 G y "O3'" 1 
ATOM 1505 C "C2'" . G A 1 71 ? 5.952   0.233   18.623  1.00 108.30 ? 57 G y "C2'" 1 
ATOM 1506 O "O2'" . G A 1 71 ? 4.648   -0.291  18.505  1.00 117.99 ? 57 G y "O2'" 1 
ATOM 1507 C "C1'" . G A 1 71 ? 6.256   0.588   20.078  1.00 106.93 ? 57 G y "C1'" 1 
ATOM 1508 N N9    . G A 1 71 ? 7.168   1.714   20.267  1.00 107.99 ? 57 G y N9    1 
ATOM 1509 C C8    . G A 1 71 ? 8.280   1.712   21.069  1.00 115.71 ? 57 G y C8    1 
ATOM 1510 N N7    . G A 1 71 ? 8.922   2.853   21.073  1.00 111.85 ? 57 G y N7    1 
ATOM 1511 C C5    . G A 1 71 ? 8.180   3.663   20.225  1.00 103.72 ? 57 G y C5    1 
ATOM 1512 C C6    . G A 1 71 ? 8.391   5.010   19.846  1.00 100.83 ? 57 G y C6    1 
ATOM 1513 O O6    . G A 1 71 ? 9.302   5.773   20.194  1.00 98.48  ? 57 G y O6    1 
ATOM 1514 N N1    . G A 1 71 ? 7.401   5.450   18.969  1.00 100.15 ? 57 G y N1    1 
ATOM 1515 C C2    . G A 1 71 ? 6.350   4.692   18.511  1.00 104.34 ? 57 G y C2    1 
ATOM 1516 N N2    . G A 1 71 ? 5.502   5.287   17.661  1.00 104.94 ? 57 G y N2    1 
ATOM 1517 N N3    . G A 1 71 ? 6.145   3.429   18.873  1.00 104.65 ? 57 G y N3    1 
ATOM 1518 C C4    . G A 1 71 ? 7.094   2.978   19.727  1.00 103.65 ? 57 G y C4    1 
ATOM 1519 P P     . A A 1 72 ? 7.456   -1.655  15.911  1.00 105.13 ? 58 A y P     1 
ATOM 1520 O OP1   . A A 1 72 ? 6.829   -2.629  14.979  1.00 111.35 ? 58 A y OP1   1 
ATOM 1521 O OP2   . A A 1 72 ? 8.898   -1.779  16.242  1.00 106.96 ? 58 A y OP2   1 
ATOM 1522 O "O5'" . A A 1 72 ? 7.204   -0.169  15.388  1.00 103.88 ? 58 A y "O5'" 1 
ATOM 1523 C "C5'" . A A 1 72 ? 5.991   0.191   14.698  1.00 103.21 ? 58 A y "C5'" 1 
ATOM 1524 C "C4'" . A A 1 72 ? 6.283   0.605   13.273  1.00 102.19 ? 58 A y "C4'" 1 
ATOM 1525 O "O4'" . A A 1 72 ? 7.287   1.655   13.268  1.00 98.41  ? 58 A y "O4'" 1 
ATOM 1526 C "C3'" . A A 1 72 ? 6.814   -0.503  12.359  1.00 106.53 ? 58 A y "C3'" 1 
ATOM 1527 O "O3'" . A A 1 72 ? 6.218   -0.449  11.065  1.00 114.03 ? 58 A y "O3'" 1 
ATOM 1528 C "C2'" . A A 1 72 ? 8.316   -0.226  12.321  1.00 103.12 ? 58 A y "C2'" 1 
ATOM 1529 O "O2'" . A A 1 72 ? 8.954   -0.712  11.158  1.00 104.66 ? 58 A y "O2'" 1 
ATOM 1530 C "C1'" . A A 1 72 ? 8.343   1.299   12.402  1.00 98.45  ? 58 A y "C1'" 1 
ATOM 1531 N N9    . A A 1 72 ? 9.582   1.842   12.954  1.00 97.08  ? 58 A y N9    1 
ATOM 1532 C C8    . A A 1 72 ? 10.605  1.156   13.562  1.00 97.95  ? 58 A y C8    1 
ATOM 1533 N N7    . A A 1 72 ? 11.592  1.921   13.958  1.00 101.69 ? 58 A y N7    1 
ATOM 1534 C C5    . A A 1 72 ? 11.190  3.199   13.596  1.00 101.25 ? 58 A y C5    1 
ATOM 1535 C C6    . A A 1 72 ? 11.797  4.457   13.742  1.00 103.22 ? 58 A y C6    1 
ATOM 1536 N N6    . A A 1 72 ? 12.986  4.644   14.318  1.00 106.07 ? 58 A y N6    1 
ATOM 1537 N N1    . A A 1 72 ? 11.128  5.534   13.278  1.00 103.05 ? 58 A y N1    1 
ATOM 1538 C C2    . A A 1 72 ? 9.933   5.347   12.705  1.00 98.27  ? 58 A y C2    1 
ATOM 1539 N N3    . A A 1 72 ? 9.264   4.215   12.502  1.00 94.44  ? 58 A y N3    1 
ATOM 1540 C C4    . A A 1 72 ? 9.953   3.165   12.979  1.00 95.99  ? 58 A y C4    1 
ATOM 1541 P P     . U A 1 73 ? 5.389   -1.705  10.519  1.00 121.03 ? 59 U y P     1 
ATOM 1542 O OP1   . U A 1 73 ? 4.656   -2.299  11.669  1.00 120.32 ? 59 U y OP1   1 
ATOM 1543 O OP2   . U A 1 73 ? 6.310   -2.557  9.724   1.00 127.53 ? 59 U y OP2   1 
ATOM 1544 O "O5'" . U A 1 73 ? 4.358   -1.051  9.490   1.00 110.83 ? 59 U y "O5'" 1 
ATOM 1545 C "C5'" . U A 1 73 ? 4.004   0.343   9.562   1.00 103.23 ? 59 U y "C5'" 1 
ATOM 1546 C "C4'" . U A 1 73 ? 4.028   0.982   8.191   1.00 100.46 ? 59 U y "C4'" 1 
ATOM 1547 O "O4'" . U A 1 73 ? 2.763   1.672   7.987   1.00 105.17 ? 59 U y "O4'" 1 
ATOM 1548 C "C3'" . U A 1 73 ? 5.132   2.014   7.965   1.00 97.74  ? 59 U y "C3'" 1 
ATOM 1549 O "O3'" . U A 1 73 ? 6.221   1.462   7.219   1.00 94.71  ? 59 U y "O3'" 1 
ATOM 1550 C "C2'" . U A 1 73 ? 4.441   3.090   7.130   1.00 99.93  ? 59 U y "C2'" 1 
ATOM 1551 O "O2'" . U A 1 73 ? 4.471   2.795   5.747   1.00 100.91 ? 59 U y "O2'" 1 
ATOM 1552 C "C1'" . U A 1 73 ? 3.000   3.022   7.639   1.00 104.64 ? 59 U y "C1'" 1 
ATOM 1553 N N1    . U A 1 73 ? 2.621   3.878   8.783   1.00 106.98 ? 59 U y N1    1 
ATOM 1554 C C2    . U A 1 73 ? 2.695   5.254   8.639   1.00 108.51 ? 59 U y C2    1 
ATOM 1555 O O2    . U A 1 73 ? 3.087   5.798   7.620   1.00 106.70 ? 59 U y O2    1 
ATOM 1556 N N3    . U A 1 73 ? 2.263   5.970   9.726   1.00 111.15 ? 59 U y N3    1 
ATOM 1557 C C4    . U A 1 73 ? 1.776   5.474   10.915  1.00 112.49 ? 59 U y C4    1 
ATOM 1558 O O4    . U A 1 73 ? 1.428   6.255   11.801  1.00 113.82 ? 59 U y O4    1 
ATOM 1559 C C5    . U A 1 73 ? 1.701   4.048   10.977  1.00 111.64 ? 59 U y C5    1 
ATOM 1560 C C6    . U A 1 73 ? 2.110   3.316   9.933   1.00 110.10 ? 59 U y C6    1 
ATOM 1561 P P     . U A 1 74 ? 7.758   1.733   7.648   1.00 92.34  ? 60 U y P     1 
ATOM 1562 O OP1   . U A 1 74 ? 8.624   1.440   6.477   1.00 92.77  ? 60 U y OP1   1 
ATOM 1563 O OP2   . U A 1 74 ? 8.010   1.051   8.933   1.00 91.69  ? 60 U y OP2   1 
ATOM 1564 O "O5'" . U A 1 74 ? 7.813   3.299   7.930   1.00 90.58  ? 60 U y "O5'" 1 
ATOM 1565 C "C5'" . U A 1 74 ? 8.144   4.228   6.883   1.00 89.31  ? 60 U y "C5'" 1 
ATOM 1566 C "C4'" . U A 1 74 ? 7.745   5.623   7.293   1.00 92.83  ? 60 U y "C4'" 1 
ATOM 1567 O "O4'" . U A 1 74 ? 6.587   5.531   8.147   1.00 96.31  ? 60 U y "O4'" 1 
ATOM 1568 C "C3'" . U A 1 74 ? 8.793   6.386   8.090   1.00 93.68  ? 60 U y "C3'" 1 
ATOM 1569 O "O3'" . U A 1 74 ? 9.511   7.191   7.160   1.00 98.14  ? 60 U y "O3'" 1 
ATOM 1570 C "C2'" . U A 1 74 ? 7.979   7.259   9.052   1.00 95.97  ? 60 U y "C2'" 1 
ATOM 1571 O "O2'" . U A 1 74 ? 7.778   8.578   8.590   1.00 99.39  ? 60 U y "O2'" 1 
ATOM 1572 C "C1'" . U A 1 74 ? 6.607   6.570   9.093   1.00 97.62  ? 60 U y "C1'" 1 
ATOM 1573 N N1    . U A 1 74 ? 6.207   6.008   10.392  1.00 98.96  ? 60 U y N1    1 
ATOM 1574 C C2    . U A 1 74 ? 5.692   6.870   11.340  1.00 102.36 ? 60 U y C2    1 
ATOM 1575 O O2    . U A 1 74 ? 5.609   8.073   11.166  1.00 104.49 ? 60 U y O2    1 
ATOM 1576 N N3    . U A 1 74 ? 5.315   6.274   12.516  1.00 109.76 ? 60 U y N3    1 
ATOM 1577 C C4    . U A 1 74 ? 5.372   4.932   12.828  1.00 112.78 ? 60 U y C4    1 
ATOM 1578 O O4    . U A 1 74 ? 4.990   4.549   13.936  1.00 116.61 ? 60 U y O4    1 
ATOM 1579 C C5    . U A 1 74 ? 5.886   4.101   11.784  1.00 108.64 ? 60 U y C5    1 
ATOM 1580 C C6    . U A 1 74 ? 6.269   4.653   10.628  1.00 102.23 ? 60 U y C6    1 
ATOM 1581 P P     . C A 1 75 ? 11.085  6.982   6.933   1.00 101.44 ? 61 C y P     1 
ATOM 1582 O OP1   . C A 1 75 ? 11.497  7.826   5.782   1.00 99.99  ? 61 C y OP1   1 
ATOM 1583 O OP2   . C A 1 75 ? 11.376  5.527   6.912   1.00 102.97 ? 61 C y OP2   1 
ATOM 1584 O "O5'" . C A 1 75 ? 11.715  7.583   8.265   1.00 102.88 ? 61 C y "O5'" 1 
ATOM 1585 C "C5'" . C A 1 75 ? 12.988  8.253   8.231   1.00 96.70  ? 61 C y "C5'" 1 
ATOM 1586 C "C4'" . C A 1 75 ? 14.025  7.544   9.078   1.00 93.14  ? 61 C y "C4'" 1 
ATOM 1587 O "O4'" . C A 1 75 ? 13.411  6.817   10.180  1.00 92.62  ? 61 C y "O4'" 1 
ATOM 1588 C "C3'" . C A 1 75 ? 14.867  6.486   8.388   1.00 92.59  ? 61 C y "C3'" 1 
ATOM 1589 O "O3'" . C A 1 75 ? 15.880  7.056   7.566   1.00 91.31  ? 61 C y "O3'" 1 
ATOM 1590 C "C2'" . C A 1 75 ? 15.445  5.752   9.588   1.00 93.30  ? 61 C y "C2'" 1 
ATOM 1591 O "O2'" . C A 1 75 ? 16.503  6.482   10.179  1.00 92.42  ? 61 C y "O2'" 1 
ATOM 1592 C "C1'" . C A 1 75 ? 14.232  5.706   10.523  1.00 95.26  ? 61 C y "C1'" 1 
ATOM 1593 N N1    . C A 1 75 ? 13.414  4.477   10.434  1.00 97.24  ? 61 C y N1    1 
ATOM 1594 C C2    . C A 1 75 ? 13.919  3.282   10.960  1.00 97.97  ? 61 C y C2    1 
ATOM 1595 O O2    . C A 1 75 ? 15.051  3.279   11.463  1.00 102.35 ? 61 C y O2    1 
ATOM 1596 N N3    . C A 1 75 ? 13.162  2.162   10.902  1.00 98.63  ? 61 C y N3    1 
ATOM 1597 C C4    . C A 1 75 ? 11.945  2.206   10.355  1.00 98.97  ? 61 C y C4    1 
ATOM 1598 N N4    . C A 1 75 ? 11.237  1.077   10.318  1.00 101.75 ? 61 C y N4    1 
ATOM 1599 C C5    . C A 1 75 ? 11.400  3.411   9.827   1.00 101.84 ? 61 C y C5    1 
ATOM 1600 C C6    . C A 1 75 ? 12.156  4.513   9.896   1.00 99.32  ? 61 C y C6    1 
ATOM 1601 P P     . C A 1 76 ? 16.274  6.358   6.176   1.00 90.53  ? 62 C y P     1 
ATOM 1602 O OP1   . C A 1 76 ? 17.102  7.318   5.401   1.00 89.11  ? 62 C y OP1   1 
ATOM 1603 O OP2   . C A 1 76 ? 15.039  5.800   5.570   1.00 93.24  ? 62 C y OP2   1 
ATOM 1604 O "O5'" . C A 1 76 ? 17.212  5.151   6.626   1.00 82.48  ? 62 C y "O5'" 1 
ATOM 1605 C "C5'" . C A 1 76 ? 18.571  5.392   7.033   1.00 77.96  ? 62 C y "C5'" 1 
ATOM 1606 C "C4'" . C A 1 76 ? 19.148  4.188   7.743   1.00 74.67  ? 62 C y "C4'" 1 
ATOM 1607 O "O4'" . C A 1 76 ? 18.218  3.704   8.751   1.00 70.45  ? 62 C y "O4'" 1 
ATOM 1608 C "C3'" . C A 1 76 ? 19.421  2.963   6.886   1.00 74.29  ? 62 C y "C3'" 1 
ATOM 1609 O "O3'" . C A 1 76 ? 20.643  3.067   6.164   1.00 77.45  ? 62 C y "O3'" 1 
ATOM 1610 C "C2'" . C A 1 76 ? 19.482  1.871   7.944   1.00 71.41  ? 62 C y "C2'" 1 
ATOM 1611 O "O2'" . C A 1 76 ? 20.712  1.895   8.639   1.00 71.01  ? 62 C y "O2'" 1 
ATOM 1612 C "C1'" . C A 1 76 ? 18.342  2.293   8.875   1.00 70.19  ? 62 C y "C1'" 1 
ATOM 1613 N N1    . C A 1 76 ? 17.020  1.682   8.603   1.00 69.88  ? 62 C y N1    1 
ATOM 1614 C C2    . C A 1 76 ? 16.826  0.323   8.877   1.00 72.47  ? 62 C y C2    1 
ATOM 1615 O O2    . C A 1 76 ? 17.775  -0.345  9.316   1.00 76.56  ? 62 C y O2    1 
ATOM 1616 N N3    . C A 1 76 ? 15.611  -0.229  8.656   1.00 74.83  ? 62 C y N3    1 
ATOM 1617 C C4    . C A 1 76 ? 14.610  0.525   8.195   1.00 74.01  ? 62 C y C4    1 
ATOM 1618 N N4    . C A 1 76 ? 13.430  -0.062  7.989   1.00 78.09  ? 62 C y N4    1 
ATOM 1619 C C5    . C A 1 76 ? 14.778  1.910   7.910   1.00 73.52  ? 62 C y C5    1 
ATOM 1620 C C6    . C A 1 76 ? 15.985  2.445   8.139   1.00 70.36  ? 62 C y C6    1 
ATOM 1621 P P     . C A 1 77 ? 20.703  2.626   4.626   1.00 82.81  ? 63 C y P     1 
ATOM 1622 O OP1   . C A 1 77 ? 21.996  3.090   4.066   1.00 82.63  ? 63 C y OP1   1 
ATOM 1623 O OP2   . C A 1 77 ? 19.430  3.035   3.979   1.00 86.59  ? 63 C y OP2   1 
ATOM 1624 O "O5'" . C A 1 77 ? 20.748  1.035   4.709   1.00 83.25  ? 63 C y "O5'" 1 
ATOM 1625 C "C5'" . C A 1 77 ? 22.002  0.341   4.830   1.00 86.30  ? 63 C y "C5'" 1 
ATOM 1626 C "C4'" . C A 1 77 ? 21.808  -1.053  5.386   1.00 84.51  ? 63 C y "C4'" 1 
ATOM 1627 O "O4'" . C A 1 77 ? 20.750  -1.056  6.388   1.00 79.03  ? 63 C y "O4'" 1 
ATOM 1628 C "C3'" . C A 1 77 ? 21.375  -2.128  4.401   1.00 86.25  ? 63 C y "C3'" 1 
ATOM 1629 O "O3'" . C A 1 77 ? 22.435  -2.687  3.629   1.00 89.71  ? 63 C y "O3'" 1 
ATOM 1630 C "C2'" . C A 1 77 ? 20.819  -3.177  5.351   1.00 86.58  ? 63 C y "C2'" 1 
ATOM 1631 O "O2'" . C A 1 77 ? 21.856  -3.850  6.038   1.00 101.78 ? 63 C y "O2'" 1 
ATOM 1632 C "C1'" . C A 1 77 ? 20.056  -2.298  6.345   1.00 79.20  ? 63 C y "C1'" 1 
ATOM 1633 N N1    . C A 1 77 ? 18.635  -2.025  6.028   1.00 74.41  ? 63 C y N1    1 
ATOM 1634 C C2    . C A 1 77 ? 17.711  -3.078  6.038   1.00 75.23  ? 63 C y C2    1 
ATOM 1635 O O2    . C A 1 77 ? 18.109  -4.226  6.281   1.00 81.24  ? 63 C y O2    1 
ATOM 1636 N N3    . C A 1 77 ? 16.409  -2.814  5.783   1.00 71.74  ? 63 C y N3    1 
ATOM 1637 C C4    . C A 1 77 ? 16.017  -1.564  5.536   1.00 69.68  ? 63 C y C4    1 
ATOM 1638 N N4    . C A 1 77 ? 14.723  -1.351  5.285   1.00 67.93  ? 63 C y N4    1 
ATOM 1639 C C5    . C A 1 77 ? 16.935  -0.475  5.522   1.00 73.68  ? 63 C y C5    1 
ATOM 1640 C C6    . C A 1 77 ? 18.219  -0.747  5.784   1.00 73.25  ? 63 C y C6    1 
ATOM 1641 P P     . U A 1 78 ? 22.396  -2.621  2.021   1.00 96.62  ? 66 U y P     1 
ATOM 1642 O OP1   . U A 1 78 ? 23.772  -2.347  1.544   1.00 100.38 ? 66 U y OP1   1 
ATOM 1643 O OP2   . U A 1 78 ? 21.278  -1.735  1.608   1.00 100.75 ? 66 U y OP2   1 
ATOM 1644 O "O5'" . U A 1 78 ? 22.014  -4.104  1.581   1.00 104.01 ? 66 U y "O5'" 1 
ATOM 1645 C "C5'" . U A 1 78 ? 22.539  -5.243  2.279   1.00 102.76 ? 66 U y "C5'" 1 
ATOM 1646 C "C4'" . U A 1 78 ? 21.548  -6.381  2.225   1.00 102.19 ? 66 U y "C4'" 1 
ATOM 1647 O "O4'" . U A 1 78 ? 20.459  -6.129  3.154   1.00 98.15  ? 66 U y "O4'" 1 
ATOM 1648 C "C3'" . U A 1 78 ? 20.851  -6.584  0.890   1.00 103.55 ? 66 U y "C3'" 1 
ATOM 1649 O "O3'" . U A 1 78 ? 21.670  -7.340  0.012   1.00 110.74 ? 66 U y "O3'" 1 
ATOM 1650 C "C2'" . U A 1 78 ? 19.594  -7.337  1.305   1.00 100.30 ? 66 U y "C2'" 1 
ATOM 1651 O "O2'" . U A 1 78 ? 19.833  -8.719  1.501   1.00 96.90  ? 66 U y "O2'" 1 
ATOM 1652 C "C1'" . U A 1 78 ? 19.245  -6.643  2.623   1.00 95.01  ? 66 U y "C1'" 1 
ATOM 1653 N N1    . U A 1 78 ? 18.279  -5.536  2.522   1.00 88.85  ? 66 U y N1    1 
ATOM 1654 C C2    . U A 1 78 ? 16.942  -5.848  2.349   1.00 90.81  ? 66 U y C2    1 
ATOM 1655 O O2    . U A 1 78 ? 16.537  -6.992  2.241   1.00 95.51  ? 66 U y O2    1 
ATOM 1656 N N3    . U A 1 78 ? 16.101  -4.766  2.299   1.00 86.86  ? 66 U y N3    1 
ATOM 1657 C C4    . U A 1 78 ? 16.444  -3.436  2.404   1.00 83.00  ? 66 U y C4    1 
ATOM 1658 O O4    . U A 1 78 ? 15.567  -2.575  2.328   1.00 82.22  ? 66 U y O4    1 
ATOM 1659 C C5    . U A 1 78 ? 17.841  -3.195  2.581   1.00 81.82  ? 66 U y C5    1 
ATOM 1660 C C6    . U A 1 78 ? 18.687  -4.228  2.650   1.00 82.97  ? 66 U y C6    1 
ATOM 1661 P P     . U A 1 79 ? 21.853  -6.870  -1.500  1.00 114.91 ? 67 U y P     1 
ATOM 1662 O OP1   . U A 1 79 ? 23.280  -7.064  -1.864  1.00 114.66 ? 67 U y OP1   1 
ATOM 1663 O OP2   . U A 1 79 ? 21.238  -5.523  -1.640  1.00 109.40 ? 67 U y OP2   1 
ATOM 1664 O "O5'" . U A 1 79 ? 20.994  -7.948  -2.303  1.00 128.49 ? 67 U y "O5'" 1 
ATOM 1665 C "C5'" . U A 1 79 ? 19.969  -7.556  -3.243  1.00 136.56 ? 67 U y "C5'" 1 
ATOM 1666 C "C4'" . U A 1 79 ? 18.735  -8.416  -3.079  1.00 137.80 ? 67 U y "C4'" 1 
ATOM 1667 O "O4'" . U A 1 79 ? 18.161  -8.199  -1.755  1.00 131.10 ? 67 U y "O4'" 1 
ATOM 1668 C "C3'" . U A 1 79 ? 17.609  -8.104  -4.057  1.00 146.66 ? 67 U y "C3'" 1 
ATOM 1669 O "O3'" . U A 1 79 ? 17.745  -8.772  -5.315  1.00 160.14 ? 67 U y "O3'" 1 
ATOM 1670 C "C2'" . U A 1 79 ? 16.372  -8.485  -3.249  1.00 142.26 ? 67 U y "C2'" 1 
ATOM 1671 O "O2'" . U A 1 79 ? 16.123  -9.876  -3.137  1.00 145.63 ? 67 U y "O2'" 1 
ATOM 1672 C "C1'" . U A 1 79 ? 16.763  -7.980  -1.858  1.00 130.22 ? 67 U y "C1'" 1 
ATOM 1673 N N1    . U A 1 79 ? 16.496  -6.557  -1.568  1.00 122.34 ? 67 U y N1    1 
ATOM 1674 C C2    . U A 1 79 ? 15.186  -6.107  -1.571  1.00 122.36 ? 67 U y C2    1 
ATOM 1675 O O2    . U A 1 79 ? 14.235  -6.821  -1.841  1.00 127.50 ? 67 U y O2    1 
ATOM 1676 N N3    . U A 1 79 ? 15.034  -4.777  -1.267  1.00 119.26 ? 67 U y N3    1 
ATOM 1677 C C4    . U A 1 79 ? 16.025  -3.870  -0.965  1.00 118.31 ? 67 U y C4    1 
ATOM 1678 O O4    . U A 1 79 ? 15.724  -2.703  -0.712  1.00 118.63 ? 67 U y O4    1 
ATOM 1679 C C5    . U A 1 79 ? 17.347  -4.417  -0.953  1.00 119.54 ? 67 U y C5    1 
ATOM 1680 C C6    . U A 1 79 ? 17.531  -5.709  -1.242  1.00 118.97 ? 67 U y C6    1 
ATOM 1681 P P     . C A 1 80 A 17.508  -7.962  -6.688  1.00 175.92 ? 67 C y P     1 
ATOM 1682 O OP1   . C A 1 80 A 17.912  -8.836  -7.819  1.00 182.08 ? 67 C y OP1   1 
ATOM 1683 O OP2   . C A 1 80 A 18.118  -6.616  -6.540  1.00 176.65 ? 67 C y OP2   1 
ATOM 1684 O "O5'" . C A 1 80 A 15.924  -7.780  -6.746  1.00 176.61 ? 67 C y "O5'" 1 
ATOM 1685 C "C5'" . C A 1 80 A 15.041  -8.903  -6.941  1.00 183.26 ? 67 C y "C5'" 1 
ATOM 1686 C "C4'" . C A 1 80 A 13.621  -8.431  -7.167  1.00 191.40 ? 67 C y "C4'" 1 
ATOM 1687 O "O4'" . C A 1 80 A 13.082  -7.859  -5.941  1.00 191.04 ? 67 C y "O4'" 1 
ATOM 1688 C "C3'" . C A 1 80 A 13.451  -7.333  -8.203  1.00 197.66 ? 67 C y "C3'" 1 
ATOM 1689 O "O3'" . C A 1 80 A 13.430  -7.884  -9.515  1.00 199.35 ? 67 C y "O3'" 1 
ATOM 1690 C "C2'" . C A 1 80 A 12.136  -6.700  -7.770  1.00 197.73 ? 67 C y "C2'" 1 
ATOM 1691 O "O2'" . C A 1 80 A 11.021  -7.488  -8.141  1.00 201.90 ? 67 C y "O2'" 1 
ATOM 1692 C "C1'" . C A 1 80 A 12.295  -6.715  -6.251  1.00 192.35 ? 67 C y "C1'" 1 
ATOM 1693 N N1    . C A 1 80 A 12.947  -5.531  -5.652  1.00 183.29 ? 67 C y N1    1 
ATOM 1694 C C2    . C A 1 80 A 12.230  -4.334  -5.537  1.00 178.44 ? 67 C y C2    1 
ATOM 1695 O O2    . C A 1 80 A 11.069  -4.283  -5.971  1.00 179.70 ? 67 C y O2    1 
ATOM 1696 N N3    . C A 1 80 A 12.805  -3.279  -4.914  1.00 171.44 ? 67 C y N3    1 
ATOM 1697 C C4    . C A 1 80 A 14.059  -3.371  -4.466  1.00 168.14 ? 67 C y C4    1 
ATOM 1698 N N4    . C A 1 80 A 14.600  -2.294  -3.890  1.00 167.13 ? 67 C y N4    1 
ATOM 1699 C C5    . C A 1 80 A 14.815  -4.572  -4.584  1.00 169.98 ? 67 C y C5    1 
ATOM 1700 C C6    . C A 1 80 A 14.218  -5.622  -5.159  1.00 175.12 ? 67 C y C6    1 
ATOM 1701 P P     . C A 1 81 B 14.480  -7.369  -10.599 1.00 198.12 ? 67 C y P     1 
ATOM 1702 O OP1   . C A 1 81 B 13.796  -7.334  -11.918 1.00 201.59 ? 67 C y OP1   1 
ATOM 1703 O OP2   . C A 1 81 B 15.731  -8.161  -10.444 1.00 196.82 ? 67 C y OP2   1 
ATOM 1704 O "O5'" . C A 1 81 B 14.750  -5.880  -10.100 1.00 180.26 ? 67 C y "O5'" 1 
ATOM 1705 C "C5'" . C A 1 81 B 14.571  -4.737  -10.963 1.00 168.52 ? 67 C y "C5'" 1 
ATOM 1706 C "C4'" . C A 1 81 B 13.205  -4.090  -10.814 1.00 164.05 ? 67 C y "C4'" 1 
ATOM 1707 O "O4'" . C A 1 81 B 12.864  -3.881  -9.414  1.00 161.87 ? 67 C y "O4'" 1 
ATOM 1708 C "C3'" . C A 1 81 B 13.120  -2.719  -11.460 1.00 162.89 ? 67 C y "C3'" 1 
ATOM 1709 O "O3'" . C A 1 81 B 12.737  -2.882  -12.819 1.00 158.64 ? 67 C y "O3'" 1 
ATOM 1710 C "C2'" . C A 1 81 B 12.050  -2.012  -10.634 1.00 163.47 ? 67 C y "C2'" 1 
ATOM 1711 O "O2'" . C A 1 81 B 10.745  -2.285  -11.098 1.00 166.03 ? 67 C y "O2'" 1 
ATOM 1712 C "C1'" . C A 1 81 B 12.280  -2.598  -9.236  1.00 163.58 ? 67 C y "C1'" 1 
ATOM 1713 N N1    . C A 1 81 B 13.169  -1.821  -8.346  1.00 163.00 ? 67 C y N1    1 
ATOM 1714 C C2    . C A 1 81 B 12.760  -0.573  -7.857  1.00 159.40 ? 67 C y C2    1 
ATOM 1715 O O2    . C A 1 81 B 11.656  -0.121  -8.199  1.00 157.29 ? 67 C y O2    1 
ATOM 1716 N N3    . C A 1 81 B 13.585  0.114   -7.032  1.00 160.80 ? 67 C y N3    1 
ATOM 1717 C C4    . C A 1 81 B 14.766  -0.403  -6.689  1.00 163.86 ? 67 C y C4    1 
ATOM 1718 N N4    . C A 1 81 B 15.547  0.307   -5.873  1.00 164.33 ? 67 C y N4    1 
ATOM 1719 C C5    . C A 1 81 B 15.207  -1.667  -7.174  1.00 164.33 ? 67 C y C5    1 
ATOM 1720 C C6    . C A 1 81 B 14.370  -2.351  -7.962  1.00 165.01 ? 67 C y C6    1 
ATOM 1721 P P     . C A 1 82 ? 13.687  -2.356  -13.990 1.00 153.08 ? 68 C y P     1 
ATOM 1722 O OP1   . C A 1 82 ? 13.679  -3.366  -15.076 1.00 156.77 ? 68 C y OP1   1 
ATOM 1723 O OP2   . C A 1 82 ? 14.980  -1.929  -13.388 1.00 155.52 ? 68 C y OP2   1 
ATOM 1724 O "O5'" . C A 1 82 ? 12.928  -1.049  -14.487 1.00 149.55 ? 68 C y "O5'" 1 
ATOM 1725 C "C5'" . C A 1 82 ? 13.517  0.239   -14.267 1.00 144.08 ? 68 C y "C5'" 1 
ATOM 1726 C "C4'" . C A 1 82 ? 12.494  1.228   -13.769 1.00 143.08 ? 68 C y "C4'" 1 
ATOM 1727 O "O4'" . C A 1 82 ? 12.191  0.967   -12.367 1.00 140.86 ? 68 C y "O4'" 1 
ATOM 1728 C "C3'" . C A 1 82 ? 12.976  2.670   -13.810 1.00 145.26 ? 68 C y "C3'" 1 
ATOM 1729 O "O3'" . C A 1 82 ? 12.739  3.269   -15.081 1.00 145.79 ? 68 C y "O3'" 1 
ATOM 1730 C "C2'" . C A 1 82 ? 12.179  3.299   -12.679 1.00 142.84 ? 68 C y "C2'" 1 
ATOM 1731 O "O2'" . C A 1 82 ? 10.845  3.545   -13.072 1.00 144.73 ? 68 C y "O2'" 1 
ATOM 1732 C "C1'" . C A 1 82 ? 12.221  2.183   -11.631 1.00 140.47 ? 68 C y "C1'" 1 
ATOM 1733 N N1    . C A 1 82 ? 13.400  2.149   -10.729 1.00 136.96 ? 68 C y N1    1 
ATOM 1734 C C2    . C A 1 82 ? 13.651  3.229   -9.870  1.00 134.45 ? 68 C y C2    1 
ATOM 1735 O O2    . C A 1 82 ? 12.900  4.216   -9.905  1.00 130.18 ? 68 C y O2    1 
ATOM 1736 N N3    . C A 1 82 ? 14.716  3.176   -9.037  1.00 134.87 ? 68 C y N3    1 
ATOM 1737 C C4    . C A 1 82 ? 15.503  2.099   -9.029  1.00 134.56 ? 68 C y C4    1 
ATOM 1738 N N4    . C A 1 82 ? 16.546  2.094   -8.194  1.00 135.83 ? 68 C y N4    1 
ATOM 1739 C C5    . C A 1 82 ? 15.269  0.985   -9.884  1.00 132.95 ? 68 C y C5    1 
ATOM 1740 C C6    . C A 1 82 ? 14.206  1.045   -10.697 1.00 133.70 ? 68 C y C6    1 
ATOM 1741 P P     . C A 1 83 ? 13.977  3.745   -15.990 1.00 147.36 ? 69 C y P     1 
ATOM 1742 O OP1   . C A 1 83 ? 13.699  3.348   -17.393 1.00 151.22 ? 69 C y OP1   1 
ATOM 1743 O OP2   . C A 1 83 ? 15.240  3.317   -15.336 1.00 154.40 ? 69 C y OP2   1 
ATOM 1744 O "O5'" . C A 1 83 ? 13.931  5.332   -15.881 1.00 141.21 ? 69 C y "O5'" 1 
ATOM 1745 C "C5'" . C A 1 83 ? 12.708  6.041   -15.634 1.00 134.54 ? 69 C y "C5'" 1 
ATOM 1746 C "C4'" . C A 1 83 ? 12.974  7.221   -14.730 1.00 131.43 ? 69 C y "C4'" 1 
ATOM 1747 O "O4'" . C A 1 83 ? 13.025  6.769   -13.348 1.00 126.77 ? 69 C y "O4'" 1 
ATOM 1748 C "C3'" . C A 1 83 ? 14.310  7.924   -14.916 1.00 131.90 ? 69 C y "C3'" 1 
ATOM 1749 O "O3'" . C A 1 83 ? 14.349  8.816   -16.023 1.00 133.98 ? 69 C y "O3'" 1 
ATOM 1750 C "C2'" . C A 1 83 ? 14.436  8.656   -13.590 1.00 128.38 ? 69 C y "C2'" 1 
ATOM 1751 O "O2'" . C A 1 83 ? 13.609  9.801   -13.546 1.00 128.49 ? 69 C y "O2'" 1 
ATOM 1752 C "C1'" . C A 1 83 ? 13.934  7.582   -12.619 1.00 126.08 ? 69 C y "C1'" 1 
ATOM 1753 N N1    . C A 1 83 ? 14.988  6.717   -12.048 1.00 123.69 ? 69 C y N1    1 
ATOM 1754 C C2    . C A 1 83 ? 15.850  7.249   -11.086 1.00 123.88 ? 69 C y C2    1 
ATOM 1755 O O2    . C A 1 83 ? 15.713  8.432   -10.745 1.00 124.92 ? 69 C y O2    1 
ATOM 1756 N N3    . C A 1 83 ? 16.804  6.458   -10.541 1.00 122.51 ? 69 C y N3    1 
ATOM 1757 C C4    . C A 1 83 ? 16.917  5.187   -10.929 1.00 122.42 ? 69 C y C4    1 
ATOM 1758 N N4    . C A 1 83 ? 17.878  4.447   -10.373 1.00 125.75 ? 69 C y N4    1 
ATOM 1759 C C5    . C A 1 83 ? 16.060  4.622   -11.915 1.00 118.77 ? 69 C y C5    1 
ATOM 1760 C C6    . C A 1 83 ? 15.111  5.410   -12.434 1.00 119.19 ? 69 C y C6    1 
ATOM 1761 P P     . U A 1 84 ? 15.601  8.792   -17.028 1.00 138.58 ? 70 U y P     1 
ATOM 1762 O OP1   . U A 1 84 ? 15.113  9.161   -18.381 1.00 144.56 ? 70 U y OP1   1 
ATOM 1763 O OP2   . U A 1 84 ? 16.334  7.514   -16.835 1.00 140.83 ? 70 U y OP2   1 
ATOM 1764 O "O5'" . U A 1 84 ? 16.542  9.954   -16.478 1.00 137.67 ? 70 U y "O5'" 1 
ATOM 1765 C "C5'" . U A 1 84 ? 16.028  11.271  -16.214 1.00 134.73 ? 70 U y "C5'" 1 
ATOM 1766 C "C4'" . U A 1 84 ? 16.858  11.954  -15.153 1.00 129.83 ? 70 U y "C4'" 1 
ATOM 1767 O "O4'" . U A 1 84 ? 16.778  11.216  -13.902 1.00 121.58 ? 70 U y "O4'" 1 
ATOM 1768 C "C3'" . U A 1 84 ? 18.352  12.028  -15.417 1.00 128.33 ? 70 U y "C3'" 1 
ATOM 1769 O "O3'" . U A 1 84 ? 18.679  13.051  -16.348 1.00 130.26 ? 70 U y "O3'" 1 
ATOM 1770 C "C2'" . U A 1 84 ? 18.887  12.293  -14.019 1.00 121.87 ? 70 U y "C2'" 1 
ATOM 1771 O "O2'" . U A 1 84 ? 18.695  13.639  -13.629 1.00 123.85 ? 70 U y "O2'" 1 
ATOM 1772 C "C1'" . U A 1 84 ? 17.997  11.370  -13.182 1.00 115.56 ? 70 U y "C1'" 1 
ATOM 1773 N N1    . U A 1 84 ? 18.553  10.031  -12.918 1.00 109.73 ? 70 U y N1    1 
ATOM 1774 C C2    . U A 1 84 ? 19.590  9.920   -12.010 1.00 109.85 ? 70 U y C2    1 
ATOM 1775 O O2    . U A 1 84 ? 20.081  10.879  -11.439 1.00 109.20 ? 70 U y O2    1 
ATOM 1776 N N3    . U A 1 84 ? 20.038  8.640   -11.802 1.00 110.54 ? 70 U y N3    1 
ATOM 1777 C C4    . U A 1 84 ? 19.569  7.485   -12.390 1.00 107.88 ? 70 U y C4    1 
ATOM 1778 O O4    . U A 1 84 ? 20.081  6.403   -12.097 1.00 108.19 ? 70 U y O4    1 
ATOM 1779 C C5    . U A 1 84 ? 18.503  7.684   -13.320 1.00 106.05 ? 70 U y C5    1 
ATOM 1780 C C6    . U A 1 84 ? 18.033  8.916   -13.536 1.00 105.08 ? 70 U y C6    1 
ATOM 1781 P P     . C A 1 85 ? 19.750  12.760  -17.500 1.00 136.44 ? 71 C y P     1 
ATOM 1782 O OP1   . C A 1 85 ? 19.729  13.905  -18.445 1.00 139.09 ? 71 C y OP1   1 
ATOM 1783 O OP2   . C A 1 85 ? 19.512  11.386  -18.010 1.00 138.83 ? 71 C y OP2   1 
ATOM 1784 O "O5'" . C A 1 85 ? 21.139  12.765  -16.713 1.00 129.80 ? 71 C y "O5'" 1 
ATOM 1785 C "C5'" . C A 1 85 ? 21.933  13.966  -16.602 1.00 122.45 ? 71 C y "C5'" 1 
ATOM 1786 C "C4'" . C A 1 85 ? 22.743  13.994  -15.321 1.00 117.09 ? 71 C y "C4'" 1 
ATOM 1787 O "O4'" . C A 1 85 ? 22.175  13.105  -14.323 1.00 107.46 ? 71 C y "O4'" 1 
ATOM 1788 C "C3'" . C A 1 85 ? 24.198  13.570  -15.447 1.00 118.60 ? 71 C y "C3'" 1 
ATOM 1789 O "O3'" . C A 1 85 ? 24.951  14.717  -15.816 1.00 128.18 ? 71 C y "O3'" 1 
ATOM 1790 C "C2'" . C A 1 85 ? 24.533  13.138  -14.027 1.00 111.20 ? 71 C y "C2'" 1 
ATOM 1791 O "O2'" . C A 1 85 ? 24.801  14.247  -13.190 1.00 115.25 ? 71 C y "O2'" 1 
ATOM 1792 C "C1'" . C A 1 85 ? 23.217  12.498  -13.575 1.00 102.05 ? 71 C y "C1'" 1 
ATOM 1793 N N1    . C A 1 85 ? 23.077  11.034  -13.707 1.00 94.53  ? 71 C y N1    1 
ATOM 1794 C C2    . C A 1 85 ? 23.913  10.186  -12.973 1.00 91.52  ? 71 C y C2    1 
ATOM 1795 O O2    . C A 1 85 ? 24.817  10.679  -12.286 1.00 94.51  ? 71 C y O2    1 
ATOM 1796 N N3    . C A 1 85 ? 23.727  8.849   -13.050 1.00 89.70  ? 71 C y N3    1 
ATOM 1797 C C4    . C A 1 85 ? 22.744  8.354   -13.804 1.00 89.59  ? 71 C y C4    1 
ATOM 1798 N N4    . C A 1 85 ? 22.600  7.028   -13.852 1.00 92.18  ? 71 C y N4    1 
ATOM 1799 C C5    . C A 1 85 ? 21.873  9.196   -14.553 1.00 89.61  ? 71 C y C5    1 
ATOM 1800 C C6    . C A 1 85 ? 22.060  10.516  -14.460 1.00 90.03  ? 71 C y C6    1 
ATOM 1801 P P     . C A 1 86 ? 25.814  14.690  -17.145 1.00 136.66 ? 72 C y P     1 
ATOM 1802 O OP1   . C A 1 86 ? 27.065  15.451  -16.897 1.00 140.64 ? 72 C y OP1   1 
ATOM 1803 O OP2   . C A 1 86 ? 24.933  15.069  -18.279 1.00 135.95 ? 72 C y OP2   1 
ATOM 1804 O "O5'" . C A 1 86 ? 26.184  13.150  -17.254 1.00 130.69 ? 72 C y "O5'" 1 
ATOM 1805 C "C5'" . C A 1 86 ? 27.503  12.746  -17.634 1.00 126.73 ? 72 C y "C5'" 1 
ATOM 1806 C "C4'" . C A 1 86 ? 28.387  12.450  -16.442 1.00 117.02 ? 72 C y "C4'" 1 
ATOM 1807 O "O4'" . C A 1 86 ? 27.605  12.026  -15.282 1.00 108.74 ? 72 C y "O4'" 1 
ATOM 1808 C "C3'" . C A 1 86 ? 29.366  11.312  -16.693 1.00 113.47 ? 72 C y "C3'" 1 
ATOM 1809 O "O3'" . C A 1 86 ? 30.564  11.753  -17.319 1.00 111.74 ? 72 C y "O3'" 1 
ATOM 1810 C "C2'" . C A 1 86 ? 29.595  10.770  -15.291 1.00 109.87 ? 72 C y "C2'" 1 
ATOM 1811 O "O2'" . C A 1 86 ? 30.489  11.569  -14.545 1.00 114.74 ? 72 C y "O2'" 1 
ATOM 1812 C "C1'" . C A 1 86 ? 28.186  10.869  -14.697 1.00 105.16 ? 72 C y "C1'" 1 
ATOM 1813 N N1    . C A 1 86 ? 27.292  9.729   -14.983 1.00 100.28 ? 72 C y N1    1 
ATOM 1814 C C2    . C A 1 86 ? 27.614  8.446   -14.515 1.00 97.37  ? 72 C y C2    1 
ATOM 1815 O O2    . C A 1 86 ? 28.654  8.287   -13.857 1.00 95.53  ? 72 C y O2    1 
ATOM 1816 N N3    . C A 1 86 ? 26.788  7.414   -14.797 1.00 99.47  ? 72 C y N3    1 
ATOM 1817 C C4    . C A 1 86 ? 25.678  7.624   -15.509 1.00 101.36 ? 72 C y C4    1 
ATOM 1818 N N4    . C A 1 86 ? 24.887  6.578   -15.757 1.00 103.35 ? 72 C y N4    1 
ATOM 1819 C C5    . C A 1 86 ? 25.321  8.919   -15.988 1.00 104.66 ? 72 C y C5    1 
ATOM 1820 C C6    . C A 1 86 ? 26.141  9.933   -15.692 1.00 102.79 ? 72 C y C6    1 
ATOM 1821 P P     . G A 1 87 ? 30.963  11.181  -18.761 1.00 111.83 ? 73 G y P     1 
ATOM 1822 O OP1   . G A 1 87 ? 31.701  12.254  -19.536 1.00 115.06 ? 73 G y OP1   1 
ATOM 1823 O OP2   . G A 1 87 ? 29.732  10.610  -19.436 1.00 116.75 ? 73 G y OP2   1 
ATOM 1824 O "O5'" . G A 1 87 ? 31.952  9.940   -18.475 1.00 109.43 ? 73 G y "O5'" 1 
ATOM 1825 C "C5'" . G A 1 87 ? 32.716  9.862   -17.254 1.00 110.68 ? 73 G y "C5'" 1 
ATOM 1826 C "C4'" . G A 1 87 ? 32.897  8.407   -16.897 1.00 109.99 ? 73 G y "C4'" 1 
ATOM 1827 O "O4'" . G A 1 87 ? 31.779  7.971   -16.081 1.00 108.54 ? 73 G y "O4'" 1 
ATOM 1828 C "C3'" . G A 1 87 ? 32.870  7.413   -18.063 1.00 107.09 ? 73 G y "C3'" 1 
ATOM 1829 O "O3'" . G A 1 87 ? 34.062  7.308   -18.819 1.00 102.31 ? 73 G y "O3'" 1 
ATOM 1830 C "C2'" . G A 1 87 ? 32.554  6.122   -17.310 1.00 108.62 ? 73 G y "C2'" 1 
ATOM 1831 O "O2'" . G A 1 87 ? 33.650  5.609   -16.587 1.00 109.78 ? 73 G y "O2'" 1 
ATOM 1832 C "C1'" . G A 1 87 ? 31.441  6.640   -16.408 1.00 108.74 ? 73 G y "C1'" 1 
ATOM 1833 N N9    . G A 1 87 ? 30.142  6.625   -17.066 1.00 110.06 ? 73 G y N9    1 
ATOM 1834 C C8    . G A 1 87 ? 29.402  7.697   -17.498 1.00 112.81 ? 73 G y C8    1 
ATOM 1835 N N7    . G A 1 87 ? 28.272  7.353   -18.059 1.00 113.60 ? 73 G y N7    1 
ATOM 1836 C C5    . G A 1 87 ? 28.272  5.964   -18.000 1.00 110.12 ? 73 G y C5    1 
ATOM 1837 C C6    . G A 1 87 ? 27.304  5.031   -18.448 1.00 111.00 ? 73 G y C6    1 
ATOM 1838 O O6    . G A 1 87 ? 26.222  5.255   -19.007 1.00 115.79 ? 73 G y O6    1 
ATOM 1839 N N1    . G A 1 87 ? 27.705  3.719   -18.188 1.00 109.23 ? 73 G y N1    1 
ATOM 1840 C C2    . G A 1 87 ? 28.880  3.353   -17.579 1.00 105.89 ? 73 G y C2    1 
ATOM 1841 N N2    . G A 1 87 ? 29.091  2.041   -17.412 1.00 102.64 ? 73 G y N2    1 
ATOM 1842 N N3    . G A 1 87 ? 29.791  4.225   -17.155 1.00 108.11 ? 73 G y N3    1 
ATOM 1843 C C4    . G A 1 87 ? 29.419  5.504   -17.396 1.00 109.10 ? 73 G y C4    1 
ATOM 1844 P P     . C A 1 88 ? 33.978  7.342   -20.407 1.00 97.93  ? 74 C y P     1 
ATOM 1845 O OP1   . C A 1 88 ? 32.797  8.149   -20.802 1.00 95.89  ? 74 C y OP1   1 
ATOM 1846 O OP2   . C A 1 88 ? 34.105  5.950   -20.918 1.00 101.25 ? 74 C y OP2   1 
ATOM 1847 O "O5'" . C A 1 88 ? 35.273  8.177   -20.788 1.00 86.70  ? 74 C y "O5'" 1 
ATOM 1848 C "C5'" . C A 1 88 ? 36.378  7.557   -21.457 1.00 76.34  ? 74 C y "C5'" 1 
ATOM 1849 C "C4'" . C A 1 88 ? 37.166  6.673   -20.517 1.00 63.37  ? 74 C y "C4'" 1 
ATOM 1850 O "O4'" . C A 1 88 ? 37.110  5.303   -21.000 1.00 62.46  ? 74 C y "O4'" 1 
ATOM 1851 C "C3'" . C A 1 88 ? 38.642  7.013   -20.409 1.00 56.90  ? 74 C y "C3'" 1 
ATOM 1852 O "O3'" . C A 1 88 ? 38.877  7.885   -19.302 1.00 53.00  ? 74 C y "O3'" 1 
ATOM 1853 C "C2'" . C A 1 88 ? 39.282  5.660   -20.125 1.00 55.24  ? 74 C y "C2'" 1 
ATOM 1854 O "O2'" . C A 1 88 ? 39.260  5.354   -18.747 1.00 63.09  ? 74 C y "O2'" 1 
ATOM 1855 C "C1'" . C A 1 88 ? 38.397  4.712   -20.938 1.00 61.13  ? 74 C y "C1'" 1 
ATOM 1856 N N1    . C A 1 88 ? 38.842  4.424   -22.320 1.00 71.00  ? 74 C y N1    1 
ATOM 1857 C C2    . C A 1 88 ? 40.093  3.835   -22.536 1.00 77.43  ? 74 C y C2    1 
ATOM 1858 O O2    . C A 1 88 ? 40.817  3.584   -21.561 1.00 73.30  ? 74 C y O2    1 
ATOM 1859 N N3    . C A 1 88 ? 40.474  3.540   -23.799 1.00 82.45  ? 74 C y N3    1 
ATOM 1860 C C4    . C A 1 88 ? 39.656  3.799   -24.821 1.00 81.51  ? 74 C y C4    1 
ATOM 1861 N N4    . C A 1 88 ? 40.081  3.508   -26.052 1.00 88.91  ? 74 C y N4    1 
ATOM 1862 C C5    . C A 1 88 ? 38.374  4.387   -24.628 1.00 84.58  ? 74 C y C5    1 
ATOM 1863 C C6    . C A 1 88 ? 38.007  4.672   -23.374 1.00 78.03  ? 74 C y C6    1 
ATOM 1864 P P     . C A 1 89 ? 39.447  9.388   -19.507 1.00 47.03  ? 75 C y P     1 
ATOM 1865 O OP1   . C A 1 89 ? 39.918  9.883   -18.189 1.00 44.75  ? 75 C y OP1   1 
ATOM 1866 O OP2   . C A 1 89 ? 38.451  10.175  -20.272 1.00 49.13  ? 75 C y OP2   1 
ATOM 1867 O "O5'" . C A 1 89 ? 40.732  9.204   -20.430 1.00 42.03  ? 75 C y "O5'" 1 
ATOM 1868 C "C5'" . C A 1 89 ? 41.778  8.286   -20.083 1.00 39.47  ? 75 C y "C5'" 1 
ATOM 1869 C "C4'" . C A 1 89 ? 42.619  8.017   -21.301 1.00 34.37  ? 75 C y "C4'" 1 
ATOM 1870 O "O4'" . C A 1 89 ? 41.888  7.133   -22.190 1.00 29.71  ? 75 C y "O4'" 1 
ATOM 1871 C "C3'" . C A 1 89 ? 42.931  9.247   -22.136 1.00 33.04  ? 75 C y "C3'" 1 
ATOM 1872 O "O3'" . C A 1 89 ? 44.152  9.816   -21.682 1.00 31.48  ? 75 C y "O3'" 1 
ATOM 1873 C "C2'" . C A 1 89 ? 43.115  8.659   -23.527 1.00 32.71  ? 75 C y "C2'" 1 
ATOM 1874 O "O2'" . C A 1 89 ? 44.357  8.012   -23.646 1.00 38.55  ? 75 C y "O2'" 1 
ATOM 1875 C "C1'" . C A 1 89 ? 42.101  7.521   -23.533 1.00 29.04  ? 75 C y "C1'" 1 
ATOM 1876 N N1    . C A 1 89 ? 40.798  7.833   -24.135 1.00 29.01  ? 75 C y N1    1 
ATOM 1877 C C2    . C A 1 89 ? 40.445  7.188   -25.320 1.00 32.06  ? 75 C y C2    1 
ATOM 1878 O O2    . C A 1 89 ? 41.248  6.398   -25.832 1.00 44.66  ? 75 C y O2    1 
ATOM 1879 N N3    . C A 1 89 ? 39.230  7.422   -25.865 1.00 28.61  ? 75 C y N3    1 
ATOM 1880 C C4    . C A 1 89 ? 38.385  8.264   -25.268 1.00 26.39  ? 75 C y C4    1 
ATOM 1881 N N4    . C A 1 89 ? 37.204  8.481   -25.849 1.00 28.38  ? 75 C y N4    1 
ATOM 1882 C C5    . C A 1 89 ? 38.718  8.933   -24.055 1.00 30.05  ? 75 C y C5    1 
ATOM 1883 C C6    . C A 1 89 ? 39.920  8.684   -23.525 1.00 30.86  ? 75 C y C6    1 
ATOM 1884 P P     . A A 1 90 ? 44.457  11.374  -21.906 1.00 31.97  ? 76 A y P     1 
ATOM 1885 O OP1   . A A 1 90 ? 45.516  11.774  -20.952 1.00 36.62  ? 76 A y OP1   1 
ATOM 1886 O OP2   . A A 1 90 ? 43.169  12.105  -21.929 1.00 37.02  ? 76 A y OP2   1 
ATOM 1887 O "O5'" . A A 1 90 ? 45.047  11.435  -23.383 1.00 29.36  ? 76 A y "O5'" 1 
ATOM 1888 C "C5'" . A A 1 90 ? 46.286  10.802  -23.732 1.00 28.17  ? 76 A y "C5'" 1 
ATOM 1889 C "C4'" . A A 1 90 ? 46.301  10.535  -25.216 1.00 29.68  ? 76 A y "C4'" 1 
ATOM 1890 O "O4'" . A A 1 90 ? 45.152  9.725   -25.548 1.00 26.58  ? 76 A y "O4'" 1 
ATOM 1891 C "C3'" . A A 1 90 ? 46.118  11.757  -26.110 1.00 32.45  ? 76 A y "C3'" 1 
ATOM 1892 O "O3'" . A A 1 90 ? 47.347  12.435  -26.367 1.00 25.37  ? 76 A y "O3'" 1 
ATOM 1893 C "C2'" . A A 1 90 ? 45.569  11.155  -27.403 1.00 28.27  ? 76 A y "C2'" 1 
ATOM 1894 O "O2'" . A A 1 90 ? 46.551  10.792  -28.351 1.00 33.98  ? 76 A y "O2'" 1 
ATOM 1895 C "C1'" . A A 1 90 ? 44.865  9.885   -26.917 1.00 27.75  ? 76 A y "C1'" 1 
ATOM 1896 N N9    . A A 1 90 ? 43.415  9.909   -27.116 1.00 39.00  ? 76 A y N9    1 
ATOM 1897 C C8    . A A 1 90 ? 42.713  9.191   -28.052 1.00 53.65  ? 76 A y C8    1 
ATOM 1898 N N7    . A A 1 90 ? 41.424  9.434   -28.048 1.00 42.26  ? 76 A y N7    1 
ATOM 1899 C C5    . A A 1 90 ? 41.269  10.384  -27.048 1.00 33.89  ? 76 A y C5    1 
ATOM 1900 C C6    . A A 1 90 ? 40.140  11.058  -26.553 1.00 34.81  ? 76 A y C6    1 
ATOM 1901 N N6    . A A 1 90 ? 38.901  10.859  -27.009 1.00 40.04  ? 76 A y N6    1 
ATOM 1902 N N1    . A A 1 90 ? 40.327  11.944  -25.552 1.00 45.89  ? 76 A y N1    1 
ATOM 1903 C C2    . A A 1 90 ? 41.568  12.139  -25.093 1.00 49.99  ? 76 A y C2    1 
ATOM 1904 N N3    . A A 1 90 ? 42.708  11.572  -25.480 1.00 37.31  ? 76 A y N3    1 
ATOM 1905 C C4    . A A 1 90 ? 42.488  10.693  -26.473 1.00 33.92  ? 76 A y C4    1 
# 
